data_4HX9
#
_entry.id   4HX9
#
_cell.length_a   218.454
_cell.length_b   218.454
_cell.length_c   218.454
_cell.angle_alpha   90.00
_cell.angle_beta   90.00
_cell.angle_gamma   90.00
#
_symmetry.space_group_name_H-M   'I 21 3'
#
loop_
_entity.id
_entity.type
_entity.pdbx_description
1 polymer 'Nucleoside deoxyribosyltransferase'
2 non-polymer 'SULFATE ION'
3 non-polymer 'TETRAETHYLENE GLYCOL'
4 water water
#
_entity_poly.entity_id   1
_entity_poly.type   'polypeptide(L)'
_entity_poly.pdbx_seq_one_letter_code
;MPKKTIYFGAGWRTDRQNKAYKEAMEALKENPTIDLENSYVPLDNQYKGIRVDEHPEYLHDKVWATATYNNDLNGIKTND
IMLGVYIPDEQGTGLGMELGYALSQGKYVLLVIPDEDYGKPISLMSWGVSDNVIKMSQLKDFNFNKPRFDFYEGAVY
;
_entity_poly.pdbx_strand_id   A,B,E,F,C,D,G,H
#
loop_
_chem_comp.id
_chem_comp.type
_chem_comp.name
_chem_comp.formula
PG4 non-polymer 'TETRAETHYLENE GLYCOL' 'C8 H18 O5'
SO4 non-polymer 'SULFATE ION' 'O4 S -2'
#
# COMPACT_ATOMS: atom_id res chain seq x y z
N PRO A 2 -6.84 65.39 9.76
CA PRO A 2 -6.25 64.06 9.84
C PRO A 2 -7.20 62.98 9.36
N LYS A 3 -6.64 61.88 8.88
CA LYS A 3 -7.45 60.79 8.34
C LYS A 3 -7.10 59.47 8.99
N LYS A 4 -7.94 58.47 8.75
CA LYS A 4 -7.76 57.16 9.34
C LYS A 4 -8.08 56.03 8.38
N THR A 5 -7.39 54.91 8.57
CA THR A 5 -7.53 53.75 7.70
C THR A 5 -8.36 52.72 8.42
N ILE A 6 -9.18 51.98 7.67
CA ILE A 6 -10.05 50.97 8.28
C ILE A 6 -9.78 49.60 7.71
N TYR A 7 -10.26 48.58 8.41
CA TYR A 7 -10.40 47.24 7.84
C TYR A 7 -11.84 47.11 7.42
N PHE A 8 -12.05 46.76 6.15
CA PHE A 8 -13.40 46.64 5.62
C PHE A 8 -13.97 45.25 5.89
N GLY A 9 -14.47 45.06 7.11
CA GLY A 9 -15.16 43.85 7.50
C GLY A 9 -16.57 43.83 6.95
N ALA A 10 -16.76 43.08 5.87
CA ALA A 10 -18.03 43.07 5.15
C ALA A 10 -18.01 41.89 4.19
N GLY A 11 -19.09 41.11 4.18
CA GLY A 11 -19.20 39.95 3.32
C GLY A 11 -19.79 40.30 1.97
N TRP A 12 -19.58 39.41 0.99
CA TRP A 12 -19.98 39.63 -0.41
C TRP A 12 -20.69 38.41 -1.01
N ARG A 13 -21.43 37.68 -0.18
CA ARG A 13 -21.97 36.35 -0.53
C ARG A 13 -23.47 36.29 -0.76
N THR A 14 -24.22 37.25 -0.20
CA THR A 14 -25.69 37.27 -0.37
C THR A 14 -26.16 38.60 -0.92
N ASP A 15 -27.36 38.62 -1.51
CA ASP A 15 -27.92 39.87 -2.03
C ASP A 15 -27.75 41.03 -1.05
N ARG A 16 -28.27 40.88 0.15
CA ARG A 16 -28.31 41.99 1.10
C ARG A 16 -26.93 42.37 1.64
N GLN A 17 -25.99 41.41 1.64
CA GLN A 17 -24.61 41.71 1.99
C GLN A 17 -23.95 42.59 0.93
N ASN A 18 -24.16 42.22 -0.33
CA ASN A 18 -23.64 42.98 -1.46
C ASN A 18 -24.19 44.41 -1.49
N LYS A 19 -25.48 44.55 -1.24
CA LYS A 19 -26.10 45.87 -1.22
C LYS A 19 -25.48 46.71 -0.09
N ALA A 20 -25.39 46.15 1.11
CA ALA A 20 -24.72 46.81 2.22
C ALA A 20 -23.25 47.14 1.96
N TYR A 21 -22.58 46.33 1.13
CA TYR A 21 -21.15 46.50 0.83
C TYR A 21 -20.99 47.80 0.05
N LYS A 22 -21.62 47.85 -1.13
CA LYS A 22 -21.64 49.05 -1.99
C LYS A 22 -21.93 50.33 -1.19
N GLU A 23 -22.97 50.29 -0.36
CA GLU A 23 -23.41 51.44 0.42
C GLU A 23 -22.34 51.93 1.41
N ALA A 24 -21.65 50.97 2.02
CA ALA A 24 -20.55 51.28 2.94
C ALA A 24 -19.30 51.77 2.20
N MET A 25 -18.96 51.15 1.08
CA MET A 25 -17.85 51.65 0.25
C MET A 25 -18.07 53.08 -0.14
N GLU A 26 -19.27 53.37 -0.64
CA GLU A 26 -19.65 54.71 -1.05
C GLU A 26 -19.63 55.66 0.15
N ALA A 27 -20.10 55.19 1.30
CA ALA A 27 -20.09 55.99 2.51
C ALA A 27 -18.68 56.51 2.80
N LEU A 28 -17.68 55.65 2.62
CA LEU A 28 -16.30 55.95 3.00
C LEU A 28 -15.56 56.88 2.00
N LYS A 29 -15.86 56.73 0.72
CA LYS A 29 -15.29 57.63 -0.30
C LYS A 29 -15.64 59.08 0.00
N GLU A 30 -16.83 59.29 0.57
CA GLU A 30 -17.38 60.62 0.81
C GLU A 30 -16.94 61.19 2.15
N ASN A 31 -16.52 60.30 3.05
CA ASN A 31 -16.10 60.70 4.39
C ASN A 31 -14.67 61.24 4.35
N PRO A 32 -14.48 62.53 4.67
CA PRO A 32 -13.14 63.11 4.58
C PRO A 32 -12.18 62.65 5.65
N THR A 33 -12.66 61.96 6.69
CA THR A 33 -11.80 61.50 7.75
C THR A 33 -11.35 60.06 7.56
N ILE A 34 -11.72 59.45 6.43
CA ILE A 34 -11.23 58.12 6.08
C ILE A 34 -10.22 58.24 4.95
N ASP A 35 -9.09 57.57 5.10
CA ASP A 35 -8.12 57.39 4.03
C ASP A 35 -8.38 55.98 3.47
N LEU A 36 -9.23 55.93 2.44
CA LEU A 36 -9.67 54.67 1.86
C LEU A 36 -8.59 54.01 1.01
N GLU A 37 -7.65 54.79 0.46
CA GLU A 37 -6.58 54.24 -0.41
C GLU A 37 -5.66 53.33 0.36
N ASN A 38 -5.40 53.68 1.62
CA ASN A 38 -4.51 52.91 2.45
C ASN A 38 -5.24 52.01 3.44
N SER A 39 -6.55 51.88 3.29
CA SER A 39 -7.31 50.95 4.12
C SER A 39 -7.14 49.53 3.59
N TYR A 40 -7.58 48.55 4.36
CA TYR A 40 -7.49 47.17 3.91
C TYR A 40 -8.86 46.65 3.53
N VAL A 41 -9.08 46.44 2.24
CA VAL A 41 -10.32 45.86 1.74
C VAL A 41 -9.96 44.46 1.21
N PRO A 42 -10.39 43.40 1.92
CA PRO A 42 -10.04 42.01 1.66
C PRO A 42 -10.05 41.56 0.20
N LEU A 43 -11.11 41.90 -0.53
CA LEU A 43 -11.24 41.50 -1.93
C LEU A 43 -10.14 42.10 -2.81
N ASP A 44 -9.58 43.25 -2.40
CA ASP A 44 -8.44 43.81 -3.12
C ASP A 44 -7.14 43.14 -2.70
N ASN A 45 -7.21 42.22 -1.75
CA ASN A 45 -6.01 41.66 -1.13
C ASN A 45 -5.99 40.15 -1.09
N GLN A 46 -6.55 39.57 -2.14
CA GLN A 46 -6.55 38.14 -2.33
C GLN A 46 -5.10 37.68 -2.48
N TYR A 47 -4.79 36.54 -1.89
CA TYR A 47 -3.43 36.03 -1.89
C TYR A 47 -2.99 35.66 -3.31
N LYS A 48 -1.87 36.27 -3.74
CA LYS A 48 -1.30 36.07 -5.08
C LYS A 48 -2.33 36.20 -6.21
N GLY A 49 -3.28 37.11 -6.01
CA GLY A 49 -4.32 37.40 -7.00
C GLY A 49 -5.25 36.24 -7.33
N ILE A 50 -5.32 35.24 -6.45
CA ILE A 50 -6.07 34.02 -6.74
C ILE A 50 -7.55 34.14 -6.36
N ARG A 51 -8.40 33.99 -7.37
CA ARG A 51 -9.84 34.13 -7.28
C ARG A 51 -10.50 32.80 -6.89
N VAL A 52 -10.87 32.68 -5.61
CA VAL A 52 -11.44 31.43 -5.10
C VAL A 52 -12.68 30.98 -5.86
N ASP A 53 -13.48 31.94 -6.35
CA ASP A 53 -14.70 31.59 -7.09
C ASP A 53 -14.42 30.78 -8.36
N GLU A 54 -13.49 31.21 -9.22
CA GLU A 54 -13.15 30.40 -10.40
C GLU A 54 -11.97 29.44 -10.12
N HIS A 55 -11.43 29.46 -8.91
CA HIS A 55 -10.42 28.48 -8.53
C HIS A 55 -10.67 27.92 -7.11
N PRO A 56 -11.76 27.14 -6.94
CA PRO A 56 -12.14 26.64 -5.63
C PRO A 56 -11.29 25.44 -5.15
N GLU A 57 -10.40 24.95 -6.00
CA GLU A 57 -9.45 23.89 -5.61
C GLU A 57 -8.63 24.34 -4.42
N TYR A 58 -8.38 25.64 -4.35
CA TYR A 58 -7.58 26.25 -3.31
C TYR A 58 -8.26 26.27 -1.95
N LEU A 59 -9.56 26.00 -1.92
CA LEU A 59 -10.23 25.93 -0.64
C LEU A 59 -9.74 24.71 0.18
N HIS A 60 -9.18 23.71 -0.50
CA HIS A 60 -8.55 22.58 0.17
C HIS A 60 -7.03 22.75 0.40
N ASP A 61 -6.49 23.93 0.11
CA ASP A 61 -5.05 24.18 0.17
C ASP A 61 -4.74 24.88 1.48
N LYS A 62 -4.08 24.19 2.40
CA LYS A 62 -3.82 24.72 3.74
C LYS A 62 -2.89 25.93 3.73
N VAL A 63 -1.99 25.99 2.74
CA VAL A 63 -1.10 27.15 2.57
C VAL A 63 -1.86 28.41 2.13
N TRP A 64 -2.79 28.25 1.20
CA TRP A 64 -3.63 29.37 0.79
C TRP A 64 -4.49 29.84 1.95
N ALA A 65 -5.09 28.92 2.67
CA ALA A 65 -5.90 29.25 3.82
C ALA A 65 -5.10 30.03 4.86
N THR A 66 -3.87 29.61 5.09
CA THR A 66 -3.01 30.21 6.10
C THR A 66 -2.64 31.61 5.66
N ALA A 67 -2.21 31.74 4.41
CA ALA A 67 -1.91 33.05 3.83
C ALA A 67 -3.09 34.00 3.93
N THR A 68 -4.27 33.58 3.46
CA THR A 68 -5.44 34.46 3.48
C THR A 68 -5.81 34.92 4.90
N TYR A 69 -6.02 33.95 5.78
CA TYR A 69 -6.27 34.22 7.18
C TYR A 69 -5.27 35.25 7.74
N ASN A 70 -3.97 34.98 7.58
CA ASN A 70 -2.94 35.87 8.12
C ASN A 70 -2.99 37.26 7.52
N ASN A 71 -3.42 37.35 6.27
CA ASN A 71 -3.50 38.65 5.63
C ASN A 71 -4.63 39.48 6.18
N ASP A 72 -5.78 38.87 6.42
CA ASP A 72 -6.92 39.57 6.98
C ASP A 72 -6.62 40.05 8.40
N LEU A 73 -6.09 39.17 9.25
CA LEU A 73 -5.64 39.61 10.58
C LEU A 73 -4.68 40.79 10.47
N ASN A 74 -3.72 40.65 9.57
CA ASN A 74 -2.71 41.66 9.46
C ASN A 74 -3.31 42.96 8.96
N GLY A 75 -4.38 42.83 8.18
CA GLY A 75 -5.19 43.97 7.79
C GLY A 75 -5.88 44.63 8.97
N ILE A 76 -6.36 43.84 9.92
CA ILE A 76 -6.99 44.46 11.09
C ILE A 76 -5.90 45.13 11.94
N LYS A 77 -4.90 44.35 12.33
CA LYS A 77 -3.80 44.82 13.14
C LYS A 77 -3.13 46.11 12.62
N THR A 78 -2.95 46.26 11.32
CA THR A 78 -2.16 47.44 10.83
C THR A 78 -3.00 48.65 10.44
N ASN A 79 -4.32 48.61 10.59
CA ASN A 79 -5.14 49.81 10.40
C ASN A 79 -5.73 50.34 11.70
N ASP A 80 -6.21 51.59 11.62
CA ASP A 80 -6.64 52.31 12.82
C ASP A 80 -7.96 51.83 13.40
N ILE A 81 -8.93 51.58 12.53
CA ILE A 81 -10.31 51.35 12.95
C ILE A 81 -10.82 50.03 12.34
N MET A 82 -11.69 49.35 13.06
CA MET A 82 -12.35 48.16 12.55
C MET A 82 -13.76 48.53 12.17
N LEU A 83 -14.16 48.17 10.95
CA LEU A 83 -15.50 48.46 10.39
C LEU A 83 -16.25 47.13 10.13
N GLY A 84 -17.42 46.99 10.74
CA GLY A 84 -18.22 45.77 10.63
C GLY A 84 -19.60 46.05 10.06
N VAL A 85 -19.82 45.64 8.81
CA VAL A 85 -21.10 45.80 8.15
C VAL A 85 -21.95 44.59 8.57
N TYR A 86 -22.92 44.84 9.45
CA TYR A 86 -23.61 43.80 10.16
C TYR A 86 -24.99 43.71 9.59
N ILE A 87 -25.40 42.51 9.16
CA ILE A 87 -26.75 42.25 8.67
C ILE A 87 -27.53 41.44 9.71
N PRO A 88 -28.36 42.13 10.53
CA PRO A 88 -29.13 41.51 11.60
C PRO A 88 -29.90 40.25 11.21
N ASP A 89 -30.48 40.23 10.00
CA ASP A 89 -31.29 39.09 9.56
C ASP A 89 -30.44 37.86 9.27
N GLU A 90 -29.32 38.06 8.58
CA GLU A 90 -28.31 37.02 8.38
C GLU A 90 -27.35 37.07 9.55
N GLN A 91 -27.89 37.42 10.72
CA GLN A 91 -27.25 37.27 12.04
C GLN A 91 -25.73 37.57 12.07
N GLY A 92 -25.31 38.51 11.20
CA GLY A 92 -23.91 38.90 11.02
C GLY A 92 -22.88 37.78 11.10
N THR A 93 -22.98 36.81 10.18
CA THR A 93 -22.10 35.61 10.20
C THR A 93 -20.79 35.83 9.40
N GLY A 94 -19.65 35.71 10.09
CA GLY A 94 -18.30 35.86 9.49
C GLY A 94 -17.43 36.77 10.34
N LEU A 95 -17.92 38.00 10.57
CA LEU A 95 -17.12 39.02 11.26
C LEU A 95 -16.96 38.86 12.77
N GLY A 96 -17.65 37.93 13.40
CA GLY A 96 -17.42 37.67 14.83
C GLY A 96 -15.95 37.55 15.22
N MET A 97 -15.21 36.69 14.54
CA MET A 97 -13.80 36.51 14.84
C MET A 97 -13.02 37.80 14.57
N GLU A 98 -13.24 38.40 13.41
CA GLU A 98 -12.62 39.66 13.03
C GLU A 98 -12.89 40.76 14.06
N LEU A 99 -14.13 40.84 14.53
CA LEU A 99 -14.49 41.86 15.52
C LEU A 99 -13.75 41.58 16.82
N GLY A 100 -13.70 40.31 17.19
CA GLY A 100 -12.99 39.89 18.38
C GLY A 100 -11.51 40.14 18.29
N TYR A 101 -10.93 39.99 17.10
CA TYR A 101 -9.50 40.17 16.96
C TYR A 101 -9.17 41.65 17.05
N ALA A 102 -10.07 42.49 16.54
CA ALA A 102 -9.85 43.94 16.55
C ALA A 102 -9.90 44.44 17.98
N LEU A 103 -10.90 44.00 18.73
CA LEU A 103 -10.96 44.31 20.14
C LEU A 103 -9.65 43.92 20.85
N SER A 104 -9.09 42.77 20.54
CA SER A 104 -7.85 42.36 21.20
C SER A 104 -6.64 43.20 20.80
N GLN A 105 -6.67 43.76 19.58
CA GLN A 105 -5.59 44.63 19.11
C GLN A 105 -5.78 46.10 19.49
N GLY A 106 -6.84 46.40 20.24
CA GLY A 106 -7.06 47.76 20.72
C GLY A 106 -7.65 48.73 19.72
N LYS A 107 -8.44 48.23 18.77
CA LYS A 107 -9.04 49.06 17.75
C LYS A 107 -10.42 49.51 18.18
N TYR A 108 -10.80 50.69 17.75
CA TYR A 108 -12.17 51.11 17.78
C TYR A 108 -12.92 50.13 16.89
N VAL A 109 -13.92 49.45 17.44
CA VAL A 109 -14.77 48.61 16.62
C VAL A 109 -16.12 49.30 16.37
N LEU A 110 -16.44 49.55 15.10
CA LEU A 110 -17.63 50.31 14.70
C LEU A 110 -18.52 49.43 13.84
N LEU A 111 -19.72 49.10 14.32
CA LEU A 111 -20.72 48.37 13.52
C LEU A 111 -21.60 49.35 12.79
N VAL A 112 -21.84 49.06 11.52
CA VAL A 112 -22.73 49.83 10.69
C VAL A 112 -23.79 48.86 10.28
N ILE A 113 -25.06 49.25 10.47
CA ILE A 113 -26.21 48.46 10.02
C ILE A 113 -27.00 49.27 8.99
N PRO A 114 -27.47 48.64 7.90
CA PRO A 114 -28.31 49.39 6.97
C PRO A 114 -29.59 49.88 7.64
N ASP A 115 -30.06 51.05 7.22
CA ASP A 115 -31.17 51.73 7.90
C ASP A 115 -32.43 50.90 7.94
N GLU A 116 -32.67 50.17 6.85
CA GLU A 116 -33.79 49.22 6.74
C GLU A 116 -33.85 48.21 7.90
N ASP A 117 -32.67 47.88 8.44
CA ASP A 117 -32.52 46.86 9.47
C ASP A 117 -32.15 47.43 10.84
N TYR A 118 -31.76 48.70 10.92
CA TYR A 118 -31.38 49.30 12.19
C TYR A 118 -32.57 49.24 13.14
N GLY A 119 -32.33 48.75 14.34
CA GLY A 119 -33.38 48.50 15.32
C GLY A 119 -33.66 47.02 15.51
N LYS A 120 -33.33 46.19 14.53
CA LYS A 120 -33.55 44.77 14.68
C LYS A 120 -32.54 44.17 15.69
N PRO A 121 -32.89 43.04 16.30
CA PRO A 121 -32.05 42.36 17.30
C PRO A 121 -30.65 41.98 16.82
N ILE A 122 -29.62 42.45 17.52
CA ILE A 122 -28.25 41.98 17.30
C ILE A 122 -27.84 41.05 18.44
N SER A 123 -26.80 40.25 18.22
CA SER A 123 -26.33 39.30 19.21
C SER A 123 -25.65 40.03 20.36
N LEU A 124 -25.75 39.42 21.55
CA LEU A 124 -25.12 39.94 22.75
C LEU A 124 -23.65 40.27 22.53
N MET A 125 -22.92 39.35 21.92
CA MET A 125 -21.48 39.49 21.75
C MET A 125 -21.16 40.62 20.78
N SER A 126 -21.92 40.74 19.72
CA SER A 126 -21.75 41.88 18.80
C SER A 126 -22.04 43.21 19.50
N TRP A 127 -23.08 43.25 20.29
CA TRP A 127 -23.43 44.45 21.04
C TRP A 127 -22.35 44.80 22.05
N GLY A 128 -21.81 43.77 22.67
CA GLY A 128 -20.82 43.93 23.71
C GLY A 128 -19.46 44.30 23.16
N VAL A 129 -19.11 43.77 21.99
CA VAL A 129 -17.76 43.98 21.43
C VAL A 129 -17.64 45.31 20.69
N SER A 130 -18.77 45.83 20.22
CA SER A 130 -18.75 47.09 19.48
C SER A 130 -18.62 48.30 20.39
N ASP A 131 -17.85 49.29 19.94
CA ASP A 131 -17.69 50.52 20.68
C ASP A 131 -18.83 51.45 20.29
N ASN A 132 -19.41 51.24 19.12
CA ASN A 132 -20.57 52.02 18.66
C ASN A 132 -21.29 51.29 17.54
N VAL A 133 -22.58 51.58 17.37
CA VAL A 133 -23.38 50.97 16.30
C VAL A 133 -24.20 52.05 15.63
N ILE A 134 -23.91 52.34 14.37
CA ILE A 134 -24.56 53.44 13.65
C ILE A 134 -25.37 52.93 12.46
N LYS A 135 -26.23 53.79 11.91
CA LYS A 135 -26.95 53.48 10.68
C LYS A 135 -26.01 53.72 9.49
N MET A 136 -26.24 52.99 8.39
CA MET A 136 -25.47 53.15 7.15
C MET A 136 -25.36 54.60 6.68
N SER A 137 -26.45 55.36 6.80
CA SER A 137 -26.46 56.75 6.34
C SER A 137 -25.72 57.74 7.27
N GLN A 138 -25.36 57.33 8.49
CA GLN A 138 -24.52 58.18 9.35
C GLN A 138 -23.04 57.93 9.07
N LEU A 139 -22.73 56.90 8.29
CA LEU A 139 -21.34 56.48 8.06
C LEU A 139 -20.53 57.48 7.27
N LYS A 140 -21.21 58.24 6.41
CA LYS A 140 -20.53 59.24 5.55
C LYS A 140 -20.10 60.44 6.37
N ASP A 141 -20.93 60.82 7.33
CA ASP A 141 -20.66 61.97 8.21
C ASP A 141 -20.02 61.56 9.55
N PHE A 142 -19.55 60.31 9.65
CA PHE A 142 -18.94 59.86 10.90
C PHE A 142 -17.54 60.42 11.02
N ASN A 143 -17.22 61.01 12.17
CA ASN A 143 -15.89 61.55 12.40
C ASN A 143 -14.99 60.55 13.12
N PHE A 144 -14.15 59.89 12.33
CA PHE A 144 -13.23 58.88 12.82
C PHE A 144 -12.04 59.44 13.60
N ASN A 145 -11.82 60.74 13.54
CA ASN A 145 -10.79 61.38 14.36
C ASN A 145 -11.22 61.54 15.85
N LYS A 146 -12.54 61.56 16.09
CA LYS A 146 -13.14 61.68 17.43
C LYS A 146 -14.18 60.56 17.69
N PRO A 147 -13.77 59.30 17.54
CA PRO A 147 -14.67 58.17 17.75
C PRO A 147 -15.04 57.98 19.21
N ARG A 148 -16.32 57.86 19.52
CA ARG A 148 -16.79 57.73 20.90
C ARG A 148 -17.65 56.49 21.08
N PHE A 149 -17.97 56.18 22.34
CA PHE A 149 -18.79 55.04 22.69
C PHE A 149 -20.27 55.38 22.73
N ASP A 150 -21.09 54.44 22.27
CA ASP A 150 -22.53 54.47 22.51
C ASP A 150 -23.09 53.05 22.51
N PHE A 151 -24.32 52.92 22.97
CA PHE A 151 -25.09 51.68 22.88
C PHE A 151 -25.93 51.66 21.61
N TYR A 152 -26.15 50.46 21.09
CA TYR A 152 -27.15 50.21 20.07
C TYR A 152 -28.54 50.50 20.62
N GLU A 153 -29.35 51.24 19.86
CA GLU A 153 -30.73 51.51 20.25
C GLU A 153 -31.63 50.44 19.65
N GLY A 154 -31.64 49.27 20.27
CA GLY A 154 -32.48 48.18 19.81
C GLY A 154 -32.20 46.93 20.60
N ALA A 155 -32.88 45.85 20.22
CA ALA A 155 -32.92 44.62 20.98
C ALA A 155 -31.57 43.91 20.93
N VAL A 156 -31.29 43.12 21.96
CA VAL A 156 -30.04 42.36 22.03
C VAL A 156 -30.33 40.95 22.49
N TYR A 157 -30.10 39.97 21.62
CA TYR A 157 -30.53 38.59 21.88
C TYR A 157 -29.41 37.62 22.28
N PRO B 2 -4.51 17.42 36.12
CA PRO B 2 -5.32 16.42 35.45
C PRO B 2 -6.81 16.66 35.26
N LYS B 3 -7.35 17.77 35.76
CA LYS B 3 -8.68 18.17 35.34
C LYS B 3 -8.69 19.60 34.84
N LYS B 4 -9.09 19.81 33.59
CA LYS B 4 -9.30 21.17 33.07
C LYS B 4 -10.76 21.58 33.06
N THR B 5 -11.01 22.88 33.23
CA THR B 5 -12.35 23.46 33.11
C THR B 5 -12.54 24.09 31.74
N ILE B 6 -13.78 24.14 31.25
CA ILE B 6 -14.05 24.75 29.94
C ILE B 6 -15.10 25.86 29.98
N TYR B 7 -15.16 26.63 28.90
CA TYR B 7 -16.29 27.49 28.58
C TYR B 7 -17.14 26.83 27.47
N PHE B 8 -18.43 26.69 27.74
CA PHE B 8 -19.26 25.93 26.87
C PHE B 8 -19.88 26.83 25.83
N GLY B 9 -19.12 27.06 24.77
CA GLY B 9 -19.56 27.91 23.68
C GLY B 9 -20.42 27.13 22.73
N ALA B 10 -21.73 27.24 22.89
CA ALA B 10 -22.70 26.54 22.04
C ALA B 10 -24.02 27.27 22.06
N GLY B 11 -24.67 27.37 20.92
CA GLY B 11 -26.01 27.98 20.82
C GLY B 11 -27.12 26.99 21.13
N TRP B 12 -28.31 27.54 21.44
CA TRP B 12 -29.49 26.73 21.76
C TRP B 12 -30.80 27.20 21.09
N ARG B 13 -30.73 27.61 19.82
CA ARG B 13 -31.89 28.14 19.08
C ARG B 13 -32.43 27.15 18.06
N THR B 14 -31.58 26.70 17.15
CA THR B 14 -32.04 25.80 16.09
C THR B 14 -32.17 24.38 16.62
N ASP B 15 -32.87 23.51 15.89
CA ASP B 15 -32.90 22.10 16.26
C ASP B 15 -31.47 21.54 16.29
N ARG B 16 -30.74 21.71 15.20
CA ARG B 16 -29.37 21.21 15.14
C ARG B 16 -28.55 21.71 16.31
N GLN B 17 -28.77 22.95 16.71
CA GLN B 17 -27.95 23.52 17.76
C GLN B 17 -28.22 22.78 19.04
N ASN B 18 -29.49 22.49 19.29
CA ASN B 18 -29.88 21.85 20.53
C ASN B 18 -29.39 20.43 20.59
N LYS B 19 -29.38 19.76 19.46
CA LYS B 19 -28.96 18.39 19.41
C LYS B 19 -27.45 18.32 19.67
N ALA B 20 -26.68 19.20 19.03
CA ALA B 20 -25.25 19.25 19.28
C ALA B 20 -24.94 19.66 20.74
N TYR B 21 -25.70 20.60 21.26
CA TYR B 21 -25.61 21.00 22.66
C TYR B 21 -25.72 19.78 23.60
N LYS B 22 -26.77 18.99 23.49
CA LYS B 22 -26.93 17.79 24.33
C LYS B 22 -25.81 16.76 24.15
N GLU B 23 -25.41 16.48 22.92
CA GLU B 23 -24.35 15.51 22.65
C GLU B 23 -23.03 15.92 23.35
N ALA B 24 -22.67 17.20 23.22
CA ALA B 24 -21.42 17.70 23.75
C ALA B 24 -21.40 17.74 25.26
N MET B 25 -22.48 18.19 25.85
CA MET B 25 -22.58 18.21 27.29
C MET B 25 -22.46 16.78 27.84
N GLU B 26 -23.09 15.83 27.17
CA GLU B 26 -23.01 14.46 27.62
C GLU B 26 -21.58 13.95 27.46
N ALA B 27 -20.88 14.41 26.43
CA ALA B 27 -19.51 14.00 26.20
C ALA B 27 -18.61 14.50 27.31
N LEU B 28 -18.73 15.79 27.61
CA LEU B 28 -17.96 16.39 28.68
C LEU B 28 -18.16 15.69 30.02
N LYS B 29 -19.37 15.24 30.33
CA LYS B 29 -19.59 14.47 31.56
C LYS B 29 -18.76 13.19 31.62
N GLU B 30 -18.55 12.54 30.48
CA GLU B 30 -17.84 11.27 30.41
C GLU B 30 -16.32 11.44 30.41
N ASN B 31 -15.85 12.65 30.10
CA ASN B 31 -14.40 12.90 29.98
C ASN B 31 -13.77 13.11 31.34
N PRO B 32 -12.90 12.19 31.76
CA PRO B 32 -12.31 12.32 33.07
C PRO B 32 -11.27 13.44 33.18
N THR B 33 -10.87 14.05 32.08
CA THR B 33 -9.95 15.22 32.11
C THR B 33 -10.69 16.57 32.12
N ILE B 34 -12.02 16.54 32.06
CA ILE B 34 -12.84 17.75 32.20
C ILE B 34 -13.52 17.79 33.57
N ASP B 35 -13.41 18.94 34.24
CA ASP B 35 -14.08 19.22 35.51
C ASP B 35 -15.28 20.09 35.19
N LEU B 36 -16.41 19.44 34.95
CA LEU B 36 -17.60 20.15 34.48
C LEU B 36 -18.33 20.95 35.58
N GLU B 37 -18.29 20.47 36.83
CA GLU B 37 -18.90 21.23 37.92
C GLU B 37 -18.39 22.64 37.93
N ASN B 38 -17.08 22.80 37.73
CA ASN B 38 -16.46 24.12 37.85
C ASN B 38 -16.23 24.84 36.51
N SER B 39 -16.85 24.33 35.46
CA SER B 39 -16.82 24.96 34.13
C SER B 39 -17.93 26.02 34.02
N TYR B 40 -17.81 26.89 33.03
CA TYR B 40 -18.79 27.96 32.78
C TYR B 40 -19.72 27.55 31.67
N VAL B 41 -20.99 27.32 31.99
CA VAL B 41 -21.96 27.09 30.94
C VAL B 41 -22.91 28.30 30.90
N PRO B 42 -22.78 29.10 29.84
CA PRO B 42 -23.55 30.31 29.61
C PRO B 42 -25.02 30.29 29.98
N LEU B 43 -25.75 29.22 29.63
CA LEU B 43 -27.17 29.13 29.99
C LEU B 43 -27.43 29.20 31.50
N ASP B 44 -26.52 28.65 32.30
CA ASP B 44 -26.69 28.70 33.76
C ASP B 44 -26.16 29.98 34.39
N ASN B 45 -25.74 30.96 33.60
CA ASN B 45 -25.04 32.13 34.15
C ASN B 45 -25.49 33.44 33.54
N GLN B 46 -26.75 33.42 33.14
CA GLN B 46 -27.39 34.54 32.56
C GLN B 46 -27.66 35.45 33.74
N TYR B 47 -27.62 36.76 33.51
CA TYR B 47 -27.77 37.71 34.59
C TYR B 47 -29.10 37.54 35.32
N LYS B 48 -29.04 37.59 36.65
CA LYS B 48 -30.18 37.33 37.53
C LYS B 48 -30.81 35.95 37.31
N GLY B 49 -30.05 34.99 36.80
CA GLY B 49 -30.57 33.67 36.48
C GLY B 49 -31.77 33.71 35.55
N ILE B 50 -31.82 34.71 34.67
CA ILE B 50 -32.97 34.94 33.79
C ILE B 50 -32.60 34.78 32.33
N ARG B 51 -33.25 33.81 31.67
CA ARG B 51 -33.01 33.57 30.24
C ARG B 51 -33.89 34.41 29.31
N VAL B 52 -33.27 35.37 28.62
CA VAL B 52 -33.85 36.06 27.46
C VAL B 52 -34.96 35.31 26.71
N ASP B 53 -34.70 34.07 26.29
CA ASP B 53 -35.71 33.28 25.53
C ASP B 53 -36.99 32.99 26.34
N GLU B 54 -36.81 32.84 27.66
CA GLU B 54 -37.91 32.65 28.61
C GLU B 54 -38.56 33.98 29.03
N HIS B 55 -37.80 35.07 29.02
CA HIS B 55 -38.29 36.38 29.46
C HIS B 55 -37.77 37.48 28.53
N PRO B 56 -38.34 37.58 27.32
CA PRO B 56 -37.82 38.47 26.27
C PRO B 56 -37.94 39.97 26.59
N GLU B 57 -38.80 40.31 27.53
CA GLU B 57 -38.63 41.51 28.36
C GLU B 57 -37.18 42.02 28.32
N TYR B 58 -36.22 41.17 28.68
CA TYR B 58 -34.82 41.59 28.85
C TYR B 58 -34.01 41.84 27.55
N LEU B 59 -34.64 41.64 26.39
CA LEU B 59 -34.07 42.07 25.11
C LEU B 59 -33.68 43.53 25.13
N HIS B 60 -34.48 44.35 25.80
CA HIS B 60 -34.29 45.80 25.86
C HIS B 60 -33.77 46.32 27.20
N ASP B 61 -32.95 45.52 27.88
CA ASP B 61 -32.45 45.90 29.19
C ASP B 61 -30.94 45.89 29.11
N LYS B 62 -30.34 47.06 29.29
CA LYS B 62 -28.92 47.27 29.07
C LYS B 62 -28.07 46.81 30.26
N VAL B 63 -28.65 46.87 31.46
CA VAL B 63 -28.00 46.34 32.65
C VAL B 63 -27.83 44.85 32.49
N TRP B 64 -28.91 44.19 32.06
CA TRP B 64 -28.88 42.75 31.82
C TRP B 64 -27.87 42.37 30.76
N ALA B 65 -27.87 43.08 29.64
CA ALA B 65 -26.94 42.78 28.54
C ALA B 65 -25.50 43.12 28.94
N THR B 66 -25.29 44.22 29.66
CA THR B 66 -23.94 44.54 30.14
C THR B 66 -23.45 43.40 31.04
N ALA B 67 -24.27 43.05 32.03
CA ALA B 67 -23.91 42.02 33.01
C ALA B 67 -23.71 40.65 32.40
N THR B 68 -24.53 40.28 31.43
CA THR B 68 -24.41 38.94 30.84
C THR B 68 -23.20 38.84 29.91
N TYR B 69 -22.95 39.90 29.14
CA TYR B 69 -21.76 39.97 28.32
C TYR B 69 -20.51 39.83 29.19
N ASN B 70 -20.44 40.61 30.27
CA ASN B 70 -19.29 40.54 31.17
C ASN B 70 -19.16 39.18 31.81
N ASN B 71 -20.27 38.54 32.13
CA ASN B 71 -20.20 37.26 32.77
C ASN B 71 -19.60 36.24 31.81
N ASP B 72 -19.99 36.30 30.53
CA ASP B 72 -19.45 35.39 29.53
C ASP B 72 -17.98 35.62 29.25
N LEU B 73 -17.54 36.88 29.22
CA LEU B 73 -16.12 37.17 29.07
C LEU B 73 -15.40 36.57 30.27
N ASN B 74 -15.93 36.80 31.47
CA ASN B 74 -15.28 36.31 32.66
C ASN B 74 -15.20 34.77 32.71
N GLY B 75 -16.18 34.12 32.06
CA GLY B 75 -16.24 32.67 31.95
C GLY B 75 -15.17 32.14 31.00
N ILE B 76 -14.90 32.89 29.94
CA ILE B 76 -13.81 32.51 29.04
C ILE B 76 -12.45 32.68 29.73
N LYS B 77 -12.24 33.83 30.38
CA LYS B 77 -10.91 34.19 30.84
C LYS B 77 -10.50 33.40 32.06
N THR B 78 -11.45 33.03 32.91
CA THR B 78 -11.15 32.29 34.15
C THR B 78 -11.18 30.79 34.00
N ASN B 79 -11.43 30.29 32.79
CA ASN B 79 -11.40 28.85 32.56
C ASN B 79 -10.26 28.47 31.62
N ASP B 80 -9.89 27.19 31.61
CA ASP B 80 -8.67 26.74 30.92
C ASP B 80 -8.81 26.65 29.40
N ILE B 81 -9.91 26.03 28.95
CA ILE B 81 -10.14 25.74 27.55
C ILE B 81 -11.42 26.42 27.08
N MET B 82 -11.46 26.76 25.80
CA MET B 82 -12.64 27.30 25.17
C MET B 82 -13.17 26.25 24.20
N LEU B 83 -14.45 25.91 24.34
CA LEU B 83 -15.08 24.91 23.51
C LEU B 83 -16.09 25.62 22.61
N GLY B 84 -16.02 25.33 21.31
CA GLY B 84 -16.97 25.84 20.35
C GLY B 84 -17.68 24.71 19.63
N VAL B 85 -18.97 24.53 19.92
CA VAL B 85 -19.81 23.62 19.17
C VAL B 85 -20.19 24.27 17.84
N TYR B 86 -19.61 23.80 16.75
CA TYR B 86 -19.72 24.45 15.46
C TYR B 86 -20.62 23.63 14.57
N ILE B 87 -21.68 24.26 14.06
CA ILE B 87 -22.59 23.66 13.10
C ILE B 87 -22.32 24.31 11.74
N PRO B 88 -21.66 23.61 10.82
CA PRO B 88 -21.19 24.33 9.64
C PRO B 88 -22.27 24.82 8.68
N ASP B 89 -23.43 24.15 8.61
CA ASP B 89 -24.45 24.51 7.61
C ASP B 89 -25.19 25.82 7.93
N GLU B 90 -25.17 26.26 9.19
CA GLU B 90 -26.01 27.36 9.64
C GLU B 90 -25.31 28.71 9.57
N THR B 93 -24.89 32.67 15.35
CA THR B 93 -24.21 32.04 16.48
C THR B 93 -23.76 33.05 17.57
N GLY B 94 -22.85 33.98 17.21
CA GLY B 94 -22.15 34.85 18.20
C GLY B 94 -20.78 34.26 18.58
N LEU B 95 -20.52 33.05 18.04
CA LEU B 95 -19.38 32.22 18.40
C LEU B 95 -18.00 32.80 18.02
N GLY B 96 -17.92 33.44 16.85
CA GLY B 96 -16.69 34.08 16.42
C GLY B 96 -16.07 35.03 17.42
N MET B 97 -16.90 35.82 18.10
CA MET B 97 -16.37 36.76 19.09
C MET B 97 -15.93 36.03 20.36
N GLU B 98 -16.65 34.98 20.73
CA GLU B 98 -16.26 34.15 21.85
C GLU B 98 -14.91 33.50 21.52
N LEU B 99 -14.82 32.90 20.32
CA LEU B 99 -13.58 32.29 19.86
C LEU B 99 -12.44 33.30 19.82
N GLY B 100 -12.68 34.45 19.21
CA GLY B 100 -11.67 35.51 19.19
C GLY B 100 -11.21 35.98 20.56
N TYR B 101 -12.14 36.10 21.51
CA TYR B 101 -11.81 36.54 22.84
C TYR B 101 -10.94 35.48 23.54
N ALA B 102 -11.24 34.21 23.32
CA ALA B 102 -10.46 33.14 23.91
C ALA B 102 -9.02 33.18 23.42
N LEU B 103 -8.88 33.32 22.10
CA LEU B 103 -7.56 33.43 21.45
C LEU B 103 -6.77 34.57 22.08
N SER B 104 -7.38 35.73 22.23
CA SER B 104 -6.68 36.86 22.85
C SER B 104 -6.32 36.60 24.31
N GLN B 105 -7.07 35.72 24.98
CA GLN B 105 -6.82 35.40 26.38
C GLN B 105 -5.87 34.22 26.57
N GLY B 106 -5.30 33.71 25.49
CA GLY B 106 -4.34 32.64 25.61
C GLY B 106 -4.90 31.24 25.82
N LYS B 107 -6.18 31.01 25.51
CA LYS B 107 -6.80 29.71 25.76
C LYS B 107 -6.66 28.81 24.55
N TYR B 108 -6.55 27.50 24.80
CA TYR B 108 -6.73 26.49 23.77
C TYR B 108 -8.11 26.62 23.21
N VAL B 109 -8.21 26.77 21.90
CA VAL B 109 -9.52 26.85 21.21
C VAL B 109 -9.83 25.57 20.44
N LEU B 110 -10.77 24.81 20.98
CA LEU B 110 -11.18 23.53 20.34
C LEU B 110 -12.58 23.67 19.72
N LEU B 111 -12.68 23.44 18.42
CA LEU B 111 -14.00 23.32 17.80
C LEU B 111 -14.44 21.86 17.73
N VAL B 112 -15.71 21.64 18.03
CA VAL B 112 -16.33 20.34 17.97
C VAL B 112 -17.44 20.41 16.95
N ILE B 113 -17.39 19.55 15.93
CA ILE B 113 -18.39 19.51 14.86
C ILE B 113 -19.13 18.18 14.89
N PRO B 114 -20.48 18.19 14.84
CA PRO B 114 -21.22 16.95 14.81
C PRO B 114 -20.70 15.98 13.75
N ASP B 115 -20.58 14.70 14.09
CA ASP B 115 -20.09 13.68 13.15
C ASP B 115 -20.76 13.78 11.78
N GLU B 116 -22.07 13.97 11.75
CA GLU B 116 -22.77 14.01 10.49
C GLU B 116 -22.45 15.26 9.68
N ASP B 117 -21.75 16.23 10.27
CA ASP B 117 -21.36 17.45 9.54
C ASP B 117 -19.86 17.57 9.31
N TYR B 118 -19.08 16.73 9.99
CA TYR B 118 -17.62 16.81 9.93
C TYR B 118 -17.14 16.45 8.52
N GLY B 119 -16.36 17.35 7.91
CA GLY B 119 -15.95 17.22 6.52
C GLY B 119 -16.44 18.40 5.69
N LYS B 120 -17.62 18.89 6.05
CA LYS B 120 -18.17 20.07 5.43
C LYS B 120 -17.24 21.28 5.64
N PRO B 121 -17.26 22.24 4.70
CA PRO B 121 -16.51 23.48 4.75
C PRO B 121 -16.84 24.34 5.96
N ILE B 122 -15.83 24.75 6.70
CA ILE B 122 -15.96 25.75 7.76
C ILE B 122 -15.36 27.07 7.30
N SER B 123 -15.81 28.17 7.91
CA SER B 123 -15.34 29.50 7.52
C SER B 123 -13.86 29.66 7.82
N LEU B 124 -13.19 30.41 6.95
CA LEU B 124 -11.75 30.61 7.00
C LEU B 124 -11.33 31.05 8.40
N MET B 125 -12.06 32.00 8.96
CA MET B 125 -11.72 32.52 10.30
C MET B 125 -11.91 31.49 11.40
N SER B 126 -12.96 30.70 11.33
CA SER B 126 -13.13 29.55 12.24
C SER B 126 -11.98 28.59 12.17
N TRP B 127 -11.56 28.32 10.95
CA TRP B 127 -10.47 27.42 10.67
C TRP B 127 -9.20 27.98 11.28
N GLY B 128 -8.91 29.24 11.01
CA GLY B 128 -7.67 29.85 11.46
C GLY B 128 -7.52 30.16 12.95
N VAL B 129 -8.64 30.39 13.64
CA VAL B 129 -8.65 30.76 15.06
C VAL B 129 -8.57 29.54 15.94
N SER B 130 -8.98 28.40 15.40
CA SER B 130 -9.00 27.17 16.15
C SER B 130 -7.63 26.52 16.22
N ASP B 131 -7.33 25.99 17.39
CA ASP B 131 -6.15 25.23 17.59
C ASP B 131 -6.33 23.79 17.08
N ASN B 132 -7.56 23.28 17.14
CA ASN B 132 -7.85 21.94 16.71
C ASN B 132 -9.32 21.79 16.44
N VAL B 133 -9.70 20.81 15.62
CA VAL B 133 -11.07 20.61 15.21
C VAL B 133 -11.42 19.13 15.24
N ILE B 134 -12.39 18.74 16.08
CA ILE B 134 -12.74 17.33 16.22
C ILE B 134 -14.20 17.02 15.98
N LYS B 135 -14.47 15.71 15.83
CA LYS B 135 -15.82 15.19 15.72
C LYS B 135 -16.46 15.17 17.10
N MET B 136 -17.77 15.23 17.15
CA MET B 136 -18.46 15.16 18.42
C MET B 136 -18.21 13.84 19.15
N SER B 137 -18.13 12.75 18.40
CA SER B 137 -17.95 11.42 19.00
C SER B 137 -16.56 11.26 19.62
N GLN B 138 -15.66 12.20 19.36
CA GLN B 138 -14.30 12.21 19.95
C GLN B 138 -14.22 13.00 21.28
N LEU B 139 -15.16 13.89 21.52
CA LEU B 139 -15.13 14.79 22.67
C LEU B 139 -15.03 14.05 24.01
N LYS B 140 -15.65 12.88 24.12
CA LYS B 140 -15.66 12.18 25.39
C LYS B 140 -14.29 11.64 25.78
N ASP B 141 -13.40 11.48 24.80
CA ASP B 141 -12.09 10.89 25.03
C ASP B 141 -10.91 11.83 24.80
N PHE B 142 -11.18 13.04 24.36
CA PHE B 142 -10.15 14.02 24.16
C PHE B 142 -9.36 14.25 25.46
N ASN B 143 -8.03 14.21 25.37
CA ASN B 143 -7.19 14.46 26.53
C ASN B 143 -6.95 15.94 26.65
N PHE B 144 -7.64 16.58 27.58
CA PHE B 144 -7.59 18.05 27.65
C PHE B 144 -6.37 18.53 28.45
N ASN B 145 -5.62 17.58 29.01
CA ASN B 145 -4.37 17.86 29.70
C ASN B 145 -3.18 17.92 28.72
N LYS B 146 -3.31 17.30 27.56
CA LYS B 146 -2.30 17.39 26.52
C LYS B 146 -2.88 17.93 25.21
N PRO B 147 -3.47 19.14 25.23
CA PRO B 147 -4.08 19.70 24.03
C PRO B 147 -3.05 20.17 23.01
N ARG B 148 -3.26 19.86 21.74
CA ARG B 148 -2.27 20.10 20.69
C ARG B 148 -2.91 20.70 19.45
N PHE B 149 -2.08 21.31 18.60
CA PHE B 149 -2.53 21.83 17.32
C PHE B 149 -2.76 20.72 16.31
N ASP B 150 -3.81 20.85 15.51
CA ASP B 150 -3.98 20.07 14.30
C ASP B 150 -4.92 20.78 13.34
N PHE B 151 -4.77 20.42 12.06
CA PHE B 151 -5.57 21.00 10.98
C PHE B 151 -6.88 20.24 10.81
N TYR B 152 -7.97 20.95 10.58
CA TYR B 152 -9.25 20.37 10.20
C TYR B 152 -9.14 19.52 8.94
N GLU B 153 -9.74 18.33 8.95
CA GLU B 153 -9.71 17.46 7.80
C GLU B 153 -10.88 17.87 6.92
N GLY B 154 -10.72 18.99 6.21
CA GLY B 154 -11.79 19.52 5.41
C GLY B 154 -11.40 20.86 4.86
N ALA B 155 -12.27 21.39 4.02
CA ALA B 155 -11.96 22.57 3.26
C ALA B 155 -12.42 23.78 4.02
N VAL B 156 -12.23 24.93 3.39
CA VAL B 156 -12.52 26.22 3.97
C VAL B 156 -13.37 26.92 2.95
N TYR B 157 -14.18 27.88 3.35
CA TYR B 157 -14.86 28.76 2.39
C TYR B 157 -14.74 30.19 2.85
N PRO C 2 -14.33 -23.47 -21.26
CA PRO C 2 -14.66 -22.61 -20.12
C PRO C 2 -14.68 -21.11 -20.42
N LYS C 3 -14.93 -20.31 -19.39
CA LYS C 3 -14.93 -18.85 -19.51
C LYS C 3 -14.06 -18.28 -18.41
N LYS C 4 -13.41 -17.17 -18.71
CA LYS C 4 -12.54 -16.47 -17.76
C LYS C 4 -13.15 -15.10 -17.44
N THR C 5 -12.85 -14.56 -16.26
CA THR C 5 -13.29 -13.21 -15.91
C THR C 5 -12.17 -12.23 -16.19
N ILE C 6 -12.50 -10.94 -16.27
CA ILE C 6 -11.53 -9.88 -16.56
C ILE C 6 -11.77 -8.62 -15.73
N TYR C 7 -10.71 -7.85 -15.53
CA TYR C 7 -10.83 -6.49 -15.00
C TYR C 7 -10.76 -5.52 -16.20
N PHE C 8 -11.65 -4.53 -16.20
CA PHE C 8 -11.85 -3.69 -17.39
C PHE C 8 -11.08 -2.38 -17.30
N GLY C 9 -9.80 -2.44 -17.66
CA GLY C 9 -8.91 -1.28 -17.59
C GLY C 9 -9.13 -0.30 -18.72
N ALA C 10 -10.24 0.43 -18.66
CA ALA C 10 -10.65 1.35 -19.71
C ALA C 10 -11.07 2.66 -19.07
N GLY C 11 -10.42 3.74 -19.48
CA GLY C 11 -10.80 5.08 -19.02
C GLY C 11 -12.00 5.60 -19.78
N TRP C 12 -12.61 6.66 -19.24
CA TRP C 12 -13.79 7.30 -19.82
C TRP C 12 -13.72 8.82 -19.76
N ARG C 13 -12.51 9.36 -19.53
CA ARG C 13 -12.30 10.81 -19.44
C ARG C 13 -12.61 11.58 -20.73
N THR C 14 -12.36 10.96 -21.88
CA THR C 14 -12.43 11.65 -23.18
C THR C 14 -13.28 10.92 -24.21
N ASP C 15 -13.45 11.55 -25.37
CA ASP C 15 -14.27 11.01 -26.46
C ASP C 15 -13.67 9.75 -27.08
N ARG C 16 -12.38 9.81 -27.43
CA ARG C 16 -11.72 8.68 -28.08
C ARG C 16 -11.67 7.46 -27.13
N GLN C 17 -11.48 7.75 -25.84
CA GLN C 17 -11.54 6.74 -24.78
C GLN C 17 -12.95 6.16 -24.59
N ASN C 18 -13.96 7.00 -24.78
CA ASN C 18 -15.35 6.57 -24.66
C ASN C 18 -15.79 5.67 -25.80
N LYS C 19 -15.48 6.07 -27.02
CA LYS C 19 -15.75 5.23 -28.19
C LYS C 19 -15.15 3.82 -27.97
N ALA C 20 -13.89 3.78 -27.54
CA ALA C 20 -13.19 2.53 -27.26
C ALA C 20 -13.84 1.73 -26.12
N TYR C 21 -14.21 2.41 -25.04
CA TYR C 21 -14.89 1.77 -23.92
C TYR C 21 -16.11 0.97 -24.42
N LYS C 22 -16.96 1.62 -25.21
CA LYS C 22 -18.16 0.98 -25.76
C LYS C 22 -17.78 -0.20 -26.64
N GLU C 23 -16.87 0.03 -27.57
CA GLU C 23 -16.43 -0.99 -28.53
C GLU C 23 -15.84 -2.23 -27.85
N ALA C 24 -15.24 -2.03 -26.68
CA ALA C 24 -14.65 -3.12 -25.91
C ALA C 24 -15.70 -3.96 -25.21
N MET C 25 -16.62 -3.31 -24.51
CA MET C 25 -17.72 -4.04 -23.85
C MET C 25 -18.47 -4.83 -24.91
N GLU C 26 -18.92 -4.14 -25.96
CA GLU C 26 -19.62 -4.80 -27.07
C GLU C 26 -18.91 -6.09 -27.45
N ALA C 27 -17.60 -6.00 -27.66
CA ALA C 27 -16.76 -7.16 -27.95
C ALA C 27 -16.91 -8.27 -26.90
N LEU C 28 -16.71 -7.91 -25.63
CA LEU C 28 -16.70 -8.88 -24.53
C LEU C 28 -18.04 -9.62 -24.37
N LYS C 29 -19.14 -8.89 -24.57
CA LYS C 29 -20.46 -9.49 -24.52
C LYS C 29 -20.60 -10.57 -25.60
N GLU C 30 -19.94 -10.35 -26.74
CA GLU C 30 -20.02 -11.25 -27.90
C GLU C 30 -19.00 -12.39 -27.82
N ASN C 31 -17.92 -12.18 -27.07
CA ASN C 31 -16.87 -13.19 -26.95
C ASN C 31 -17.28 -14.26 -25.96
N PRO C 32 -17.49 -15.51 -26.42
CA PRO C 32 -18.07 -16.51 -25.52
C PRO C 32 -17.10 -17.00 -24.45
N THR C 33 -15.80 -16.76 -24.63
CA THR C 33 -14.82 -17.16 -23.63
C THR C 33 -14.69 -16.14 -22.50
N ILE C 34 -15.67 -15.24 -22.37
CA ILE C 34 -15.68 -14.27 -21.26
C ILE C 34 -16.96 -14.31 -20.43
N ASP C 35 -16.77 -14.40 -19.13
CA ASP C 35 -17.85 -14.25 -18.15
C ASP C 35 -17.86 -12.76 -17.74
N LEU C 36 -18.70 -11.97 -18.40
CA LEU C 36 -18.77 -10.53 -18.16
C LEU C 36 -19.59 -10.18 -16.93
N GLU C 37 -20.61 -10.99 -16.66
CA GLU C 37 -21.49 -10.77 -15.50
C GLU C 37 -20.68 -10.72 -14.19
N ASN C 38 -19.72 -11.64 -14.05
CA ASN C 38 -18.87 -11.72 -12.85
C ASN C 38 -17.50 -11.06 -12.97
N SER C 39 -17.28 -10.31 -14.04
CA SER C 39 -16.07 -9.53 -14.19
C SER C 39 -16.15 -8.26 -13.33
N TYR C 40 -15.05 -7.50 -13.29
CA TYR C 40 -15.00 -6.25 -12.56
C TYR C 40 -14.94 -5.07 -13.54
N VAL C 41 -16.05 -4.35 -13.62
CA VAL C 41 -16.13 -3.13 -14.43
C VAL C 41 -16.20 -1.99 -13.43
N PRO C 42 -15.09 -1.23 -13.28
CA PRO C 42 -14.95 -0.19 -12.24
C PRO C 42 -16.19 0.69 -12.03
N LEU C 43 -16.69 1.30 -13.11
CA LEU C 43 -17.87 2.17 -13.04
C LEU C 43 -19.08 1.52 -12.39
N ASP C 44 -19.15 0.19 -12.39
CA ASP C 44 -20.24 -0.53 -11.74
C ASP C 44 -19.91 -0.91 -10.30
N ASN C 45 -18.75 -0.47 -9.82
CA ASN C 45 -18.32 -0.77 -8.45
C ASN C 45 -17.75 0.46 -7.78
N GLN C 46 -18.60 1.48 -7.66
CA GLN C 46 -18.23 2.75 -7.03
C GLN C 46 -18.48 2.61 -5.53
N TYR C 47 -17.58 3.12 -4.70
CA TYR C 47 -17.71 3.00 -3.24
C TYR C 47 -18.99 3.66 -2.68
N LYS C 48 -19.72 2.90 -1.87
CA LYS C 48 -21.04 3.31 -1.34
C LYS C 48 -21.97 3.83 -2.44
N GLY C 49 -21.72 3.42 -3.67
CA GLY C 49 -22.45 3.97 -4.81
C GLY C 49 -22.50 5.49 -4.80
N ILE C 50 -21.33 6.12 -4.68
CA ILE C 50 -21.20 7.57 -4.73
C ILE C 50 -20.62 7.95 -6.11
N ARG C 51 -21.25 8.91 -6.78
CA ARG C 51 -20.80 9.33 -8.10
C ARG C 51 -19.96 10.60 -7.97
N VAL C 52 -18.66 10.50 -8.27
CA VAL C 52 -17.74 11.61 -8.01
C VAL C 52 -17.89 12.73 -9.03
N ASP C 53 -18.42 12.39 -10.21
CA ASP C 53 -18.86 13.41 -11.15
C ASP C 53 -19.94 14.30 -10.52
N GLU C 54 -20.80 13.71 -9.67
CA GLU C 54 -21.83 14.44 -8.93
C GLU C 54 -21.36 15.03 -7.60
N HIS C 55 -20.51 14.30 -6.88
CA HIS C 55 -20.06 14.76 -5.56
C HIS C 55 -18.53 14.85 -5.52
N PRO C 56 -17.95 15.84 -6.25
CA PRO C 56 -16.49 15.97 -6.36
C PRO C 56 -15.76 16.31 -5.07
N GLU C 57 -16.49 16.59 -3.99
CA GLU C 57 -15.93 16.72 -2.64
C GLU C 57 -15.14 15.49 -2.22
N TYR C 58 -15.57 14.32 -2.68
CA TYR C 58 -14.96 13.07 -2.25
C TYR C 58 -13.58 12.83 -2.85
N LEU C 59 -13.22 13.58 -3.90
CA LEU C 59 -11.88 13.53 -4.45
C LEU C 59 -10.80 13.98 -3.45
N HIS C 60 -11.19 14.79 -2.46
CA HIS C 60 -10.30 15.19 -1.37
C HIS C 60 -10.39 14.30 -0.11
N ASP C 61 -11.29 13.33 -0.12
CA ASP C 61 -11.53 12.45 1.02
C ASP C 61 -10.58 11.27 0.97
N LYS C 62 -9.65 11.20 1.92
CA LYS C 62 -8.63 10.15 1.92
C LYS C 62 -9.22 8.75 2.14
N VAL C 63 -10.36 8.67 2.81
CA VAL C 63 -11.04 7.38 3.03
C VAL C 63 -11.74 6.90 1.76
N TRP C 64 -12.30 7.82 1.00
CA TRP C 64 -12.92 7.45 -0.26
C TRP C 64 -11.86 6.97 -1.24
N ALA C 65 -10.72 7.64 -1.26
CA ALA C 65 -9.61 7.26 -2.14
C ALA C 65 -9.13 5.86 -1.76
N THR C 66 -8.93 5.66 -0.46
CA THR C 66 -8.44 4.39 0.06
C THR C 66 -9.35 3.25 -0.33
N ALA C 67 -10.66 3.42 -0.19
CA ALA C 67 -11.58 2.33 -0.52
C ALA C 67 -11.69 2.11 -2.02
N THR C 68 -11.64 3.18 -2.81
CA THR C 68 -11.72 3.09 -4.26
C THR C 68 -10.46 2.46 -4.91
N TYR C 69 -9.28 2.81 -4.42
CA TYR C 69 -8.05 2.18 -4.86
C TYR C 69 -8.08 0.73 -4.46
N ASN C 70 -8.30 0.44 -3.18
CA ASN C 70 -8.34 -0.94 -2.73
C ASN C 70 -9.31 -1.81 -3.52
N ASN C 71 -10.47 -1.25 -3.84
CA ASN C 71 -11.54 -2.00 -4.51
C ASN C 71 -11.10 -2.40 -5.92
N ASP C 72 -10.49 -1.45 -6.63
CA ASP C 72 -10.01 -1.67 -8.00
C ASP C 72 -8.80 -2.62 -8.04
N LEU C 73 -7.93 -2.53 -7.03
CA LEU C 73 -6.84 -3.51 -6.87
C LEU C 73 -7.41 -4.91 -6.65
N ASN C 74 -8.46 -4.98 -5.85
CA ASN C 74 -9.09 -6.26 -5.60
C ASN C 74 -9.78 -6.82 -6.84
N GLY C 75 -10.18 -5.93 -7.76
CA GLY C 75 -10.78 -6.34 -9.02
C GLY C 75 -9.79 -6.99 -9.96
N ILE C 76 -8.53 -6.56 -9.90
CA ILE C 76 -7.49 -7.16 -10.73
C ILE C 76 -7.10 -8.49 -10.09
N LYS C 77 -6.89 -8.45 -8.78
CA LYS C 77 -6.53 -9.60 -7.97
C LYS C 77 -7.40 -10.82 -8.18
N THR C 78 -8.72 -10.63 -8.23
CA THR C 78 -9.69 -11.74 -8.09
C THR C 78 -10.31 -12.19 -9.42
N ASN C 79 -10.00 -11.51 -10.51
CA ASN C 79 -10.36 -11.97 -11.84
C ASN C 79 -9.11 -12.51 -12.54
N ASP C 80 -9.31 -13.19 -13.66
CA ASP C 80 -8.26 -13.97 -14.29
C ASP C 80 -7.37 -13.14 -15.22
N ILE C 81 -8.01 -12.30 -16.02
CA ILE C 81 -7.29 -11.52 -17.02
C ILE C 81 -7.44 -10.04 -16.75
N MET C 82 -6.44 -9.29 -17.20
CA MET C 82 -6.44 -7.85 -17.13
C MET C 82 -6.60 -7.36 -18.57
N LEU C 83 -7.65 -6.58 -18.83
CA LEU C 83 -7.95 -6.09 -20.16
C LEU C 83 -7.69 -4.60 -20.16
N GLY C 84 -6.65 -4.17 -20.84
CA GLY C 84 -6.31 -2.75 -20.92
C GLY C 84 -6.66 -2.14 -22.26
N VAL C 85 -7.76 -1.38 -22.30
CA VAL C 85 -8.12 -0.62 -23.48
C VAL C 85 -7.14 0.55 -23.61
N TYR C 86 -6.24 0.47 -24.58
CA TYR C 86 -5.12 1.40 -24.73
C TYR C 86 -5.30 2.40 -25.90
N ILE C 87 -5.45 3.67 -25.57
CA ILE C 87 -5.41 4.73 -26.57
C ILE C 87 -4.01 5.36 -26.64
N PRO C 88 -3.23 5.01 -27.68
CA PRO C 88 -1.86 5.53 -27.85
C PRO C 88 -1.69 7.05 -27.64
N ASP C 89 -2.51 7.85 -28.32
CA ASP C 89 -2.36 9.31 -28.29
C ASP C 89 -2.47 9.99 -26.89
N GLU C 90 -3.20 9.40 -25.96
CA GLU C 90 -3.54 10.14 -24.71
C GLU C 90 -3.56 9.39 -23.38
N GLN C 91 -3.40 8.06 -23.40
CA GLN C 91 -3.42 7.26 -22.16
C GLN C 91 -2.37 7.73 -21.15
N GLY C 92 -2.66 7.56 -19.87
CA GLY C 92 -1.82 8.09 -18.80
C GLY C 92 -1.31 7.08 -17.79
N THR C 93 -0.84 7.62 -16.68
CA THR C 93 -0.15 6.86 -15.64
C THR C 93 -1.02 5.84 -14.90
N GLY C 94 -2.34 5.95 -15.01
CA GLY C 94 -3.25 5.08 -14.25
C GLY C 94 -3.40 3.65 -14.77
N LEU C 95 -3.53 3.50 -16.08
CA LEU C 95 -3.52 2.18 -16.73
C LEU C 95 -2.19 1.47 -16.48
N GLY C 96 -1.10 2.22 -16.64
CA GLY C 96 0.23 1.69 -16.41
C GLY C 96 0.33 0.93 -15.11
N MET C 97 -0.13 1.56 -14.03
CA MET C 97 -0.02 0.97 -12.70
C MET C 97 -0.90 -0.27 -12.57
N GLU C 98 -2.07 -0.25 -13.19
CA GLU C 98 -2.96 -1.42 -13.17
C GLU C 98 -2.29 -2.63 -13.85
N LEU C 99 -1.59 -2.36 -14.94
CA LEU C 99 -0.89 -3.40 -15.69
C LEU C 99 0.25 -3.99 -14.86
N GLY C 100 1.05 -3.12 -14.25
CA GLY C 100 2.12 -3.57 -13.38
C GLY C 100 1.63 -4.47 -12.25
N TYR C 101 0.52 -4.08 -11.64
CA TYR C 101 -0.04 -4.81 -10.50
C TYR C 101 -0.55 -6.14 -10.97
N ALA C 102 -1.06 -6.16 -12.20
CA ALA C 102 -1.52 -7.40 -12.85
C ALA C 102 -0.36 -8.42 -13.05
N LEU C 103 0.75 -7.93 -13.59
CA LEU C 103 1.97 -8.71 -13.77
C LEU C 103 2.38 -9.38 -12.46
N SER C 104 2.25 -8.66 -11.36
CA SER C 104 2.67 -9.15 -10.05
C SER C 104 1.65 -10.05 -9.40
N GLN C 105 0.48 -10.17 -9.99
CA GLN C 105 -0.54 -11.11 -9.51
C GLN C 105 -0.66 -12.30 -10.45
N GLY C 106 0.20 -12.35 -11.46
CA GLY C 106 0.28 -13.48 -12.37
C GLY C 106 -0.91 -13.57 -13.29
N LYS C 107 -1.34 -12.42 -13.80
CA LYS C 107 -2.52 -12.35 -14.64
C LYS C 107 -2.09 -12.06 -16.07
N TYR C 108 -2.86 -12.55 -17.03
CA TYR C 108 -2.56 -12.35 -18.42
C TYR C 108 -2.95 -10.94 -18.86
N VAL C 109 -1.95 -10.12 -19.18
CA VAL C 109 -2.20 -8.75 -19.57
C VAL C 109 -2.36 -8.64 -21.09
N LEU C 110 -3.59 -8.39 -21.52
CA LEU C 110 -3.91 -8.15 -22.93
C LEU C 110 -4.15 -6.65 -23.13
N LEU C 111 -3.43 -6.04 -24.06
CA LEU C 111 -3.72 -4.66 -24.47
C LEU C 111 -4.57 -4.68 -25.71
N VAL C 112 -5.61 -3.85 -25.73
CA VAL C 112 -6.48 -3.71 -26.90
C VAL C 112 -6.43 -2.26 -27.40
N ILE C 113 -5.82 -2.05 -28.56
CA ILE C 113 -5.77 -0.72 -29.20
C ILE C 113 -6.85 -0.63 -30.27
N PRO C 114 -7.54 0.52 -30.38
CA PRO C 114 -8.46 0.68 -31.50
C PRO C 114 -7.79 0.37 -32.82
N ASP C 115 -8.56 -0.15 -33.78
CA ASP C 115 -8.01 -0.53 -35.06
C ASP C 115 -7.38 0.68 -35.76
N GLU C 116 -8.01 1.85 -35.61
CA GLU C 116 -7.50 3.10 -36.18
C GLU C 116 -6.10 3.42 -35.66
N ASP C 117 -5.91 3.17 -34.37
CA ASP C 117 -4.69 3.55 -33.64
C ASP C 117 -3.58 2.48 -33.62
N TYR C 118 -3.85 1.28 -34.15
CA TYR C 118 -2.81 0.23 -34.20
C TYR C 118 -1.67 0.68 -35.10
N GLY C 119 -0.44 0.48 -34.64
CA GLY C 119 0.74 0.84 -35.39
C GLY C 119 1.42 2.06 -34.80
N LYS C 120 0.64 2.90 -34.14
CA LYS C 120 1.18 4.06 -33.44
C LYS C 120 2.08 3.58 -32.30
N PRO C 121 3.14 4.35 -31.99
CA PRO C 121 4.06 3.91 -30.96
C PRO C 121 3.39 3.85 -29.60
N ILE C 122 3.81 2.89 -28.79
CA ILE C 122 3.36 2.81 -27.41
C ILE C 122 4.58 2.91 -26.49
N SER C 123 4.32 2.91 -25.20
CA SER C 123 5.37 2.92 -24.20
C SER C 123 6.19 1.62 -24.26
N LEU C 124 7.49 1.71 -24.01
CA LEU C 124 8.35 0.51 -23.89
C LEU C 124 7.80 -0.41 -22.79
N MET C 125 7.53 0.18 -21.63
CA MET C 125 7.00 -0.58 -20.48
C MET C 125 5.66 -1.23 -20.76
N SER C 126 4.83 -0.57 -21.53
CA SER C 126 3.57 -1.17 -21.93
C SER C 126 3.86 -2.31 -22.92
N TRP C 127 4.79 -2.06 -23.85
CA TRP C 127 5.29 -3.09 -24.78
C TRP C 127 5.78 -4.32 -23.99
N GLY C 128 6.59 -4.08 -22.96
CA GLY C 128 7.18 -5.17 -22.18
C GLY C 128 6.20 -5.98 -21.35
N VAL C 129 5.44 -5.30 -20.47
CA VAL C 129 4.49 -5.94 -19.54
C VAL C 129 3.37 -6.75 -20.23
N SER C 130 2.98 -6.32 -21.42
CA SER C 130 1.88 -6.95 -22.12
C SER C 130 2.24 -8.34 -22.61
N ASP C 131 1.29 -9.25 -22.52
CA ASP C 131 1.44 -10.59 -23.08
C ASP C 131 1.08 -10.59 -24.57
N ASN C 132 0.06 -9.84 -24.93
CA ASN C 132 -0.34 -9.66 -26.33
C ASN C 132 -0.87 -8.24 -26.50
N VAL C 133 -0.82 -7.70 -27.71
CA VAL C 133 -1.42 -6.42 -28.01
C VAL C 133 -2.18 -6.58 -29.31
N ILE C 134 -3.50 -6.67 -29.22
CA ILE C 134 -4.38 -6.92 -30.37
C ILE C 134 -5.11 -5.64 -30.84
N LYS C 135 -5.65 -5.69 -32.06
CA LYS C 135 -6.55 -4.64 -32.55
C LYS C 135 -7.90 -4.80 -31.85
N MET C 136 -8.77 -3.79 -31.95
CA MET C 136 -10.12 -3.82 -31.35
C MET C 136 -11.04 -4.85 -32.00
N SER C 137 -10.96 -5.00 -33.32
CA SER C 137 -11.81 -5.95 -34.06
C SER C 137 -11.50 -7.42 -33.79
N GLN C 138 -10.34 -7.69 -33.16
CA GLN C 138 -9.94 -9.04 -32.77
C GLN C 138 -10.35 -9.42 -31.32
N LEU C 139 -10.98 -8.49 -30.60
CA LEU C 139 -11.39 -8.71 -29.19
C LEU C 139 -12.57 -9.67 -29.05
N LYS C 140 -13.53 -9.58 -29.97
CA LYS C 140 -14.70 -10.47 -29.94
C LYS C 140 -14.36 -11.94 -30.20
N ASP C 141 -13.22 -12.22 -30.81
CA ASP C 141 -12.84 -13.60 -31.17
C ASP C 141 -11.68 -14.19 -30.38
N PHE C 142 -11.05 -13.39 -29.55
CA PHE C 142 -9.92 -13.86 -28.72
C PHE C 142 -10.30 -15.12 -27.92
N ASN C 143 -9.45 -16.14 -27.99
CA ASN C 143 -9.60 -17.29 -27.11
C ASN C 143 -8.89 -17.00 -25.80
N PHE C 144 -9.68 -16.63 -24.79
CA PHE C 144 -9.13 -16.32 -23.47
C PHE C 144 -8.70 -17.56 -22.69
N ASN C 145 -9.18 -18.74 -23.10
CA ASN C 145 -8.77 -20.01 -22.49
C ASN C 145 -7.43 -20.54 -22.97
N LYS C 146 -6.96 -19.99 -24.08
CA LYS C 146 -5.60 -20.22 -24.53
C LYS C 146 -4.95 -18.86 -24.78
N PRO C 147 -4.60 -18.16 -23.69
CA PRO C 147 -3.89 -16.89 -23.86
C PRO C 147 -2.40 -17.12 -24.07
N ARG C 148 -1.91 -16.79 -25.27
CA ARG C 148 -0.48 -16.97 -25.59
C ARG C 148 0.19 -15.64 -25.99
N PHE C 149 1.52 -15.66 -26.00
CA PHE C 149 2.33 -14.46 -26.16
C PHE C 149 2.41 -14.00 -27.60
N ASP C 150 2.55 -12.68 -27.80
CA ASP C 150 2.98 -12.14 -29.09
C ASP C 150 3.35 -10.65 -29.03
N PHE C 151 4.18 -10.20 -29.97
CA PHE C 151 4.63 -8.80 -30.05
C PHE C 151 3.62 -7.83 -30.69
N TYR C 152 3.75 -6.57 -30.31
CA TYR C 152 3.10 -5.45 -30.97
C TYR C 152 4.06 -5.06 -32.07
N GLU C 153 3.56 -4.96 -33.30
CA GLU C 153 4.44 -4.70 -34.41
C GLU C 153 4.78 -3.21 -34.55
N GLY C 154 4.00 -2.36 -33.87
CA GLY C 154 4.23 -0.92 -33.90
C GLY C 154 5.49 -0.54 -33.15
N ALA C 155 5.91 0.70 -33.29
CA ALA C 155 7.14 1.18 -32.66
C ALA C 155 6.98 1.30 -31.14
N VAL C 156 8.01 1.83 -30.49
CA VAL C 156 7.99 2.09 -29.08
C VAL C 156 8.52 3.51 -28.82
N TYR C 157 8.12 4.12 -27.71
CA TYR C 157 8.66 5.40 -27.27
C TYR C 157 8.97 5.34 -25.77
N PRO D 2 24.98 6.16 5.58
CA PRO D 2 24.62 5.28 4.46
C PRO D 2 24.12 6.02 3.23
N LYS D 3 24.19 5.37 2.07
CA LYS D 3 23.66 5.90 0.83
C LYS D 3 22.74 4.86 0.23
N LYS D 4 21.63 5.32 -0.37
CA LYS D 4 20.76 4.46 -1.15
C LYS D 4 20.87 4.82 -2.63
N THR D 5 20.67 3.84 -3.50
CA THR D 5 20.64 4.08 -4.94
C THR D 5 19.18 4.15 -5.39
N ILE D 6 18.95 4.78 -6.52
CA ILE D 6 17.60 4.94 -7.04
C ILE D 6 17.49 4.42 -8.46
N TYR D 7 16.26 4.32 -8.92
CA TYR D 7 15.98 4.16 -10.32
C TYR D 7 15.38 5.50 -10.74
N PHE D 8 15.96 6.13 -11.76
CA PHE D 8 15.51 7.44 -12.20
C PHE D 8 14.40 7.30 -13.23
N GLY D 9 13.20 7.05 -12.73
CA GLY D 9 12.00 7.03 -13.54
C GLY D 9 11.56 8.46 -13.83
N ALA D 10 11.96 8.95 -14.99
CA ALA D 10 11.78 10.34 -15.40
C ALA D 10 11.68 10.37 -16.93
N GLY D 11 10.57 10.90 -17.43
CA GLY D 11 10.37 11.08 -18.87
C GLY D 11 11.26 12.15 -19.51
N TRP D 12 11.53 12.00 -20.80
CA TRP D 12 12.31 13.00 -21.54
C TRP D 12 11.59 13.47 -22.81
N ARG D 13 10.30 13.18 -22.92
CA ARG D 13 9.59 13.39 -24.18
C ARG D 13 9.23 14.86 -24.43
N THR D 14 8.74 15.56 -23.41
CA THR D 14 8.15 16.91 -23.57
C THR D 14 8.97 18.01 -22.90
N ASP D 15 8.66 19.26 -23.24
CA ASP D 15 9.27 20.43 -22.58
C ASP D 15 9.19 20.29 -21.06
N ARG D 16 7.98 20.05 -20.55
CA ARG D 16 7.73 19.98 -19.10
C ARG D 16 8.40 18.80 -18.44
N GLN D 17 8.48 17.68 -19.15
CA GLN D 17 9.19 16.51 -18.65
C GLN D 17 10.71 16.73 -18.57
N ASN D 18 11.29 17.34 -19.59
CA ASN D 18 12.71 17.62 -19.61
C ASN D 18 13.14 18.63 -18.53
N LYS D 19 12.34 19.67 -18.32
CA LYS D 19 12.60 20.63 -17.25
C LYS D 19 12.54 19.93 -15.89
N ALA D 20 11.59 19.01 -15.74
CA ALA D 20 11.48 18.23 -14.50
C ALA D 20 12.64 17.23 -14.36
N TYR D 21 13.13 16.71 -15.49
CA TYR D 21 14.26 15.79 -15.54
C TYR D 21 15.53 16.46 -15.01
N LYS D 22 15.88 17.61 -15.60
CA LYS D 22 17.07 18.35 -15.20
C LYS D 22 16.97 18.71 -13.73
N GLU D 23 15.86 19.33 -13.34
CA GLU D 23 15.67 19.78 -11.97
C GLU D 23 15.85 18.63 -10.98
N ALA D 24 15.32 17.45 -11.32
CA ALA D 24 15.43 16.26 -10.45
C ALA D 24 16.86 15.70 -10.38
N MET D 25 17.52 15.60 -11.52
CA MET D 25 18.89 15.13 -11.54
C MET D 25 19.80 16.09 -10.75
N GLU D 26 19.58 17.38 -10.90
CA GLU D 26 20.39 18.35 -10.17
C GLU D 26 20.07 18.30 -8.67
N ALA D 27 18.86 17.86 -8.34
CA ALA D 27 18.49 17.68 -6.94
C ALA D 27 19.23 16.48 -6.34
N LEU D 28 19.20 15.35 -7.05
CA LEU D 28 19.82 14.12 -6.58
C LEU D 28 21.34 14.22 -6.44
N LYS D 29 21.99 14.97 -7.34
CA LYS D 29 23.42 15.23 -7.20
C LYS D 29 23.77 15.86 -5.86
N GLU D 30 22.84 16.65 -5.29
CA GLU D 30 23.08 17.37 -4.04
C GLU D 30 22.59 16.64 -2.79
N ASN D 31 21.91 15.50 -2.95
CA ASN D 31 21.37 14.77 -1.81
C ASN D 31 22.42 13.79 -1.28
N PRO D 32 22.93 14.04 -0.07
CA PRO D 32 24.01 13.20 0.42
C PRO D 32 23.59 11.79 0.79
N THR D 33 22.29 11.49 0.77
CA THR D 33 21.82 10.13 1.01
C THR D 33 21.62 9.32 -0.29
N ILE D 34 22.06 9.85 -1.43
CA ILE D 34 21.92 9.15 -2.69
C ILE D 34 23.27 8.90 -3.34
N ASP D 35 23.51 7.64 -3.71
CA ASP D 35 24.67 7.26 -4.51
C ASP D 35 24.26 7.30 -5.97
N LEU D 36 24.45 8.43 -6.61
CA LEU D 36 23.96 8.63 -7.96
C LEU D 36 24.73 7.79 -8.95
N GLU D 37 26.05 7.70 -8.78
CA GLU D 37 26.85 6.99 -9.76
C GLU D 37 26.44 5.53 -9.89
N ASN D 38 25.91 4.95 -8.81
CA ASN D 38 25.51 3.55 -8.84
C ASN D 38 24.00 3.36 -9.04
N SER D 39 23.31 4.45 -9.37
CA SER D 39 21.87 4.41 -9.59
C SER D 39 21.64 4.11 -11.05
N TYR D 40 20.48 3.58 -11.38
CA TYR D 40 20.12 3.32 -12.74
C TYR D 40 19.41 4.52 -13.34
N VAL D 41 20.08 5.25 -14.23
CA VAL D 41 19.40 6.26 -15.03
C VAL D 41 19.32 5.69 -16.45
N PRO D 42 18.09 5.46 -16.94
CA PRO D 42 17.92 4.78 -18.23
C PRO D 42 18.72 5.37 -19.39
N LEU D 43 18.71 6.70 -19.51
CA LEU D 43 19.48 7.39 -20.58
C LEU D 43 21.02 7.19 -20.53
N ASP D 44 21.56 6.70 -19.42
CA ASP D 44 22.96 6.27 -19.38
C ASP D 44 23.11 4.76 -19.54
N ASN D 45 22.03 4.06 -19.91
CA ASN D 45 22.03 2.59 -19.87
C ASN D 45 21.21 1.97 -20.99
N GLN D 46 21.22 2.61 -22.15
CA GLN D 46 20.56 2.07 -23.33
C GLN D 46 21.37 0.86 -23.83
N TYR D 47 20.68 -0.11 -24.43
CA TYR D 47 21.29 -1.38 -24.82
C TYR D 47 22.53 -1.17 -25.71
N LYS D 48 23.68 -1.67 -25.24
CA LYS D 48 24.97 -1.49 -25.92
C LYS D 48 25.38 -0.01 -26.01
N GLY D 49 25.62 0.51 -27.20
CA GLY D 49 25.86 1.95 -27.38
C GLY D 49 24.63 2.61 -27.96
N ILE D 50 24.08 1.95 -29.00
CA ILE D 50 22.82 2.36 -29.63
C ILE D 50 21.95 3.15 -28.66
N ARG D 51 21.96 4.47 -28.87
CA ARG D 51 21.09 5.42 -28.17
C ARG D 51 20.14 5.98 -29.25
N VAL D 52 18.83 5.79 -29.06
CA VAL D 52 17.86 5.91 -30.16
C VAL D 52 17.32 7.33 -30.40
N ASP D 53 17.60 8.23 -29.47
CA ASP D 53 17.30 9.64 -29.68
C ASP D 53 18.23 10.21 -30.76
N GLU D 54 19.23 9.40 -31.14
CA GLU D 54 20.13 9.69 -32.25
C GLU D 54 20.21 8.55 -33.31
N HIS D 55 19.41 7.51 -33.12
CA HIS D 55 19.24 6.39 -34.08
C HIS D 55 17.83 5.78 -33.89
N PRO D 56 16.78 6.44 -34.43
CA PRO D 56 15.39 6.04 -34.14
C PRO D 56 14.95 4.76 -34.85
N GLU D 57 15.68 4.37 -35.87
CA GLU D 57 15.57 3.04 -36.48
C GLU D 57 15.31 1.94 -35.43
N TYR D 58 16.12 1.91 -34.38
CA TYR D 58 16.05 0.84 -33.36
C TYR D 58 14.81 0.88 -32.44
N LEU D 59 13.99 1.93 -32.55
CA LEU D 59 12.71 2.02 -31.81
C LEU D 59 11.65 1.00 -32.25
N HIS D 60 11.90 0.27 -33.34
CA HIS D 60 11.04 -0.82 -33.76
C HIS D 60 11.84 -2.09 -34.01
N ASP D 61 12.97 -2.21 -33.32
CA ASP D 61 13.76 -3.44 -33.31
C ASP D 61 13.36 -4.21 -32.04
N LYS D 62 12.88 -5.45 -32.20
CA LYS D 62 12.37 -6.22 -31.08
C LYS D 62 13.49 -6.69 -30.14
N VAL D 63 14.64 -7.04 -30.70
CA VAL D 63 15.78 -7.37 -29.85
C VAL D 63 16.12 -6.17 -28.99
N TRP D 64 16.19 -4.98 -29.59
CA TRP D 64 16.55 -3.76 -28.84
C TRP D 64 15.56 -3.42 -27.74
N ALA D 65 14.28 -3.54 -28.04
CA ALA D 65 13.22 -3.24 -27.09
C ALA D 65 13.26 -4.21 -25.90
N THR D 66 13.40 -5.50 -26.20
CA THR D 66 13.49 -6.51 -25.13
C THR D 66 14.68 -6.21 -24.21
N ALA D 67 15.87 -6.07 -24.80
CA ALA D 67 17.09 -5.70 -24.07
C ALA D 67 16.86 -4.56 -23.08
N THR D 68 16.39 -3.43 -23.60
CA THR D 68 16.21 -2.21 -22.83
C THR D 68 15.10 -2.37 -21.77
N TYR D 69 14.03 -3.06 -22.10
CA TYR D 69 12.96 -3.30 -21.14
C TYR D 69 13.50 -4.10 -19.95
N ASN D 70 14.14 -5.22 -20.27
CA ASN D 70 14.71 -6.07 -19.23
C ASN D 70 15.72 -5.27 -18.41
N ASN D 71 16.56 -4.53 -19.13
CA ASN D 71 17.57 -3.70 -18.50
C ASN D 71 16.93 -2.67 -17.57
N ASP D 72 15.79 -2.10 -17.97
CA ASP D 72 15.03 -1.19 -17.09
C ASP D 72 14.42 -1.89 -15.85
N LEU D 73 13.74 -3.02 -16.02
CA LEU D 73 13.19 -3.73 -14.88
C LEU D 73 14.31 -4.03 -13.90
N ASN D 74 15.41 -4.50 -14.44
CA ASN D 74 16.58 -4.81 -13.66
C ASN D 74 17.12 -3.56 -12.93
N GLY D 75 17.05 -2.42 -13.60
CA GLY D 75 17.34 -1.16 -12.97
C GLY D 75 16.44 -0.85 -11.78
N ILE D 76 15.19 -1.31 -11.80
CA ILE D 76 14.31 -1.09 -10.67
C ILE D 76 14.62 -2.10 -9.58
N LYS D 77 14.68 -3.38 -9.95
CA LYS D 77 14.78 -4.44 -8.95
C LYS D 77 16.08 -4.42 -8.18
N THR D 78 17.16 -3.92 -8.77
CA THR D 78 18.46 -3.96 -8.09
C THR D 78 18.87 -2.65 -7.41
N ASN D 79 18.04 -1.62 -7.46
CA ASN D 79 18.31 -0.41 -6.70
C ASN D 79 17.31 -0.27 -5.55
N ASP D 80 17.60 0.57 -4.57
CA ASP D 80 16.80 0.63 -3.35
C ASP D 80 15.48 1.36 -3.46
N ILE D 81 15.46 2.44 -4.24
CA ILE D 81 14.35 3.37 -4.22
C ILE D 81 13.86 3.61 -5.63
N MET D 82 12.56 3.71 -5.81
CA MET D 82 11.95 4.01 -7.09
C MET D 82 11.53 5.46 -7.08
N LEU D 83 12.26 6.32 -7.79
CA LEU D 83 11.89 7.71 -7.93
C LEU D 83 11.09 7.96 -9.20
N GLY D 84 9.83 8.38 -9.06
CA GLY D 84 8.99 8.76 -10.20
C GLY D 84 8.79 10.26 -10.34
N VAL D 85 9.32 10.86 -11.41
CA VAL D 85 9.11 12.28 -11.70
C VAL D 85 7.79 12.44 -12.44
N TYR D 86 6.82 13.06 -11.79
CA TYR D 86 5.44 12.98 -12.21
C TYR D 86 4.93 14.36 -12.64
N ILE D 87 4.54 14.47 -13.90
CA ILE D 87 3.83 15.65 -14.38
C ILE D 87 2.33 15.36 -14.45
N PRO D 88 1.55 15.88 -13.49
CA PRO D 88 0.11 15.60 -13.44
C PRO D 88 -0.64 15.83 -14.74
N ASP D 89 -0.54 17.03 -15.32
CA ASP D 89 -1.35 17.35 -16.49
C ASP D 89 -0.97 16.50 -17.71
N GLU D 90 0.30 16.13 -17.83
CA GLU D 90 0.78 15.30 -18.94
C GLU D 90 1.01 13.89 -18.39
N GLN D 91 2.16 13.28 -18.73
CA GLN D 91 2.56 11.94 -18.26
C GLN D 91 1.72 10.80 -18.86
N GLY D 92 2.37 9.64 -19.03
CA GLY D 92 1.77 8.51 -19.72
C GLY D 92 1.87 7.25 -18.91
N THR D 93 1.66 6.12 -19.56
CA THR D 93 1.58 4.80 -18.92
C THR D 93 2.94 4.27 -18.46
N GLY D 94 4.00 4.86 -19.00
CA GLY D 94 5.37 4.39 -18.74
C GLY D 94 5.74 4.42 -17.26
N LEU D 95 5.60 5.59 -16.66
CA LEU D 95 5.85 5.73 -15.23
C LEU D 95 4.92 4.82 -14.44
N GLY D 96 3.65 4.79 -14.82
CA GLY D 96 2.68 3.97 -14.12
C GLY D 96 3.12 2.54 -13.95
N MET D 97 3.55 1.92 -15.04
CA MET D 97 3.96 0.52 -15.00
C MET D 97 5.25 0.33 -14.20
N GLU D 98 6.14 1.31 -14.24
CA GLU D 98 7.38 1.21 -13.47
C GLU D 98 7.08 1.19 -11.97
N LEU D 99 6.22 2.11 -11.53
CA LEU D 99 5.76 2.18 -10.15
C LEU D 99 5.16 0.86 -9.68
N GLY D 100 4.20 0.36 -10.45
CA GLY D 100 3.58 -0.92 -10.18
C GLY D 100 4.62 -2.01 -9.94
N TYR D 101 5.68 -2.01 -10.75
CA TYR D 101 6.72 -3.03 -10.65
C TYR D 101 7.56 -2.77 -9.40
N ALA D 102 7.89 -1.51 -9.14
CA ALA D 102 8.62 -1.17 -7.93
C ALA D 102 7.86 -1.65 -6.69
N LEU D 103 6.60 -1.25 -6.56
CA LEU D 103 5.71 -1.75 -5.50
C LEU D 103 5.78 -3.26 -5.40
N SER D 104 5.75 -3.96 -6.53
CA SER D 104 5.75 -5.42 -6.45
C SER D 104 7.09 -5.96 -5.99
N GLN D 105 8.16 -5.21 -6.20
CA GLN D 105 9.52 -5.64 -5.78
C GLN D 105 9.88 -5.17 -4.37
N GLY D 106 8.93 -4.59 -3.66
CA GLY D 106 9.15 -4.21 -2.29
C GLY D 106 9.92 -2.93 -2.15
N LYS D 107 9.90 -2.10 -3.19
CA LYS D 107 10.63 -0.86 -3.17
C LYS D 107 9.84 0.29 -2.53
N TYR D 108 10.57 1.27 -2.01
CA TYR D 108 9.99 2.54 -1.61
C TYR D 108 9.71 3.32 -2.87
N VAL D 109 8.46 3.71 -3.05
CA VAL D 109 8.03 4.45 -4.22
C VAL D 109 7.73 5.90 -3.87
N LEU D 110 8.53 6.81 -4.41
CA LEU D 110 8.40 8.24 -4.12
C LEU D 110 8.09 8.94 -5.43
N LEU D 111 6.97 9.67 -5.46
CA LEU D 111 6.64 10.57 -6.56
C LEU D 111 7.18 11.96 -6.29
N VAL D 112 7.78 12.59 -7.31
CA VAL D 112 8.23 13.97 -7.25
C VAL D 112 7.54 14.79 -8.32
N ILE D 113 6.98 15.94 -7.92
CA ILE D 113 6.21 16.78 -8.83
C ILE D 113 6.77 18.19 -8.86
N PRO D 114 6.98 18.75 -10.05
CA PRO D 114 7.42 20.12 -10.05
C PRO D 114 6.60 21.03 -9.12
N ASP D 115 7.27 21.98 -8.49
CA ASP D 115 6.64 22.86 -7.51
C ASP D 115 5.44 23.60 -8.13
N GLU D 116 5.54 23.89 -9.41
CA GLU D 116 4.50 24.61 -10.14
C GLU D 116 3.24 23.74 -10.42
N ASP D 117 3.36 22.43 -10.22
CA ASP D 117 2.22 21.52 -10.39
C ASP D 117 1.83 20.80 -9.10
N TYR D 118 2.56 21.05 -8.02
CA TYR D 118 2.34 20.35 -6.75
C TYR D 118 1.04 20.82 -6.15
N GLY D 119 0.19 19.86 -5.75
CA GLY D 119 -1.18 20.15 -5.32
C GLY D 119 -2.26 19.96 -6.38
N LYS D 120 -1.87 19.92 -7.66
CA LYS D 120 -2.83 19.59 -8.72
C LYS D 120 -3.25 18.12 -8.58
N PRO D 121 -4.44 17.79 -9.07
CA PRO D 121 -4.92 16.43 -8.80
C PRO D 121 -4.03 15.37 -9.44
N ILE D 122 -3.74 14.29 -8.72
CA ILE D 122 -2.98 13.17 -9.27
C ILE D 122 -3.87 11.97 -9.46
N SER D 123 -3.52 11.05 -10.35
CA SER D 123 -4.38 9.89 -10.58
C SER D 123 -4.51 9.02 -9.32
N LEU D 124 -5.66 8.42 -9.12
CA LEU D 124 -5.95 7.63 -7.93
C LEU D 124 -4.97 6.47 -7.76
N MET D 125 -4.63 5.80 -8.85
CA MET D 125 -3.69 4.69 -8.80
C MET D 125 -2.30 5.20 -8.44
N SER D 126 -1.95 6.39 -8.92
CA SER D 126 -0.72 7.05 -8.48
C SER D 126 -0.73 7.23 -6.98
N TRP D 127 -1.78 7.87 -6.49
CA TRP D 127 -1.90 8.22 -5.09
C TRP D 127 -1.81 6.97 -4.22
N GLY D 128 -2.44 5.89 -4.66
CA GLY D 128 -2.45 4.65 -3.90
C GLY D 128 -1.15 3.85 -3.88
N VAL D 129 -0.46 3.80 -5.00
CA VAL D 129 0.75 3.02 -5.12
C VAL D 129 1.95 3.72 -4.46
N SER D 130 1.92 5.04 -4.39
CA SER D 130 3.08 5.77 -3.93
C SER D 130 3.15 5.71 -2.42
N ASP D 131 4.36 5.62 -1.89
CA ASP D 131 4.60 5.61 -0.46
C ASP D 131 4.63 7.04 0.06
N ASN D 132 4.87 8.00 -0.82
CA ASN D 132 5.00 9.42 -0.43
C ASN D 132 5.05 10.30 -1.69
N VAL D 133 4.69 11.57 -1.57
CA VAL D 133 4.66 12.48 -2.71
C VAL D 133 5.22 13.80 -2.26
N ILE D 134 6.35 14.20 -2.85
CA ILE D 134 7.02 15.46 -2.46
C ILE D 134 7.13 16.37 -3.67
N LYS D 135 7.53 17.62 -3.45
CA LYS D 135 7.76 18.56 -4.54
C LYS D 135 9.23 18.58 -4.89
N MET D 136 9.52 19.08 -6.08
CA MET D 136 10.88 19.08 -6.61
C MET D 136 11.87 19.71 -5.64
N SER D 137 11.53 20.84 -5.06
CA SER D 137 12.45 21.54 -4.17
C SER D 137 12.61 20.87 -2.80
N GLN D 138 12.07 19.67 -2.65
CA GLN D 138 12.33 18.86 -1.46
C GLN D 138 13.30 17.73 -1.73
N LEU D 139 13.57 17.44 -3.00
CA LEU D 139 14.34 16.27 -3.37
C LEU D 139 15.76 16.35 -2.81
N LYS D 140 16.44 17.50 -3.03
CA LYS D 140 17.82 17.65 -2.62
C LYS D 140 18.05 17.35 -1.15
N ASP D 141 17.04 17.50 -0.33
CA ASP D 141 17.19 17.28 1.11
C ASP D 141 16.55 15.99 1.64
N PHE D 142 15.89 15.22 0.77
CA PHE D 142 15.12 14.06 1.22
C PHE D 142 16.02 13.02 1.84
N ASN D 143 15.67 12.54 3.04
CA ASN D 143 16.51 11.55 3.73
C ASN D 143 16.11 10.15 3.30
N PHE D 144 16.78 9.64 2.29
CA PHE D 144 16.38 8.34 1.73
C PHE D 144 16.72 7.15 2.63
N ASN D 145 17.40 7.39 3.75
CA ASN D 145 17.72 6.31 4.68
C ASN D 145 16.60 5.97 5.65
N LYS D 146 15.64 6.89 5.81
CA LYS D 146 14.50 6.66 6.70
C LYS D 146 13.21 7.05 5.99
N PRO D 147 12.91 6.40 4.86
CA PRO D 147 11.73 6.80 4.12
C PRO D 147 10.45 6.39 4.84
N ARG D 148 9.45 7.25 4.78
CA ARG D 148 8.22 7.08 5.51
C ARG D 148 7.02 7.22 4.60
N PHE D 149 5.88 6.70 5.06
CA PHE D 149 4.64 6.89 4.37
C PHE D 149 4.06 8.23 4.73
N ASP D 150 3.51 8.90 3.73
CA ASP D 150 2.64 10.04 3.97
C ASP D 150 1.70 10.23 2.76
N PHE D 151 0.55 10.83 3.04
CA PHE D 151 -0.45 11.18 2.05
C PHE D 151 -0.03 12.41 1.23
N TYR D 152 -0.26 12.36 -0.08
CA TYR D 152 -0.21 13.53 -0.94
C TYR D 152 -1.08 14.65 -0.38
N GLU D 153 -0.52 15.86 -0.31
CA GLU D 153 -1.24 17.03 0.15
C GLU D 153 -2.12 17.57 -0.97
N GLY D 154 -2.88 16.71 -1.64
CA GLY D 154 -3.76 17.20 -2.68
C GLY D 154 -4.78 16.18 -3.11
N ALA D 155 -5.61 16.59 -4.07
CA ALA D 155 -6.74 15.83 -4.54
C ALA D 155 -6.33 14.63 -5.38
N VAL D 156 -7.32 13.86 -5.78
CA VAL D 156 -7.13 12.67 -6.57
C VAL D 156 -8.13 12.75 -7.71
N TYR D 157 -7.84 12.14 -8.84
CA TYR D 157 -8.87 11.86 -9.86
C TYR D 157 -8.67 10.41 -10.30
N PRO E 2 -21.16 -19.85 -11.23
CA PRO E 2 -19.80 -20.20 -10.84
C PRO E 2 -19.65 -20.40 -9.33
N LYS E 3 -18.76 -21.29 -8.92
CA LYS E 3 -18.44 -21.47 -7.49
C LYS E 3 -16.96 -21.16 -7.17
N LYS E 4 -16.71 -20.66 -5.98
CA LYS E 4 -15.36 -20.49 -5.48
C LYS E 4 -15.06 -21.46 -4.34
N THR E 5 -13.77 -21.67 -4.09
CA THR E 5 -13.32 -22.54 -3.01
C THR E 5 -12.55 -21.72 -2.00
N ILE E 6 -12.65 -22.12 -0.74
CA ILE E 6 -12.02 -21.38 0.35
C ILE E 6 -11.08 -22.26 1.16
N TYR E 7 -10.07 -21.64 1.76
CA TYR E 7 -9.32 -22.25 2.86
C TYR E 7 -10.04 -21.92 4.16
N PHE E 8 -10.43 -22.94 4.92
CA PHE E 8 -11.20 -22.71 6.14
C PHE E 8 -10.29 -22.40 7.34
N GLY E 9 -9.83 -21.16 7.40
CA GLY E 9 -8.94 -20.73 8.49
C GLY E 9 -9.68 -20.44 9.78
N ALA E 10 -10.10 -21.50 10.46
CA ALA E 10 -10.88 -21.38 11.68
C ALA E 10 -10.16 -22.05 12.83
N GLY E 11 -9.79 -21.27 13.85
CA GLY E 11 -9.25 -21.84 15.08
C GLY E 11 -10.26 -22.81 15.70
N TRP E 12 -9.76 -23.82 16.42
CA TRP E 12 -10.61 -24.81 17.10
C TRP E 12 -9.98 -25.23 18.45
N ARG E 13 -9.68 -24.22 19.28
CA ARG E 13 -8.96 -24.40 20.53
C ARG E 13 -9.81 -24.16 21.81
N THR E 14 -10.85 -23.34 21.71
CA THR E 14 -11.57 -22.81 22.88
C THR E 14 -13.11 -22.91 22.76
N ASP E 15 -13.81 -22.28 23.70
CA ASP E 15 -15.28 -22.24 23.68
C ASP E 15 -15.79 -21.40 22.52
N ARG E 16 -15.40 -20.13 22.49
CA ARG E 16 -15.84 -19.21 21.45
C ARG E 16 -15.52 -19.73 20.03
N GLN E 17 -14.38 -20.41 19.89
CA GLN E 17 -13.88 -20.84 18.57
C GLN E 17 -14.70 -21.95 17.92
N ASN E 18 -15.08 -22.96 18.70
CA ASN E 18 -15.86 -24.08 18.16
C ASN E 18 -17.30 -23.69 17.79
N LYS E 19 -17.89 -22.76 18.55
CA LYS E 19 -19.19 -22.22 18.18
C LYS E 19 -19.08 -21.47 16.85
N ALA E 20 -18.03 -20.66 16.72
CA ALA E 20 -17.75 -19.95 15.48
C ALA E 20 -17.49 -20.92 14.31
N TYR E 21 -16.77 -22.00 14.59
CA TYR E 21 -16.45 -23.03 13.59
C TYR E 21 -17.73 -23.63 13.03
N LYS E 22 -18.56 -24.22 13.91
CA LYS E 22 -19.82 -24.85 13.53
C LYS E 22 -20.68 -23.87 12.75
N GLU E 23 -20.82 -22.66 13.29
CA GLU E 23 -21.59 -21.61 12.63
C GLU E 23 -21.08 -21.31 11.22
N ALA E 24 -19.77 -21.25 11.05
CA ALA E 24 -19.16 -20.88 9.76
C ALA E 24 -19.35 -21.98 8.71
N MET E 25 -19.18 -23.23 9.11
CA MET E 25 -19.47 -24.36 8.21
C MET E 25 -20.93 -24.34 7.79
N GLU E 26 -21.83 -24.27 8.77
CA GLU E 26 -23.26 -24.27 8.46
C GLU E 26 -23.62 -23.12 7.51
N ALA E 27 -22.85 -22.03 7.55
CA ALA E 27 -23.08 -20.90 6.64
C ALA E 27 -22.60 -21.23 5.23
N LEU E 28 -21.33 -21.61 5.12
CA LEU E 28 -20.72 -22.01 3.85
C LEU E 28 -21.50 -23.13 3.17
N LYS E 29 -22.01 -24.08 3.94
CA LYS E 29 -22.83 -25.15 3.39
C LYS E 29 -24.12 -24.62 2.76
N GLU E 30 -24.61 -23.49 3.26
CA GLU E 30 -25.82 -22.83 2.72
C GLU E 30 -25.51 -21.82 1.59
N ASN E 31 -24.25 -21.40 1.47
CA ASN E 31 -23.90 -20.42 0.44
C ASN E 31 -23.72 -21.10 -0.92
N PRO E 32 -24.59 -20.77 -1.90
CA PRO E 32 -24.49 -21.45 -3.20
C PRO E 32 -23.26 -21.08 -4.05
N THR E 33 -22.56 -20.01 -3.67
CA THR E 33 -21.36 -19.58 -4.39
C THR E 33 -20.07 -20.22 -3.87
N ILE E 34 -20.20 -21.18 -2.95
CA ILE E 34 -19.06 -21.89 -2.35
C ILE E 34 -19.04 -23.36 -2.76
N ASP E 35 -17.89 -23.84 -3.21
CA ASP E 35 -17.68 -25.28 -3.41
C ASP E 35 -16.94 -25.85 -2.21
N LEU E 36 -17.70 -26.28 -1.22
CA LEU E 36 -17.15 -26.71 0.06
C LEU E 36 -16.49 -28.09 -0.03
N GLU E 37 -17.03 -28.98 -0.85
CA GLU E 37 -16.46 -30.35 -0.99
C GLU E 37 -14.99 -30.29 -1.41
N ASN E 38 -14.68 -29.34 -2.31
CA ASN E 38 -13.33 -29.17 -2.83
C ASN E 38 -12.58 -27.98 -2.20
N SER E 39 -13.01 -27.59 -0.99
CA SER E 39 -12.27 -26.61 -0.18
C SER E 39 -11.34 -27.30 0.83
N TYR E 40 -10.31 -26.57 1.27
CA TYR E 40 -9.36 -27.11 2.23
C TYR E 40 -9.79 -26.81 3.68
N VAL E 41 -10.28 -27.82 4.39
CA VAL E 41 -10.53 -27.69 5.83
C VAL E 41 -9.40 -28.42 6.57
N PRO E 42 -8.57 -27.69 7.33
CA PRO E 42 -7.43 -28.30 8.03
C PRO E 42 -7.71 -29.62 8.75
N LEU E 43 -8.70 -29.67 9.63
CA LEU E 43 -8.99 -30.90 10.40
C LEU E 43 -9.22 -32.14 9.54
N ASP E 44 -9.81 -31.95 8.35
CA ASP E 44 -10.06 -33.05 7.41
C ASP E 44 -8.86 -33.32 6.47
N ASN E 45 -7.66 -32.88 6.87
CA ASN E 45 -6.45 -33.08 6.08
C ASN E 45 -5.22 -33.29 6.98
N GLN E 46 -5.41 -34.04 8.06
CA GLN E 46 -4.33 -34.34 8.99
C GLN E 46 -3.27 -35.17 8.27
N TYR E 47 -2.02 -34.70 8.34
CA TYR E 47 -0.91 -35.37 7.69
C TYR E 47 -0.90 -36.87 8.03
N LYS E 48 -1.11 -37.70 7.00
CA LYS E 48 -1.16 -39.15 7.13
C LYS E 48 -2.25 -39.66 8.11
N GLY E 49 -3.35 -38.92 8.19
CA GLY E 49 -4.48 -39.28 9.07
C GLY E 49 -4.15 -39.42 10.55
N ILE E 50 -3.16 -38.67 11.03
CA ILE E 50 -2.69 -38.73 12.42
C ILE E 50 -3.33 -37.65 13.29
N ARG E 51 -3.86 -38.04 14.45
CA ARG E 51 -4.45 -37.08 15.40
C ARG E 51 -3.46 -36.69 16.51
N VAL E 52 -3.24 -35.38 16.67
CA VAL E 52 -2.26 -34.85 17.62
C VAL E 52 -2.83 -34.51 19.00
N ASP E 53 -4.14 -34.66 19.19
CA ASP E 53 -4.69 -34.71 20.54
C ASP E 53 -4.68 -36.16 21.02
N GLU E 54 -4.62 -37.10 20.07
CA GLU E 54 -4.46 -38.54 20.37
C GLU E 54 -2.99 -38.92 20.56
N HIS E 55 -2.14 -38.44 19.66
CA HIS E 55 -0.71 -38.68 19.72
C HIS E 55 0.01 -37.33 19.76
N PRO E 56 0.05 -36.67 20.93
CA PRO E 56 0.72 -35.37 21.06
C PRO E 56 2.25 -35.42 20.95
N GLU E 57 2.81 -36.62 20.88
CA GLU E 57 4.23 -36.83 20.59
C GLU E 57 4.66 -36.02 19.37
N TYR E 58 3.87 -36.15 18.30
CA TYR E 58 4.24 -35.60 17.00
C TYR E 58 4.33 -34.04 16.94
N LEU E 59 4.11 -33.37 18.07
CA LEU E 59 4.35 -31.92 18.17
C LEU E 59 5.84 -31.59 18.26
N HIS E 60 6.66 -32.56 18.70
CA HIS E 60 8.12 -32.42 18.76
C HIS E 60 8.82 -32.98 17.52
N ASP E 61 8.09 -33.71 16.68
CA ASP E 61 8.57 -34.18 15.38
C ASP E 61 8.67 -32.99 14.42
N LYS E 62 9.87 -32.74 13.90
CA LYS E 62 10.11 -31.65 12.95
C LYS E 62 9.65 -32.02 11.53
N VAL E 63 9.62 -33.31 11.21
CA VAL E 63 9.10 -33.78 9.91
C VAL E 63 7.57 -33.65 9.82
N TRP E 64 6.88 -33.95 10.92
CA TRP E 64 5.44 -33.73 10.99
C TRP E 64 5.08 -32.24 10.86
N ALA E 65 5.75 -31.41 11.67
CA ALA E 65 5.53 -29.97 11.66
C ALA E 65 5.74 -29.39 10.27
N THR E 66 6.88 -29.72 9.67
CA THR E 66 7.18 -29.32 8.31
C THR E 66 6.05 -29.72 7.36
N ALA E 67 5.62 -30.97 7.43
CA ALA E 67 4.57 -31.48 6.54
C ALA E 67 3.20 -30.81 6.74
N THR E 68 2.88 -30.44 7.98
CA THR E 68 1.60 -29.79 8.30
C THR E 68 1.58 -28.33 7.88
N TYR E 69 2.72 -27.67 8.06
CA TYR E 69 2.85 -26.27 7.69
C TYR E 69 2.73 -26.15 6.18
N ASN E 70 3.46 -26.99 5.45
CA ASN E 70 3.37 -27.02 3.99
C ASN E 70 1.95 -27.38 3.52
N ASN E 71 1.31 -28.30 4.23
CA ASN E 71 -0.06 -28.69 3.91
C ASN E 71 -0.97 -27.47 3.94
N ASP E 72 -1.08 -26.87 5.12
CA ASP E 72 -1.93 -25.71 5.31
C ASP E 72 -1.58 -24.63 4.30
N LEU E 73 -0.30 -24.26 4.23
CA LEU E 73 0.12 -23.28 3.24
C LEU E 73 -0.39 -23.66 1.85
N ASN E 74 -0.29 -24.95 1.50
CA ASN E 74 -0.76 -25.44 0.21
C ASN E 74 -2.29 -25.34 0.05
N GLY E 75 -3.01 -25.45 1.16
CA GLY E 75 -4.46 -25.26 1.12
C GLY E 75 -4.84 -23.83 0.74
N ILE E 76 -4.12 -22.88 1.32
CA ILE E 76 -4.36 -21.47 1.07
C ILE E 76 -4.10 -21.17 -0.40
N LYS E 77 -2.91 -21.54 -0.85
CA LYS E 77 -2.43 -21.33 -2.21
C LYS E 77 -3.35 -21.87 -3.31
N THR E 78 -3.81 -23.09 -3.14
CA THR E 78 -4.56 -23.78 -4.19
C THR E 78 -6.08 -23.60 -4.06
N ASN E 79 -6.52 -22.52 -3.42
CA ASN E 79 -7.95 -22.19 -3.33
C ASN E 79 -8.21 -20.73 -3.64
N ASP E 80 -9.47 -20.39 -3.91
CA ASP E 80 -9.81 -19.06 -4.42
C ASP E 80 -9.81 -17.98 -3.32
N ILE E 81 -10.32 -18.32 -2.14
CA ILE E 81 -10.53 -17.36 -1.06
C ILE E 81 -9.94 -17.83 0.26
N MET E 82 -9.38 -16.88 0.98
CA MET E 82 -8.93 -17.07 2.34
C MET E 82 -10.04 -16.62 3.26
N LEU E 83 -10.61 -17.55 4.02
CA LEU E 83 -11.65 -17.27 5.00
C LEU E 83 -11.03 -17.41 6.39
N GLY E 84 -11.06 -16.34 7.18
CA GLY E 84 -10.48 -16.33 8.52
C GLY E 84 -11.51 -15.97 9.56
N VAL E 85 -11.97 -16.97 10.30
CA VAL E 85 -12.90 -16.76 11.42
C VAL E 85 -12.16 -16.13 12.60
N TYR E 86 -12.52 -14.88 12.93
CA TYR E 86 -11.78 -14.06 13.89
C TYR E 86 -12.55 -13.85 15.19
N ILE E 87 -11.88 -14.10 16.31
CA ILE E 87 -12.44 -13.94 17.66
C ILE E 87 -11.62 -12.89 18.43
N PRO E 88 -12.08 -11.63 18.42
CA PRO E 88 -11.39 -10.50 19.05
C PRO E 88 -10.86 -10.72 20.48
N ASP E 89 -11.70 -11.22 21.37
CA ASP E 89 -11.30 -11.38 22.78
C ASP E 89 -10.04 -12.24 22.91
N GLU E 90 -10.06 -13.41 22.28
CA GLU E 90 -8.95 -14.36 22.35
C GLU E 90 -8.56 -14.84 20.95
N GLN E 91 -7.42 -14.37 20.45
CA GLN E 91 -6.92 -14.83 19.16
C GLN E 91 -5.39 -14.71 19.10
N GLY E 92 -4.77 -15.52 18.25
CA GLY E 92 -3.31 -15.60 18.19
C GLY E 92 -2.73 -15.46 16.79
N THR E 93 -1.55 -14.82 16.74
CA THR E 93 -0.54 -14.96 15.68
C THR E 93 -0.89 -15.91 14.52
N GLY E 94 -1.10 -17.19 14.83
CA GLY E 94 -1.39 -18.22 13.83
C GLY E 94 -2.27 -17.76 12.69
N LEU E 95 -3.47 -17.29 13.03
CA LEU E 95 -4.38 -16.71 12.04
C LEU E 95 -3.68 -15.58 11.26
N GLY E 96 -3.03 -14.68 11.98
CA GLY E 96 -2.32 -13.56 11.37
C GLY E 96 -1.39 -13.95 10.23
N MET E 97 -0.60 -14.99 10.47
CA MET E 97 0.34 -15.50 9.50
C MET E 97 -0.39 -16.09 8.28
N GLU E 98 -1.48 -16.82 8.53
CA GLU E 98 -2.33 -17.32 7.44
C GLU E 98 -2.85 -16.17 6.59
N LEU E 99 -3.24 -15.08 7.25
CA LEU E 99 -3.71 -13.90 6.51
C LEU E 99 -2.58 -13.28 5.71
N GLY E 100 -1.44 -13.12 6.38
CA GLY E 100 -0.22 -12.68 5.72
C GLY E 100 0.06 -13.46 4.46
N TYR E 101 0.01 -14.79 4.57
CA TYR E 101 0.34 -15.65 3.45
C TYR E 101 -0.68 -15.52 2.29
N ALA E 102 -1.97 -15.49 2.65
CA ALA E 102 -3.05 -15.29 1.67
C ALA E 102 -2.87 -13.98 0.92
N LEU E 103 -2.58 -12.92 1.68
CA LEU E 103 -2.29 -11.62 1.09
C LEU E 103 -1.27 -11.79 -0.01
N SER E 104 -0.18 -12.48 0.29
CA SER E 104 0.94 -12.66 -0.63
C SER E 104 0.64 -13.57 -1.82
N GLN E 105 -0.40 -14.40 -1.72
CA GLN E 105 -0.80 -15.28 -2.83
C GLN E 105 -1.85 -14.67 -3.77
N GLY E 106 -2.17 -13.39 -3.58
CA GLY E 106 -3.22 -12.74 -4.36
C GLY E 106 -4.64 -13.22 -4.03
N LYS E 107 -4.82 -13.80 -2.83
CA LYS E 107 -6.13 -14.30 -2.42
C LYS E 107 -6.99 -13.15 -1.89
N TYR E 108 -8.31 -13.26 -2.11
CA TYR E 108 -9.27 -12.43 -1.38
C TYR E 108 -9.28 -12.87 0.07
N VAL E 109 -9.19 -11.92 0.99
CA VAL E 109 -9.17 -12.21 2.41
C VAL E 109 -10.43 -11.67 3.08
N LEU E 110 -11.30 -12.59 3.51
CA LEU E 110 -12.52 -12.24 4.25
C LEU E 110 -12.36 -12.57 5.72
N LEU E 111 -12.34 -11.55 6.58
CA LEU E 111 -12.49 -11.78 8.02
C LEU E 111 -13.97 -11.97 8.31
N VAL E 112 -14.26 -12.88 9.23
CA VAL E 112 -15.62 -13.21 9.62
C VAL E 112 -15.70 -13.28 11.13
N ILE E 113 -16.54 -12.42 11.72
CA ILE E 113 -16.68 -12.32 13.18
C ILE E 113 -18.12 -12.64 13.59
N PRO E 114 -18.29 -13.40 14.68
CA PRO E 114 -19.64 -13.70 15.14
C PRO E 114 -20.40 -12.44 15.52
N ASP E 115 -21.72 -12.44 15.34
CA ASP E 115 -22.53 -11.24 15.55
C ASP E 115 -22.34 -10.65 16.97
N GLU E 116 -22.25 -11.53 17.96
CA GLU E 116 -21.94 -11.16 19.35
C GLU E 116 -20.75 -10.19 19.44
N ASP E 117 -19.69 -10.52 18.71
CA ASP E 117 -18.39 -9.87 18.85
C ASP E 117 -18.13 -8.69 17.88
N TYR E 118 -18.81 -8.68 16.73
CA TYR E 118 -18.63 -7.63 15.70
C TYR E 118 -18.81 -6.22 16.27
N GLY E 119 -17.79 -5.38 16.13
CA GLY E 119 -17.79 -4.05 16.73
C GLY E 119 -16.61 -3.85 17.66
N LYS E 120 -16.26 -4.92 18.39
CA LYS E 120 -15.12 -4.90 19.31
C LYS E 120 -13.79 -4.63 18.55
N PRO E 121 -12.76 -4.10 19.25
CA PRO E 121 -11.49 -3.82 18.59
C PRO E 121 -10.84 -5.02 17.93
N ILE E 122 -10.37 -4.84 16.68
CA ILE E 122 -9.48 -5.78 16.02
C ILE E 122 -8.10 -5.16 15.82
N SER E 123 -7.13 -5.99 15.46
CA SER E 123 -5.74 -5.55 15.32
C SER E 123 -5.57 -4.68 14.08
N LEU E 124 -4.75 -3.64 14.21
CA LEU E 124 -4.43 -2.78 13.08
C LEU E 124 -4.08 -3.59 11.83
N MET E 125 -3.32 -4.66 12.01
CA MET E 125 -2.81 -5.43 10.87
C MET E 125 -3.86 -6.34 10.26
N SER E 126 -4.79 -6.83 11.07
CA SER E 126 -5.89 -7.64 10.55
C SER E 126 -6.85 -6.75 9.79
N TRP E 127 -7.17 -5.61 10.39
CA TRP E 127 -7.93 -4.57 9.72
C TRP E 127 -7.28 -4.20 8.39
N GLY E 128 -5.97 -3.99 8.40
CA GLY E 128 -5.23 -3.64 7.20
C GLY E 128 -5.14 -4.76 6.17
N VAL E 129 -5.00 -6.00 6.62
CA VAL E 129 -4.78 -7.12 5.70
C VAL E 129 -6.07 -7.57 5.03
N SER E 130 -7.19 -7.41 5.71
CA SER E 130 -8.49 -7.88 5.25
C SER E 130 -9.08 -7.05 4.12
N ASP E 131 -9.55 -7.71 3.06
CA ASP E 131 -10.26 -7.02 2.00
C ASP E 131 -11.66 -6.64 2.50
N ASN E 132 -12.16 -7.37 3.50
CA ASN E 132 -13.49 -7.18 4.05
C ASN E 132 -13.65 -7.89 5.39
N VAL E 133 -14.45 -7.31 6.28
CA VAL E 133 -14.85 -7.94 7.53
C VAL E 133 -16.38 -7.94 7.53
N ILE E 134 -17.00 -9.05 7.94
CA ILE E 134 -18.46 -9.14 7.96
C ILE E 134 -18.93 -9.83 9.22
N LYS E 135 -20.24 -9.71 9.50
CA LYS E 135 -20.88 -10.43 10.60
C LYS E 135 -21.10 -11.87 10.15
N MET E 136 -21.28 -12.77 11.12
CA MET E 136 -21.38 -14.21 10.85
C MET E 136 -22.70 -14.56 10.13
N SER E 137 -23.74 -13.80 10.45
CA SER E 137 -25.06 -13.98 9.81
C SER E 137 -25.06 -13.57 8.33
N GLN E 138 -24.00 -12.90 7.88
CA GLN E 138 -23.88 -12.48 6.49
C GLN E 138 -23.07 -13.47 5.63
N LEU E 139 -22.41 -14.44 6.26
CA LEU E 139 -21.51 -15.37 5.55
C LEU E 139 -22.27 -16.20 4.52
N LYS E 140 -23.43 -16.70 4.92
CA LYS E 140 -24.22 -17.61 4.09
C LYS E 140 -24.80 -16.95 2.83
N ASP E 141 -24.89 -15.62 2.84
CA ASP E 141 -25.42 -14.87 1.71
C ASP E 141 -24.34 -14.14 0.90
N PHE E 142 -23.12 -14.08 1.44
CA PHE E 142 -22.05 -13.34 0.79
C PHE E 142 -21.80 -13.92 -0.59
N ASN E 143 -21.76 -13.05 -1.60
CA ASN E 143 -21.47 -13.44 -2.98
C ASN E 143 -19.96 -13.44 -3.24
N PHE E 144 -19.37 -14.63 -3.18
CA PHE E 144 -17.95 -14.81 -3.40
C PHE E 144 -17.53 -14.71 -4.88
N ASN E 145 -18.48 -14.72 -5.81
CA ASN E 145 -18.21 -14.48 -7.25
C ASN E 145 -17.98 -12.99 -7.59
N LYS E 146 -18.44 -12.13 -6.69
CA LYS E 146 -18.31 -10.69 -6.82
C LYS E 146 -17.84 -10.16 -5.47
N PRO E 147 -16.63 -10.55 -5.05
CA PRO E 147 -16.15 -10.15 -3.74
C PRO E 147 -15.55 -8.75 -3.81
N ARG E 148 -16.02 -7.86 -2.95
CA ARG E 148 -15.60 -6.46 -2.97
C ARG E 148 -14.94 -6.02 -1.65
N PHE E 149 -14.29 -4.87 -1.70
CA PHE E 149 -13.63 -4.30 -0.54
C PHE E 149 -14.59 -3.57 0.38
N ASP E 150 -14.28 -3.53 1.67
CA ASP E 150 -14.99 -2.68 2.62
C ASP E 150 -14.33 -2.60 3.98
N PHE E 151 -14.49 -1.46 4.64
CA PHE E 151 -13.96 -1.25 5.96
C PHE E 151 -14.81 -1.93 6.99
N TYR E 152 -14.16 -2.34 8.06
CA TYR E 152 -14.80 -2.86 9.27
C TYR E 152 -15.57 -1.74 9.96
N GLU E 153 -16.83 -2.01 10.34
CA GLU E 153 -17.59 -1.08 11.18
C GLU E 153 -17.31 -1.34 12.66
N GLY E 154 -16.11 -0.97 13.10
CA GLY E 154 -15.71 -1.18 14.48
C GLY E 154 -14.40 -0.51 14.85
N ALA E 155 -13.92 -0.79 16.07
CA ALA E 155 -12.68 -0.20 16.57
C ALA E 155 -11.45 -0.97 16.08
N VAL E 156 -10.31 -0.28 16.03
CA VAL E 156 -9.04 -0.85 15.63
C VAL E 156 -7.91 -0.32 16.50
N TYR E 157 -7.16 -1.22 17.13
CA TYR E 157 -6.06 -0.84 18.03
C TYR E 157 -4.71 -1.21 17.41
N PRO F 2 29.85 -3.78 8.45
CA PRO F 2 28.58 -3.34 7.87
C PRO F 2 27.41 -3.54 8.85
N LYS F 3 26.35 -2.75 8.66
CA LYS F 3 25.24 -2.71 9.60
C LYS F 3 23.93 -3.03 8.89
N LYS F 4 22.97 -3.52 9.66
CA LYS F 4 21.66 -3.83 9.13
C LYS F 4 20.60 -3.02 9.84
N THR F 5 19.48 -2.82 9.18
CA THR F 5 18.38 -2.06 9.75
C THR F 5 17.26 -3.02 10.05
N ILE F 6 16.57 -2.81 11.18
CA ILE F 6 15.48 -3.71 11.55
C ILE F 6 14.10 -3.03 11.47
N TYR F 7 13.07 -3.86 11.49
CA TYR F 7 11.71 -3.41 11.78
C TYR F 7 11.40 -3.95 13.18
N PHE F 8 11.23 -3.08 14.15
CA PHE F 8 11.07 -3.49 15.55
C PHE F 8 9.64 -3.97 15.84
N GLY F 9 9.37 -5.23 15.51
CA GLY F 9 8.08 -5.85 15.76
C GLY F 9 7.90 -6.30 17.20
N ALA F 10 7.50 -5.37 18.06
CA ALA F 10 7.17 -5.65 19.46
C ALA F 10 5.82 -5.03 19.77
N GLY F 11 4.92 -5.81 20.37
CA GLY F 11 3.66 -5.29 20.90
C GLY F 11 3.92 -4.48 22.17
N TRP F 12 2.93 -3.73 22.64
CA TRP F 12 3.11 -2.85 23.81
C TRP F 12 1.88 -2.70 24.70
N ARG F 13 0.93 -3.64 24.61
CA ARG F 13 -0.33 -3.56 25.37
C ARG F 13 -0.13 -3.93 26.85
N THR F 14 0.59 -5.03 27.11
CA THR F 14 0.60 -5.67 28.43
C THR F 14 1.87 -5.46 29.27
N ASP F 15 1.87 -5.97 30.49
CA ASP F 15 3.04 -5.92 31.36
C ASP F 15 4.18 -6.79 30.83
N ARG F 16 3.82 -7.97 30.32
CA ARG F 16 4.79 -8.90 29.72
C ARG F 16 5.33 -8.41 28.37
N GLN F 17 4.53 -7.62 27.66
CA GLN F 17 4.93 -7.16 26.33
C GLN F 17 5.82 -5.93 26.43
N ASN F 18 5.47 -5.01 27.32
CA ASN F 18 6.32 -3.85 27.58
C ASN F 18 7.65 -4.28 28.15
N LYS F 19 7.64 -5.32 28.99
CA LYS F 19 8.88 -5.80 29.61
C LYS F 19 9.84 -6.24 28.53
N ALA F 20 9.37 -7.16 27.70
CA ALA F 20 10.14 -7.72 26.59
C ALA F 20 10.59 -6.64 25.61
N TYR F 21 9.69 -5.70 25.33
CA TYR F 21 9.99 -4.54 24.48
C TYR F 21 11.25 -3.85 25.00
N LYS F 22 11.22 -3.41 26.25
CA LYS F 22 12.33 -2.68 26.86
C LYS F 22 13.65 -3.43 26.71
N GLU F 23 13.60 -4.75 26.92
CA GLU F 23 14.77 -5.60 26.90
C GLU F 23 15.28 -5.82 25.47
N ALA F 24 14.36 -5.88 24.51
CA ALA F 24 14.74 -5.99 23.10
C ALA F 24 15.40 -4.72 22.58
N MET F 25 14.97 -3.58 23.08
CA MET F 25 15.48 -2.31 22.59
C MET F 25 16.82 -1.96 23.22
N GLU F 26 17.04 -2.39 24.46
CA GLU F 26 18.33 -2.19 25.10
C GLU F 26 19.36 -3.10 24.46
N ALA F 27 18.93 -4.29 24.06
CA ALA F 27 19.81 -5.26 23.39
C ALA F 27 20.35 -4.69 22.08
N LEU F 28 19.43 -4.21 21.24
CA LEU F 28 19.78 -3.70 19.92
C LEU F 28 20.74 -2.50 19.95
N LYS F 29 20.69 -1.72 21.02
CA LYS F 29 21.55 -0.55 21.15
C LYS F 29 23.01 -0.96 21.33
N GLU F 30 23.25 -2.02 22.10
CA GLU F 30 24.61 -2.51 22.37
C GLU F 30 25.14 -3.43 21.26
N ASN F 31 24.25 -4.01 20.46
CA ASN F 31 24.65 -4.84 19.33
C ASN F 31 25.22 -3.98 18.17
N PRO F 32 26.52 -4.13 17.86
CA PRO F 32 27.11 -3.23 16.87
C PRO F 32 26.80 -3.57 15.39
N THR F 33 26.16 -4.71 15.11
CA THR F 33 25.79 -5.09 13.74
C THR F 33 24.43 -4.53 13.32
N ILE F 34 23.78 -3.80 14.22
CA ILE F 34 22.46 -3.21 13.97
C ILE F 34 22.56 -1.70 13.91
N ASP F 35 22.05 -1.12 12.82
CA ASP F 35 21.90 0.36 12.68
C ASP F 35 20.50 0.74 13.17
N LEU F 36 20.41 1.10 14.45
CA LEU F 36 19.13 1.42 15.07
C LEU F 36 18.60 2.77 14.61
N GLU F 37 19.50 3.72 14.36
CA GLU F 37 19.06 5.05 13.96
C GLU F 37 18.22 5.01 12.70
N ASN F 38 18.59 4.17 11.73
CA ASN F 38 17.87 4.07 10.47
C ASN F 38 16.97 2.84 10.40
N SER F 39 16.55 2.33 11.56
CA SER F 39 15.58 1.24 11.62
C SER F 39 14.17 1.80 11.80
N TYR F 40 13.16 0.95 11.63
CA TYR F 40 11.78 1.39 11.81
C TYR F 40 11.18 0.81 13.07
N VAL F 41 11.00 1.67 14.08
CA VAL F 41 10.28 1.30 15.30
C VAL F 41 8.90 1.98 15.29
N PRO F 42 7.83 1.17 15.19
CA PRO F 42 6.48 1.69 15.07
C PRO F 42 6.13 2.84 15.99
N LEU F 43 6.56 2.80 17.25
CA LEU F 43 6.12 3.81 18.23
C LEU F 43 6.65 5.22 17.94
N ASP F 44 7.64 5.34 17.05
CA ASP F 44 8.13 6.63 16.57
C ASP F 44 7.58 7.00 15.19
N ASN F 45 6.57 6.27 14.75
CA ASN F 45 6.03 6.39 13.40
C ASN F 45 4.53 6.13 13.34
N GLN F 46 3.81 6.44 14.42
CA GLN F 46 2.36 6.40 14.38
C GLN F 46 1.93 7.70 13.69
N TYR F 47 0.93 7.58 12.82
CA TYR F 47 0.36 8.74 12.13
C TYR F 47 0.06 9.91 13.06
N LYS F 48 0.48 11.09 12.63
CA LYS F 48 0.48 12.31 13.44
C LYS F 48 1.13 12.18 14.83
N GLY F 49 2.02 11.20 15.01
CA GLY F 49 2.59 10.93 16.33
C GLY F 49 1.60 10.47 17.41
N ILE F 50 0.45 9.93 17.01
CA ILE F 50 -0.61 9.55 17.94
C ILE F 50 -0.72 8.04 18.20
N ARG F 51 -0.74 7.68 19.49
CA ARG F 51 -0.95 6.29 19.94
C ARG F 51 -2.39 6.07 20.44
N VAL F 52 -3.13 5.17 19.79
CA VAL F 52 -4.53 4.86 20.17
C VAL F 52 -4.66 4.41 21.63
N ASP F 53 -3.71 3.60 22.09
CA ASP F 53 -3.54 3.22 23.50
C ASP F 53 -3.68 4.49 24.37
N GLU F 54 -2.98 5.56 23.97
CA GLU F 54 -3.01 6.84 24.67
C GLU F 54 -4.18 7.75 24.30
N HIS F 55 -4.75 7.57 23.11
CA HIS F 55 -5.79 8.46 22.58
C HIS F 55 -6.90 7.62 21.96
N PRO F 56 -7.80 7.06 22.80
CA PRO F 56 -8.86 6.19 22.28
C PRO F 56 -9.88 6.96 21.41
N GLU F 57 -9.72 8.27 21.37
CA GLU F 57 -10.36 9.14 20.36
C GLU F 57 -10.02 8.78 18.90
N TYR F 58 -8.93 8.03 18.69
CA TYR F 58 -8.51 7.59 17.35
C TYR F 58 -8.85 6.12 17.03
N LEU F 59 -9.55 5.45 17.94
CA LEU F 59 -9.99 4.07 17.73
C LEU F 59 -10.91 3.86 16.53
N HIS F 60 -11.51 4.93 16.02
CA HIS F 60 -12.38 4.80 14.86
C HIS F 60 -11.95 5.68 13.69
N ASP F 61 -10.77 6.28 13.79
CA ASP F 61 -10.25 7.12 12.71
C ASP F 61 -9.64 6.25 11.59
N LYS F 62 -10.35 6.18 10.46
CA LYS F 62 -9.86 5.37 9.33
C LYS F 62 -8.63 5.96 8.62
N VAL F 63 -8.45 7.29 8.71
CA VAL F 63 -7.26 7.90 8.13
C VAL F 63 -6.06 7.53 8.97
N TRP F 64 -6.22 7.60 10.29
CA TRP F 64 -5.15 7.24 11.18
C TRP F 64 -4.71 5.77 10.96
N ALA F 65 -5.66 4.85 10.87
CA ALA F 65 -5.34 3.45 10.65
C ALA F 65 -4.69 3.19 9.30
N THR F 66 -5.17 3.85 8.25
CA THR F 66 -4.64 3.65 6.91
C THR F 66 -3.17 4.10 6.89
N ALA F 67 -2.90 5.22 7.54
CA ALA F 67 -1.57 5.80 7.52
C ALA F 67 -0.60 4.91 8.30
N THR F 68 -0.99 4.54 9.52
CA THR F 68 -0.13 3.77 10.41
C THR F 68 0.13 2.38 9.85
N TYR F 69 -0.91 1.74 9.33
CA TYR F 69 -0.76 0.45 8.67
C TYR F 69 0.17 0.56 7.47
N ASN F 70 -0.06 1.55 6.61
CA ASN F 70 0.84 1.76 5.47
C ASN F 70 2.28 2.01 5.92
N ASN F 71 2.46 2.78 6.98
CA ASN F 71 3.81 3.13 7.41
C ASN F 71 4.52 1.89 7.94
N ASP F 72 3.78 1.03 8.64
CA ASP F 72 4.35 -0.20 9.19
C ASP F 72 4.76 -1.14 8.06
N LEU F 73 3.87 -1.33 7.10
CA LEU F 73 4.22 -2.18 5.99
C LEU F 73 5.46 -1.61 5.32
N ASN F 74 5.51 -0.28 5.19
CA ASN F 74 6.65 0.33 4.51
C ASN F 74 7.92 0.15 5.35
N GLY F 75 7.77 0.17 6.67
CA GLY F 75 8.86 -0.08 7.60
C GLY F 75 9.45 -1.48 7.49
N ILE F 76 8.59 -2.45 7.17
CA ILE F 76 9.01 -3.84 6.99
C ILE F 76 9.70 -3.98 5.65
N LYS F 77 9.16 -3.40 4.59
CA LYS F 77 9.71 -3.62 3.23
C LYS F 77 11.00 -2.87 2.97
N THR F 78 11.22 -1.75 3.67
CA THR F 78 12.39 -0.92 3.45
C THR F 78 13.52 -1.18 4.42
N ASN F 79 13.41 -2.18 5.29
CA ASN F 79 14.50 -2.55 6.18
C ASN F 79 14.92 -4.01 6.02
N ASP F 80 16.12 -4.34 6.47
CA ASP F 80 16.75 -5.63 6.19
C ASP F 80 16.17 -6.80 7.00
N ILE F 81 16.02 -6.60 8.30
CA ILE F 81 15.63 -7.68 9.20
C ILE F 81 14.26 -7.39 9.82
N MET F 82 13.45 -8.44 9.92
CA MET F 82 12.18 -8.39 10.60
C MET F 82 12.39 -8.95 11.97
N LEU F 83 12.19 -8.13 13.01
CA LEU F 83 12.43 -8.59 14.40
C LEU F 83 11.12 -8.70 15.18
N GLY F 84 10.71 -9.93 15.48
CA GLY F 84 9.44 -10.20 16.15
C GLY F 84 9.65 -10.63 17.57
N VAL F 85 9.14 -9.85 18.53
CA VAL F 85 9.24 -10.21 19.94
C VAL F 85 8.00 -11.04 20.32
N TYR F 86 8.21 -12.33 20.54
CA TYR F 86 7.13 -13.31 20.71
C TYR F 86 6.94 -13.59 22.18
N ILE F 87 5.68 -13.54 22.63
CA ILE F 87 5.33 -14.02 23.96
C ILE F 87 4.35 -15.16 23.73
N PRO F 88 4.80 -16.41 23.88
CA PRO F 88 3.92 -17.56 23.57
C PRO F 88 2.54 -17.50 24.22
N ASP F 89 2.48 -17.49 25.55
CA ASP F 89 1.19 -17.52 26.27
C ASP F 89 0.22 -16.45 25.76
N GLU F 90 0.74 -15.32 25.28
CA GLU F 90 -0.09 -14.19 24.84
C GLU F 90 0.64 -13.33 23.80
N GLY F 92 -1.26 -12.03 20.54
CA GLY F 92 -2.15 -11.27 19.64
C GLY F 92 -1.91 -11.52 18.16
N THR F 93 -2.54 -10.73 17.31
CA THR F 93 -2.69 -11.11 15.89
C THR F 93 -2.01 -10.11 14.92
N GLY F 94 -1.21 -9.19 15.47
CA GLY F 94 -0.44 -8.25 14.68
C GLY F 94 0.89 -8.81 14.26
N LEU F 95 1.47 -9.67 15.09
CA LEU F 95 2.79 -10.23 14.80
C LEU F 95 2.67 -11.19 13.62
N GLY F 96 1.77 -12.16 13.71
CA GLY F 96 1.44 -13.04 12.59
C GLY F 96 1.45 -12.34 11.25
N MET F 97 0.67 -11.25 11.14
CA MET F 97 0.58 -10.51 9.87
C MET F 97 1.89 -9.82 9.49
N GLU F 98 2.63 -9.33 10.48
CA GLU F 98 3.92 -8.68 10.23
C GLU F 98 4.92 -9.69 9.72
N LEU F 99 5.06 -10.78 10.46
CA LEU F 99 5.89 -11.93 10.07
C LEU F 99 5.60 -12.40 8.65
N GLY F 100 4.34 -12.61 8.32
CA GLY F 100 3.97 -13.17 7.03
C GLY F 100 4.20 -12.18 5.91
N TYR F 101 4.11 -10.90 6.24
CA TYR F 101 4.40 -9.84 5.30
C TYR F 101 5.91 -9.73 5.07
N ALA F 102 6.69 -9.88 6.14
CA ALA F 102 8.15 -9.90 6.03
C ALA F 102 8.58 -11.09 5.18
N LEU F 103 8.06 -12.27 5.49
CA LEU F 103 8.25 -13.46 4.65
C LEU F 103 7.97 -13.19 3.18
N SER F 104 6.82 -12.60 2.88
CA SER F 104 6.51 -12.24 1.51
C SER F 104 7.52 -11.24 0.91
N GLN F 105 8.02 -10.31 1.71
CA GLN F 105 9.01 -9.34 1.21
C GLN F 105 10.49 -9.82 1.24
N GLY F 106 10.72 -11.12 1.44
CA GLY F 106 12.08 -11.68 1.40
C GLY F 106 13.00 -11.25 2.53
N LYS F 107 12.42 -10.98 3.68
CA LYS F 107 13.13 -10.48 4.83
C LYS F 107 13.52 -11.65 5.69
N TYR F 108 14.61 -11.50 6.43
CA TYR F 108 14.99 -12.46 7.45
C TYR F 108 14.12 -12.29 8.67
N VAL F 109 13.38 -13.33 9.04
CA VAL F 109 12.46 -13.25 10.17
C VAL F 109 13.05 -13.88 11.43
N LEU F 110 13.50 -13.04 12.35
CA LEU F 110 14.05 -13.45 13.64
C LEU F 110 13.01 -13.24 14.78
N LEU F 111 12.58 -14.33 15.41
CA LEU F 111 11.73 -14.26 16.59
C LEU F 111 12.58 -14.21 17.87
N VAL F 112 12.14 -13.40 18.83
CA VAL F 112 12.88 -13.25 20.07
C VAL F 112 11.93 -13.51 21.24
N ILE F 113 12.22 -14.57 22.01
CA ILE F 113 11.38 -14.95 23.13
C ILE F 113 12.12 -14.70 24.44
N PRO F 114 11.43 -14.11 25.43
CA PRO F 114 12.05 -13.85 26.73
C PRO F 114 12.76 -15.06 27.29
N ASP F 115 13.89 -14.85 27.96
CA ASP F 115 14.61 -15.95 28.61
C ASP F 115 13.62 -16.82 29.37
N GLU F 116 12.75 -16.14 30.15
CA GLU F 116 11.79 -16.80 31.04
C GLU F 116 10.68 -17.58 30.33
N ASP F 117 10.56 -17.43 29.01
CA ASP F 117 9.59 -18.21 28.23
C ASP F 117 10.22 -19.16 27.19
N TYR F 118 11.54 -19.15 27.03
CA TYR F 118 12.18 -19.87 25.91
C TYR F 118 12.04 -21.35 26.13
N GLY F 119 11.40 -22.03 25.20
CA GLY F 119 11.16 -23.46 25.32
C GLY F 119 9.70 -23.84 25.45
N LYS F 120 8.85 -22.88 25.82
CA LYS F 120 7.41 -23.09 25.76
C LYS F 120 6.99 -23.27 24.29
N PRO F 121 5.88 -24.00 24.04
CA PRO F 121 5.46 -24.23 22.65
C PRO F 121 5.12 -22.96 21.93
N ILE F 122 5.40 -22.90 20.63
CA ILE F 122 4.97 -21.78 19.82
C ILE F 122 4.07 -22.29 18.69
N SER F 123 3.35 -21.40 18.02
CA SER F 123 2.37 -21.81 17.02
C SER F 123 3.05 -22.36 15.76
N LEU F 124 2.49 -23.44 15.21
CA LEU F 124 3.02 -24.08 13.99
C LEU F 124 3.26 -23.08 12.86
N MET F 125 2.51 -21.99 12.88
CA MET F 125 2.70 -20.92 11.93
C MET F 125 3.88 -20.03 12.29
N SER F 126 4.03 -19.64 13.55
CA SER F 126 5.21 -18.87 13.94
C SER F 126 6.48 -19.70 13.68
N TRP F 127 6.43 -20.96 14.08
CA TRP F 127 7.51 -21.89 13.82
C TRP F 127 7.82 -22.01 12.33
N GLY F 128 6.78 -22.10 11.53
CA GLY F 128 6.95 -22.36 10.09
C GLY F 128 7.51 -21.18 9.35
N VAL F 129 7.04 -19.99 9.70
CA VAL F 129 7.39 -18.79 8.97
C VAL F 129 8.70 -18.19 9.44
N SER F 130 9.12 -18.50 10.67
CA SER F 130 10.36 -17.93 11.19
C SER F 130 11.61 -18.61 10.61
N ASP F 131 12.68 -17.81 10.51
CA ASP F 131 13.98 -18.25 10.03
C ASP F 131 14.87 -18.69 11.17
N ASN F 132 14.72 -18.03 12.32
CA ASN F 132 15.41 -18.44 13.54
C ASN F 132 14.69 -17.94 14.80
N VAL F 133 14.79 -18.68 15.91
CA VAL F 133 14.21 -18.26 17.18
C VAL F 133 15.27 -18.24 18.31
N ILE F 134 15.75 -17.07 18.69
CA ILE F 134 16.67 -16.93 19.82
C ILE F 134 15.95 -16.44 21.06
N LYS F 135 16.64 -16.45 22.19
CA LYS F 135 16.11 -15.91 23.45
C LYS F 135 16.66 -14.50 23.69
N MET F 136 15.94 -13.69 24.47
CA MET F 136 16.25 -12.26 24.62
C MET F 136 17.73 -11.96 24.93
N SER F 137 18.36 -12.78 25.77
CA SER F 137 19.74 -12.54 26.19
C SER F 137 20.77 -12.76 25.05
N GLN F 138 20.34 -13.41 23.98
CA GLN F 138 21.17 -13.62 22.80
C GLN F 138 21.15 -12.44 21.83
N LEU F 139 20.20 -11.52 21.97
CA LEU F 139 19.99 -10.49 20.93
C LEU F 139 21.13 -9.48 20.85
N LYS F 140 21.66 -9.07 21.99
CA LYS F 140 22.71 -8.05 22.00
C LYS F 140 23.98 -8.54 21.32
N ASP F 141 24.05 -9.85 21.04
CA ASP F 141 25.24 -10.45 20.49
C ASP F 141 25.01 -11.21 19.17
N PHE F 142 23.77 -11.27 18.69
CA PHE F 142 23.45 -11.88 17.39
C PHE F 142 24.17 -11.20 16.23
N ASN F 143 24.84 -11.97 15.39
CA ASN F 143 25.53 -11.39 14.23
C ASN F 143 24.55 -11.29 13.06
N PHE F 144 24.05 -10.08 12.83
CA PHE F 144 22.99 -9.87 11.84
C PHE F 144 23.52 -9.80 10.44
N ASN F 145 24.83 -9.59 10.30
CA ASN F 145 25.48 -9.69 9.00
C ASN F 145 25.57 -11.10 8.48
N LYS F 146 25.48 -12.09 9.38
CA LYS F 146 25.51 -13.48 8.99
C LYS F 146 24.29 -14.20 9.59
N PRO F 147 23.08 -13.82 9.17
CA PRO F 147 21.87 -14.43 9.70
C PRO F 147 21.57 -15.80 9.08
N ARG F 148 21.36 -16.82 9.91
CA ARG F 148 21.19 -18.19 9.41
C ARG F 148 19.94 -18.90 9.91
N PHE F 149 19.60 -20.00 9.25
CA PHE F 149 18.39 -20.74 9.60
C PHE F 149 18.67 -21.75 10.68
N ASP F 150 17.74 -21.88 11.62
CA ASP F 150 17.83 -22.88 12.67
C ASP F 150 16.45 -23.13 13.24
N PHE F 151 16.21 -24.36 13.67
CA PHE F 151 14.97 -24.76 14.31
C PHE F 151 14.89 -24.20 15.74
N TYR F 152 13.66 -23.99 16.18
CA TYR F 152 13.35 -23.68 17.57
C TYR F 152 13.71 -24.86 18.42
N GLU F 153 14.38 -24.61 19.55
CA GLU F 153 14.78 -25.67 20.46
C GLU F 153 13.57 -26.35 21.15
N GLY F 154 12.39 -25.74 21.00
CA GLY F 154 11.17 -26.26 21.59
C GLY F 154 10.20 -26.92 20.62
N ALA F 155 8.98 -27.13 21.12
CA ALA F 155 7.91 -27.84 20.41
C ALA F 155 6.92 -26.86 19.79
N VAL F 156 5.87 -27.40 19.18
CA VAL F 156 4.89 -26.59 18.44
C VAL F 156 3.44 -26.96 18.81
N TYR F 157 2.51 -26.05 18.52
CA TYR F 157 1.06 -26.36 18.54
C TYR F 157 0.41 -25.71 17.31
N PRO G 2 -15.12 -31.00 -10.94
CA PRO G 2 -14.15 -29.92 -11.12
C PRO G 2 -12.89 -30.39 -11.82
N LYS G 3 -12.27 -29.51 -12.60
CA LYS G 3 -11.10 -29.86 -13.40
C LYS G 3 -10.05 -28.77 -13.39
N LYS G 4 -8.80 -29.17 -13.13
CA LYS G 4 -7.65 -28.27 -13.13
C LYS G 4 -6.89 -28.39 -14.45
N THR G 5 -6.29 -27.29 -14.90
CA THR G 5 -5.44 -27.32 -16.08
C THR G 5 -3.98 -27.36 -15.63
N ILE G 6 -3.09 -27.77 -16.52
CA ILE G 6 -1.68 -27.86 -16.18
C ILE G 6 -0.75 -27.26 -17.25
N TYR G 7 0.48 -26.96 -16.81
CA TYR G 7 1.60 -26.73 -17.71
C TYR G 7 2.33 -28.08 -17.86
N PHE G 8 2.44 -28.57 -19.09
CA PHE G 8 3.13 -29.84 -19.33
C PHE G 8 4.62 -29.58 -19.46
N GLY G 9 5.34 -29.70 -18.36
CA GLY G 9 6.78 -29.45 -18.32
C GLY G 9 7.58 -30.74 -18.49
N ALA G 10 7.81 -31.14 -19.74
CA ALA G 10 8.43 -32.42 -20.04
C ALA G 10 9.36 -32.32 -21.25
N GLY G 11 10.64 -32.62 -21.06
CA GLY G 11 11.62 -32.54 -22.14
C GLY G 11 11.38 -33.55 -23.24
N TRP G 12 11.88 -33.24 -24.43
CA TRP G 12 11.75 -34.10 -25.60
C TRP G 12 13.13 -34.36 -26.27
N ARG G 13 14.20 -34.21 -25.48
CA ARG G 13 15.56 -34.16 -26.00
C ARG G 13 16.31 -35.50 -26.04
N THR G 14 15.91 -36.46 -25.20
CA THR G 14 16.62 -37.74 -25.06
C THR G 14 15.70 -38.93 -25.27
N ASP G 15 16.31 -40.10 -25.51
CA ASP G 15 15.57 -41.36 -25.62
C ASP G 15 14.70 -41.60 -24.38
N ARG G 16 15.28 -41.39 -23.20
CA ARG G 16 14.53 -41.55 -21.95
C ARG G 16 13.51 -40.43 -21.69
N GLN G 17 13.80 -39.20 -22.12
CA GLN G 17 12.89 -38.05 -21.90
C GLN G 17 11.65 -38.15 -22.77
N ASN G 18 11.82 -38.53 -24.02
CA ASN G 18 10.71 -38.77 -24.93
C ASN G 18 9.84 -39.93 -24.47
N LYS G 19 10.47 -40.90 -23.82
CA LYS G 19 9.79 -42.05 -23.22
C LYS G 19 8.74 -41.57 -22.21
N ALA G 20 9.20 -40.87 -21.18
CA ALA G 20 8.33 -40.44 -20.08
C ALA G 20 7.26 -39.42 -20.52
N TYR G 21 7.58 -38.63 -21.54
CA TYR G 21 6.64 -37.66 -22.14
C TYR G 21 5.40 -38.38 -22.62
N LYS G 22 5.60 -39.42 -23.44
CA LYS G 22 4.50 -40.22 -23.97
C LYS G 22 3.65 -40.82 -22.85
N GLU G 23 4.33 -41.47 -21.89
CA GLU G 23 3.69 -42.12 -20.74
C GLU G 23 2.83 -41.17 -19.91
N ALA G 24 3.27 -39.91 -19.83
CA ALA G 24 2.60 -38.88 -19.03
C ALA G 24 1.34 -38.33 -19.71
N MET G 25 1.47 -37.89 -20.97
CA MET G 25 0.29 -37.46 -21.76
C MET G 25 -0.74 -38.58 -21.82
N GLU G 26 -0.29 -39.82 -21.99
CA GLU G 26 -1.17 -40.99 -21.81
C GLU G 26 -1.90 -40.88 -20.46
N ALA G 27 -1.12 -40.64 -19.41
CA ALA G 27 -1.62 -40.66 -18.04
C ALA G 27 -2.64 -39.57 -17.72
N LEU G 28 -2.36 -38.35 -18.18
CA LEU G 28 -3.26 -37.21 -17.94
C LEU G 28 -4.58 -37.32 -18.73
N LYS G 29 -4.51 -37.92 -19.93
CA LYS G 29 -5.70 -38.23 -20.75
C LYS G 29 -6.71 -39.12 -20.00
N GLU G 30 -6.21 -39.97 -19.11
CA GLU G 30 -7.02 -40.90 -18.31
C GLU G 30 -7.52 -40.29 -17.00
N ASN G 31 -6.75 -39.38 -16.41
CA ASN G 31 -7.15 -38.74 -15.15
C ASN G 31 -8.37 -37.82 -15.32
N PRO G 32 -9.49 -38.12 -14.62
CA PRO G 32 -10.72 -37.39 -14.87
C PRO G 32 -10.78 -35.97 -14.30
N THR G 33 -9.78 -35.56 -13.51
CA THR G 33 -9.78 -34.22 -12.89
C THR G 33 -8.78 -33.27 -13.57
N ILE G 34 -8.57 -33.47 -14.87
CA ILE G 34 -7.56 -32.72 -15.62
C ILE G 34 -8.06 -32.35 -17.01
N ASP G 35 -8.13 -31.06 -17.28
CA ASP G 35 -8.53 -30.56 -18.60
C ASP G 35 -7.32 -30.42 -19.51
N LEU G 36 -7.05 -31.46 -20.29
CA LEU G 36 -5.87 -31.52 -21.16
C LEU G 36 -5.91 -30.58 -22.37
N GLU G 37 -7.10 -30.30 -22.89
CA GLU G 37 -7.22 -29.47 -24.10
C GLU G 37 -7.01 -28.01 -23.78
N ASN G 38 -7.50 -27.58 -22.62
CA ASN G 38 -7.36 -26.20 -22.17
C ASN G 38 -6.12 -26.02 -21.28
N SER G 39 -5.23 -27.00 -21.29
CA SER G 39 -3.95 -26.93 -20.59
C SER G 39 -2.88 -26.29 -21.50
N TYR G 40 -1.65 -26.19 -21.01
CA TYR G 40 -0.52 -25.72 -21.81
C TYR G 40 0.46 -26.85 -22.09
N VAL G 41 0.53 -27.26 -23.36
CA VAL G 41 1.54 -28.23 -23.78
C VAL G 41 2.49 -27.50 -24.72
N PRO G 42 3.77 -27.35 -24.32
CA PRO G 42 4.76 -26.52 -25.03
C PRO G 42 4.97 -26.84 -26.52
N LEU G 43 4.97 -28.11 -26.88
CA LEU G 43 5.11 -28.47 -28.30
C LEU G 43 3.88 -28.07 -29.14
N ASP G 44 2.71 -27.94 -28.51
CA ASP G 44 1.50 -27.49 -29.21
C ASP G 44 1.38 -25.97 -29.24
N ASN G 45 2.38 -25.29 -28.68
CA ASN G 45 2.39 -23.83 -28.58
C ASN G 45 3.76 -23.28 -28.93
N GLN G 46 4.19 -23.56 -30.16
CA GLN G 46 5.48 -23.07 -30.64
C GLN G 46 5.31 -21.70 -31.26
N TYR G 47 6.24 -20.78 -30.96
CA TYR G 47 6.18 -19.42 -31.49
C TYR G 47 5.99 -19.37 -33.00
N LYS G 48 4.88 -18.75 -33.44
CA LYS G 48 4.45 -18.73 -34.85
C LYS G 48 4.36 -20.12 -35.51
N GLY G 49 4.40 -21.18 -34.69
CA GLY G 49 4.26 -22.55 -35.18
C GLY G 49 5.52 -23.16 -35.77
N ILE G 50 6.67 -22.49 -35.58
CA ILE G 50 7.96 -23.01 -36.03
C ILE G 50 8.51 -24.08 -35.09
N ARG G 51 8.81 -25.25 -35.63
CA ARG G 51 9.46 -26.31 -34.85
C ARG G 51 10.98 -26.25 -35.07
N VAL G 52 11.70 -26.02 -33.98
CA VAL G 52 13.18 -26.00 -33.98
C VAL G 52 13.81 -27.32 -34.46
N ASP G 53 13.11 -28.43 -34.25
CA ASP G 53 13.59 -29.72 -34.76
C ASP G 53 13.65 -29.70 -36.29
N GLU G 54 12.77 -28.90 -36.92
CA GLU G 54 12.72 -28.77 -38.38
C GLU G 54 13.54 -27.59 -38.90
N HIS G 55 13.82 -26.62 -38.04
CA HIS G 55 14.64 -25.46 -38.40
C HIS G 55 15.57 -25.09 -37.24
N PRO G 56 16.66 -25.87 -37.05
CA PRO G 56 17.60 -25.64 -35.94
C PRO G 56 18.22 -24.24 -35.95
N GLU G 57 18.19 -23.59 -37.12
CA GLU G 57 18.50 -22.16 -37.27
C GLU G 57 18.13 -21.34 -36.05
N TYR G 58 16.86 -21.46 -35.64
CA TYR G 58 16.26 -20.56 -34.66
C TYR G 58 16.82 -20.70 -33.25
N LEU G 59 17.49 -21.81 -32.96
CA LEU G 59 18.10 -22.01 -31.65
C LEU G 59 19.09 -20.88 -31.28
N HIS G 60 19.63 -20.20 -32.29
CA HIS G 60 20.47 -19.00 -32.10
C HIS G 60 19.71 -17.65 -32.22
N ASP G 61 18.48 -17.68 -32.73
CA ASP G 61 17.70 -16.45 -32.91
C ASP G 61 17.17 -15.95 -31.56
N LYS G 62 17.47 -14.70 -31.24
CA LYS G 62 17.16 -14.13 -29.93
C LYS G 62 15.68 -13.80 -29.76
N VAL G 63 15.03 -13.37 -30.86
CA VAL G 63 13.60 -13.03 -30.84
C VAL G 63 12.73 -14.27 -30.65
N TRP G 64 13.05 -15.35 -31.37
CA TRP G 64 12.38 -16.63 -31.16
C TRP G 64 12.42 -17.05 -29.69
N ALA G 65 13.58 -16.91 -29.06
CA ALA G 65 13.81 -17.39 -27.69
C ALA G 65 13.05 -16.57 -26.66
N THR G 66 13.23 -15.26 -26.73
CA THR G 66 12.48 -14.31 -25.92
C THR G 66 11.01 -14.65 -26.01
N ALA G 67 10.54 -14.97 -27.21
CA ALA G 67 9.13 -15.26 -27.46
C ALA G 67 8.72 -16.62 -26.88
N THR G 68 9.53 -17.64 -27.11
CA THR G 68 9.18 -18.97 -26.61
C THR G 68 9.14 -18.93 -25.09
N TYR G 69 10.20 -18.39 -24.49
CA TYR G 69 10.32 -18.25 -23.03
C TYR G 69 9.09 -17.61 -22.40
N ASN G 70 8.69 -16.45 -22.90
CA ASN G 70 7.48 -15.80 -22.39
C ASN G 70 6.27 -16.72 -22.50
N ASN G 71 6.08 -17.30 -23.69
CA ASN G 71 4.99 -18.24 -23.90
C ASN G 71 4.96 -19.32 -22.82
N ASP G 72 6.15 -19.79 -22.46
CA ASP G 72 6.28 -20.87 -21.47
C ASP G 72 6.01 -20.39 -20.04
N LEU G 73 6.52 -19.21 -19.70
CA LEU G 73 6.20 -18.58 -18.41
C LEU G 73 4.69 -18.39 -18.31
N ASN G 74 4.12 -17.92 -19.41
CA ASN G 74 2.70 -17.63 -19.48
C ASN G 74 1.83 -18.88 -19.29
N GLY G 75 2.27 -20.00 -19.85
CA GLY G 75 1.59 -21.28 -19.68
C GLY G 75 1.59 -21.75 -18.25
N ILE G 76 2.71 -21.53 -17.55
CA ILE G 76 2.79 -21.83 -16.12
C ILE G 76 1.87 -20.92 -15.31
N LYS G 77 1.87 -19.65 -15.69
CA LYS G 77 1.15 -18.60 -14.98
C LYS G 77 -0.35 -18.72 -15.09
N THR G 78 -0.85 -19.17 -16.23
CA THR G 78 -2.29 -19.14 -16.50
C THR G 78 -3.01 -20.46 -16.17
N ASN G 79 -2.26 -21.45 -15.70
CA ASN G 79 -2.82 -22.77 -15.40
C ASN G 79 -2.64 -23.17 -13.94
N ASP G 80 -3.45 -24.13 -13.48
CA ASP G 80 -3.56 -24.42 -12.05
C ASP G 80 -2.41 -25.24 -11.47
N ILE G 81 -1.71 -26.00 -12.33
CA ILE G 81 -0.69 -26.98 -11.86
C ILE G 81 0.59 -27.04 -12.72
N MET G 82 1.74 -26.86 -12.06
CA MET G 82 3.02 -27.14 -12.69
C MET G 82 3.27 -28.66 -12.65
N LEU G 83 3.12 -29.34 -13.78
CA LEU G 83 3.30 -30.78 -13.86
C LEU G 83 4.66 -31.10 -14.49
N GLY G 84 5.66 -31.30 -13.63
CA GLY G 84 7.04 -31.55 -14.07
C GLY G 84 7.42 -33.02 -14.19
N VAL G 85 7.83 -33.43 -15.38
CA VAL G 85 8.29 -34.79 -15.61
C VAL G 85 9.81 -34.88 -15.49
N TYR G 86 10.28 -35.43 -14.36
CA TYR G 86 11.71 -35.43 -14.00
C TYR G 86 12.35 -36.76 -14.33
N ILE G 87 13.33 -36.78 -15.22
CA ILE G 87 14.20 -37.95 -15.40
C ILE G 87 15.44 -37.69 -14.55
N PRO G 88 15.53 -38.33 -13.37
CA PRO G 88 16.71 -38.09 -12.55
C PRO G 88 18.01 -38.50 -13.27
N ASP G 89 19.15 -38.06 -12.75
CA ASP G 89 20.45 -38.24 -13.41
C ASP G 89 20.33 -38.19 -14.95
N GLU G 90 19.90 -37.03 -15.44
CA GLU G 90 19.59 -36.78 -16.87
C GLU G 90 19.10 -35.35 -17.06
N GLN G 91 18.18 -34.94 -16.18
CA GLN G 91 17.57 -33.61 -16.24
C GLN G 91 18.61 -32.51 -16.05
N GLY G 92 18.33 -31.35 -16.64
CA GLY G 92 19.19 -30.18 -16.52
C GLY G 92 18.48 -29.01 -15.86
N THR G 93 18.77 -27.82 -16.37
CA THR G 93 18.32 -26.57 -15.78
C THR G 93 16.85 -26.25 -16.01
N GLY G 94 16.41 -26.41 -17.26
CA GLY G 94 15.05 -26.02 -17.67
C GLY G 94 13.99 -26.29 -16.62
N LEU G 95 13.92 -27.53 -16.18
CA LEU G 95 12.89 -27.99 -15.24
C LEU G 95 12.97 -27.20 -13.96
N GLY G 96 14.17 -27.13 -13.39
CA GLY G 96 14.41 -26.38 -12.15
C GLY G 96 13.85 -24.97 -12.11
N MET G 97 14.09 -24.22 -13.19
CA MET G 97 13.55 -22.86 -13.35
C MET G 97 12.03 -22.87 -13.35
N GLU G 98 11.41 -23.78 -14.10
CA GLU G 98 9.95 -23.89 -14.15
C GLU G 98 9.34 -24.18 -12.79
N LEU G 99 10.01 -24.99 -12.00
CA LEU G 99 9.53 -25.36 -10.67
C LEU G 99 9.54 -24.16 -9.76
N GLY G 100 10.65 -23.44 -9.77
CA GLY G 100 10.79 -22.23 -8.98
C GLY G 100 9.92 -21.07 -9.45
N TYR G 101 9.67 -20.98 -10.77
CA TYR G 101 8.78 -19.95 -11.31
C TYR G 101 7.37 -20.28 -10.90
N ALA G 102 7.07 -21.57 -10.84
CA ALA G 102 5.77 -22.03 -10.36
C ALA G 102 5.61 -21.74 -8.87
N LEU G 103 6.70 -21.84 -8.11
CA LEU G 103 6.67 -21.48 -6.68
C LEU G 103 6.30 -20.02 -6.46
N SER G 104 6.78 -19.18 -7.36
CA SER G 104 6.58 -17.73 -7.26
C SER G 104 5.15 -17.36 -7.61
N GLN G 105 4.53 -18.18 -8.45
CA GLN G 105 3.19 -17.91 -8.96
C GLN G 105 2.06 -18.61 -8.17
N GLY G 106 2.41 -19.25 -7.06
CA GLY G 106 1.43 -19.87 -6.19
C GLY G 106 0.70 -21.05 -6.83
N LYS G 107 1.44 -21.83 -7.62
CA LYS G 107 0.87 -23.00 -8.26
C LYS G 107 1.30 -24.24 -7.49
N TYR G 108 0.57 -25.32 -7.72
CA TYR G 108 0.88 -26.61 -7.10
C TYR G 108 1.96 -27.30 -7.94
N VAL G 109 3.09 -27.57 -7.30
CA VAL G 109 4.26 -28.15 -7.98
C VAL G 109 4.25 -29.66 -7.79
N LEU G 110 3.97 -30.39 -8.88
CA LEU G 110 3.98 -31.86 -8.90
C LEU G 110 5.11 -32.40 -9.77
N LEU G 111 5.91 -33.29 -9.19
CA LEU G 111 6.99 -33.99 -9.90
C LEU G 111 6.60 -35.42 -10.19
N VAL G 112 6.75 -35.82 -11.45
CA VAL G 112 6.44 -37.19 -11.87
C VAL G 112 7.71 -37.84 -12.38
N ILE G 113 8.14 -38.90 -11.70
CA ILE G 113 9.29 -39.69 -12.10
C ILE G 113 8.81 -41.10 -12.50
N PRO G 114 9.35 -41.64 -13.61
CA PRO G 114 9.06 -43.03 -13.98
C PRO G 114 9.32 -44.02 -12.83
N ASP G 115 8.51 -45.08 -12.76
CA ASP G 115 8.64 -46.07 -11.68
C ASP G 115 9.99 -46.77 -11.77
N GLU G 116 10.54 -46.81 -12.98
CA GLU G 116 11.83 -47.43 -13.27
C GLU G 116 12.97 -46.64 -12.64
N ASP G 117 12.85 -45.31 -12.66
CA ASP G 117 13.87 -44.41 -12.10
C ASP G 117 13.49 -43.85 -10.73
N TYR G 118 12.31 -44.19 -10.20
CA TYR G 118 11.87 -43.67 -8.89
C TYR G 118 12.72 -44.23 -7.75
N GLY G 119 13.27 -43.34 -6.94
CA GLY G 119 14.19 -43.71 -5.86
C GLY G 119 15.55 -43.09 -6.04
N LYS G 120 15.98 -42.95 -7.31
CA LYS G 120 17.23 -42.28 -7.66
C LYS G 120 17.28 -40.85 -7.12
N PRO G 121 18.49 -40.36 -6.80
CA PRO G 121 18.62 -39.03 -6.17
C PRO G 121 18.04 -37.88 -7.00
N ILE G 122 17.31 -36.98 -6.35
CA ILE G 122 16.97 -35.69 -6.94
C ILE G 122 17.67 -34.58 -6.17
N SER G 123 17.74 -33.41 -6.80
CA SER G 123 18.33 -32.21 -6.23
C SER G 123 17.65 -31.81 -4.92
N LEU G 124 18.43 -31.29 -3.98
CA LEU G 124 17.90 -30.78 -2.71
C LEU G 124 16.83 -29.72 -2.96
N MET G 125 16.99 -28.97 -4.05
CA MET G 125 16.10 -27.85 -4.35
C MET G 125 14.80 -28.27 -5.01
N SER G 126 14.88 -29.19 -5.97
CA SER G 126 13.67 -29.79 -6.52
C SER G 126 12.94 -30.58 -5.42
N TRP G 127 13.70 -31.05 -4.44
CA TRP G 127 13.14 -31.75 -3.28
C TRP G 127 12.30 -30.81 -2.44
N GLY G 128 12.88 -29.68 -2.04
CA GLY G 128 12.23 -28.73 -1.13
C GLY G 128 11.14 -27.89 -1.78
N VAL G 129 11.26 -27.62 -3.08
CA VAL G 129 10.29 -26.79 -3.80
C VAL G 129 9.00 -27.54 -4.05
N SER G 130 9.09 -28.83 -4.34
CA SER G 130 7.92 -29.62 -4.71
C SER G 130 6.98 -29.84 -3.53
N ASP G 131 5.70 -29.92 -3.84
CA ASP G 131 4.66 -30.22 -2.87
C ASP G 131 4.45 -31.72 -2.77
N ASN G 132 4.62 -32.39 -3.91
CA ASN G 132 4.46 -33.83 -4.00
C ASN G 132 5.31 -34.38 -5.15
N VAL G 133 5.83 -35.59 -4.94
CA VAL G 133 6.58 -36.33 -5.95
C VAL G 133 6.01 -37.75 -6.06
N ILE G 134 5.63 -38.16 -7.28
CA ILE G 134 4.91 -39.44 -7.48
C ILE G 134 5.45 -40.30 -8.62
N LYS G 135 4.99 -41.55 -8.66
CA LYS G 135 5.30 -42.50 -9.73
C LYS G 135 4.41 -42.24 -10.95
N MET G 136 4.95 -42.49 -12.14
CA MET G 136 4.22 -42.27 -13.40
C MET G 136 2.88 -43.02 -13.43
N SER G 137 2.86 -44.24 -12.88
CA SER G 137 1.64 -45.06 -12.87
C SER G 137 0.55 -44.47 -11.97
N GLN G 138 0.96 -43.76 -10.92
CA GLN G 138 0.04 -43.08 -9.99
C GLN G 138 -0.60 -41.82 -10.58
N LEU G 139 -0.15 -41.41 -11.77
CA LEU G 139 -0.57 -40.12 -12.33
C LEU G 139 -2.02 -40.17 -12.77
N LYS G 140 -2.40 -41.23 -13.48
CA LYS G 140 -3.79 -41.35 -13.93
C LYS G 140 -4.79 -41.29 -12.77
N ASP G 141 -4.39 -41.77 -11.59
CA ASP G 141 -5.27 -41.83 -10.41
C ASP G 141 -4.99 -40.77 -9.33
N PHE G 142 -4.37 -39.67 -9.73
CA PHE G 142 -4.09 -38.55 -8.83
C PHE G 142 -5.30 -37.60 -8.79
N ASN G 143 -5.74 -37.24 -7.59
CA ASN G 143 -6.81 -36.26 -7.45
C ASN G 143 -6.24 -34.84 -7.40
N PHE G 144 -6.35 -34.13 -8.51
CA PHE G 144 -5.88 -32.74 -8.61
C PHE G 144 -6.88 -31.71 -8.07
N ASN G 145 -8.10 -32.14 -7.77
CA ASN G 145 -9.10 -31.28 -7.11
C ASN G 145 -8.94 -31.27 -5.60
N LYS G 146 -8.09 -32.18 -5.09
CA LYS G 146 -7.74 -32.24 -3.68
C LYS G 146 -6.25 -32.59 -3.60
N PRO G 147 -5.38 -31.63 -3.96
CA PRO G 147 -3.95 -31.84 -3.95
C PRO G 147 -3.31 -31.48 -2.61
N ARG G 148 -2.51 -32.38 -2.04
CA ARG G 148 -1.89 -32.17 -0.74
C ARG G 148 -0.36 -32.33 -0.81
N PHE G 149 0.31 -32.11 0.32
CA PHE G 149 1.75 -32.15 0.37
C PHE G 149 2.26 -33.48 0.90
N ASP G 150 3.28 -34.03 0.23
CA ASP G 150 3.98 -35.21 0.73
C ASP G 150 5.43 -35.25 0.20
N PHE G 151 6.29 -36.02 0.87
CA PHE G 151 7.72 -36.07 0.53
C PHE G 151 8.04 -37.04 -0.61
N TYR G 152 9.20 -36.82 -1.22
CA TYR G 152 9.85 -37.83 -2.06
C TYR G 152 10.60 -38.75 -1.09
N GLU G 153 10.47 -40.05 -1.30
CA GLU G 153 11.12 -41.02 -0.42
C GLU G 153 12.45 -41.49 -0.98
N GLY G 154 12.92 -40.85 -2.05
CA GLY G 154 14.24 -41.10 -2.59
C GLY G 154 15.32 -40.23 -1.95
N ALA G 155 16.53 -40.29 -2.51
CA ALA G 155 17.67 -39.58 -1.95
C ALA G 155 17.68 -38.10 -2.33
N VAL G 156 18.62 -37.38 -1.72
CA VAL G 156 18.87 -35.97 -2.00
C VAL G 156 20.34 -35.74 -2.35
N TYR G 157 20.57 -34.82 -3.29
CA TYR G 157 21.93 -34.38 -3.61
C TYR G 157 21.89 -32.86 -3.91
N PRO H 2 31.10 0.79 -2.37
CA PRO H 2 30.04 -0.19 -2.23
C PRO H 2 30.43 -1.60 -2.71
N LYS H 3 30.11 -2.58 -1.87
CA LYS H 3 30.30 -3.99 -2.19
C LYS H 3 28.95 -4.68 -2.17
N LYS H 4 28.81 -5.76 -2.91
CA LYS H 4 27.60 -6.58 -2.89
C LYS H 4 27.90 -7.96 -2.29
N THR H 5 26.90 -8.58 -1.67
CA THR H 5 27.06 -9.95 -1.21
C THR H 5 26.37 -10.88 -2.19
N ILE H 6 26.86 -12.12 -2.26
CA ILE H 6 26.33 -13.11 -3.19
C ILE H 6 25.83 -14.38 -2.48
N TYR H 7 25.02 -15.15 -3.21
CA TYR H 7 24.77 -16.55 -2.90
C TYR H 7 25.61 -17.34 -3.91
N PHE H 8 26.49 -18.18 -3.41
CA PHE H 8 27.43 -18.88 -4.26
C PHE H 8 26.75 -20.14 -4.77
N GLY H 9 26.08 -20.01 -5.92
CA GLY H 9 25.30 -21.11 -6.46
C GLY H 9 26.09 -22.00 -7.38
N ALA H 10 26.95 -22.83 -6.78
CA ALA H 10 27.87 -23.72 -7.54
C ALA H 10 27.88 -25.15 -6.99
N GLY H 11 27.84 -26.11 -7.90
CA GLY H 11 27.90 -27.50 -7.54
C GLY H 11 29.31 -27.93 -7.19
N TRP H 12 29.42 -29.02 -6.46
CA TRP H 12 30.70 -29.54 -6.00
C TRP H 12 30.73 -31.04 -6.24
N ARG H 13 30.02 -31.48 -7.28
CA ARG H 13 29.69 -32.88 -7.46
C ARG H 13 30.70 -33.56 -8.38
N THR H 14 31.04 -32.91 -9.49
CA THR H 14 31.97 -33.43 -10.49
C THR H 14 33.32 -32.70 -10.45
N ASP H 15 34.30 -33.25 -11.15
CA ASP H 15 35.62 -32.61 -11.25
C ASP H 15 35.50 -31.24 -11.91
N ARG H 16 34.73 -31.18 -12.98
CA ARG H 16 34.53 -29.94 -13.72
C ARG H 16 33.84 -28.87 -12.88
N GLN H 17 32.86 -29.29 -12.08
CA GLN H 17 32.18 -28.39 -11.17
C GLN H 17 33.13 -27.86 -10.12
N ASN H 18 33.95 -28.75 -9.56
CA ASN H 18 34.99 -28.37 -8.59
C ASN H 18 36.04 -27.41 -9.14
N LYS H 19 36.44 -27.62 -10.38
CA LYS H 19 37.32 -26.69 -11.06
C LYS H 19 36.63 -25.34 -11.13
N ALA H 20 35.40 -25.34 -11.63
CA ALA H 20 34.58 -24.14 -11.75
C ALA H 20 34.38 -23.46 -10.40
N TYR H 21 34.10 -24.25 -9.37
CA TYR H 21 33.89 -23.75 -8.00
C TYR H 21 35.12 -22.99 -7.51
N LYS H 22 36.27 -23.67 -7.48
CA LYS H 22 37.54 -23.04 -7.10
C LYS H 22 37.83 -21.75 -7.89
N GLU H 23 37.61 -21.82 -9.20
CA GLU H 23 37.87 -20.69 -10.10
C GLU H 23 37.01 -19.47 -9.82
N ALA H 24 35.72 -19.68 -9.53
CA ALA H 24 34.78 -18.58 -9.28
C ALA H 24 35.08 -17.93 -7.94
N MET H 25 35.25 -18.78 -6.93
CA MET H 25 35.67 -18.35 -5.61
C MET H 25 36.93 -17.49 -5.71
N GLU H 26 37.87 -17.86 -6.57
CA GLU H 26 39.09 -17.06 -6.67
C GLU H 26 38.87 -15.74 -7.42
N ALA H 27 37.93 -15.71 -8.35
CA ALA H 27 37.62 -14.47 -9.06
C ALA H 27 36.95 -13.48 -8.10
N LEU H 28 36.02 -13.99 -7.31
CA LEU H 28 35.28 -13.16 -6.38
C LEU H 28 36.23 -12.54 -5.33
N LYS H 29 37.22 -13.31 -4.91
CA LYS H 29 38.16 -12.86 -3.87
C LYS H 29 38.98 -11.66 -4.33
N GLU H 30 39.20 -11.52 -5.63
CA GLU H 30 39.94 -10.37 -6.18
C GLU H 30 39.03 -9.33 -6.87
N ASN H 31 37.70 -9.50 -6.79
CA ASN H 31 36.74 -8.50 -7.29
C ASN H 31 36.33 -7.53 -6.17
N PRO H 32 36.73 -6.24 -6.28
CA PRO H 32 36.50 -5.33 -5.16
C PRO H 32 35.05 -4.83 -5.06
N THR H 33 34.19 -5.22 -5.99
CA THR H 33 32.76 -4.95 -5.84
C THR H 33 32.01 -6.04 -5.04
N ILE H 34 32.71 -7.11 -4.63
CA ILE H 34 32.08 -8.21 -3.85
C ILE H 34 32.61 -8.27 -2.44
N ASP H 35 31.75 -8.63 -1.50
CA ASP H 35 32.13 -8.89 -0.12
C ASP H 35 31.88 -10.35 0.19
N LEU H 36 32.94 -11.13 0.14
CA LEU H 36 32.82 -12.57 0.24
C LEU H 36 32.55 -12.99 1.67
N GLU H 37 33.16 -12.30 2.63
CA GLU H 37 33.02 -12.67 4.03
C GLU H 37 31.57 -12.70 4.47
N ASN H 38 30.77 -11.76 4.00
CA ASN H 38 29.35 -11.70 4.35
C ASN H 38 28.45 -12.22 3.25
N SER H 39 29.01 -13.03 2.35
CA SER H 39 28.21 -13.74 1.37
C SER H 39 27.87 -15.10 1.95
N TYR H 40 26.88 -15.77 1.35
CA TYR H 40 26.43 -17.09 1.79
C TYR H 40 27.01 -18.12 0.84
N VAL H 41 27.95 -18.93 1.34
CA VAL H 41 28.52 -20.03 0.55
C VAL H 41 27.96 -21.34 1.09
N PRO H 42 27.12 -22.04 0.29
CA PRO H 42 26.39 -23.23 0.74
C PRO H 42 27.17 -24.25 1.54
N LEU H 43 28.31 -24.67 1.00
CA LEU H 43 29.13 -25.68 1.67
C LEU H 43 29.52 -25.29 3.09
N ASP H 44 29.58 -23.99 3.39
CA ASP H 44 29.84 -23.52 4.75
C ASP H 44 28.59 -23.38 5.64
N ASN H 45 27.40 -23.61 5.10
CA ASN H 45 26.15 -23.42 5.86
C ASN H 45 25.18 -24.61 5.72
N GLN H 46 25.74 -25.80 5.60
CA GLN H 46 24.96 -27.01 5.50
C GLN H 46 24.42 -27.34 6.90
N TYR H 47 23.29 -28.04 6.99
CA TYR H 47 22.63 -28.22 8.28
C TYR H 47 23.50 -28.95 9.30
N LYS H 48 23.63 -28.34 10.47
CA LYS H 48 24.44 -28.87 11.59
C LYS H 48 25.93 -28.79 11.28
N GLY H 49 26.30 -28.01 10.27
CA GLY H 49 27.66 -27.99 9.76
C GLY H 49 28.09 -29.24 8.98
N ILE H 50 27.16 -30.17 8.77
CA ILE H 50 27.49 -31.47 8.23
C ILE H 50 27.29 -31.54 6.73
N ARG H 51 28.29 -32.09 6.05
CA ARG H 51 28.31 -32.14 4.61
C ARG H 51 28.04 -33.55 4.18
N VAL H 52 26.92 -33.74 3.46
CA VAL H 52 26.51 -35.07 2.94
C VAL H 52 27.67 -35.92 2.41
N ASP H 53 28.63 -35.31 1.72
CA ASP H 53 29.79 -36.04 1.16
C ASP H 53 30.62 -36.78 2.21
N GLU H 54 30.94 -36.13 3.33
CA GLU H 54 31.69 -36.76 4.44
C GLU H 54 30.81 -37.71 5.28
N HIS H 55 29.51 -37.45 5.34
CA HIS H 55 28.58 -38.17 6.20
C HIS H 55 27.33 -38.61 5.44
N PRO H 56 27.47 -39.59 4.51
CA PRO H 56 26.37 -40.05 3.64
C PRO H 56 25.07 -40.54 4.32
N GLU H 57 25.08 -40.66 5.65
CA GLU H 57 23.90 -41.08 6.42
C GLU H 57 22.74 -40.12 6.23
N TYR H 58 23.10 -38.86 5.99
CA TYR H 58 22.14 -37.76 5.92
C TYR H 58 21.41 -37.65 4.57
N LEU H 59 21.69 -38.56 3.62
CA LEU H 59 21.10 -38.46 2.27
C LEU H 59 19.57 -38.61 2.22
N HIS H 60 19.02 -39.53 3.02
CA HIS H 60 17.57 -39.71 3.13
C HIS H 60 16.95 -38.93 4.30
N ASP H 61 17.79 -38.42 5.20
CA ASP H 61 17.33 -37.64 6.36
C ASP H 61 16.55 -36.42 5.85
N LYS H 62 15.30 -36.29 6.31
CA LYS H 62 14.39 -35.23 5.87
C LYS H 62 14.54 -33.95 6.70
N VAL H 63 14.91 -34.10 7.98
CA VAL H 63 15.18 -32.94 8.84
C VAL H 63 16.36 -32.18 8.29
N TRP H 64 17.45 -32.89 8.04
CA TRP H 64 18.65 -32.29 7.44
C TRP H 64 18.34 -31.58 6.12
N ALA H 65 17.56 -32.22 5.26
CA ALA H 65 17.22 -31.66 3.96
C ALA H 65 16.39 -30.37 4.07
N THR H 66 15.35 -30.40 4.90
CA THR H 66 14.52 -29.23 5.17
C THR H 66 15.39 -28.07 5.65
N ALA H 67 16.10 -28.27 6.76
CA ALA H 67 16.97 -27.23 7.34
C ALA H 67 17.97 -26.67 6.34
N THR H 68 18.59 -27.55 5.57
CA THR H 68 19.62 -27.13 4.62
C THR H 68 18.97 -26.33 3.48
N TYR H 69 17.81 -26.81 3.02
CA TYR H 69 17.01 -26.11 2.03
C TYR H 69 16.62 -24.71 2.53
N ASN H 70 16.06 -24.65 3.73
CA ASN H 70 15.62 -23.38 4.32
C ASN H 70 16.78 -22.39 4.40
N ASN H 71 17.94 -22.88 4.82
CA ASN H 71 19.09 -22.02 5.03
C ASN H 71 19.57 -21.52 3.71
N ASP H 72 19.51 -22.39 2.70
CA ASP H 72 19.93 -22.01 1.36
C ASP H 72 18.98 -20.96 0.83
N LEU H 73 17.68 -21.23 0.91
CA LEU H 73 16.69 -20.23 0.51
C LEU H 73 16.98 -18.94 1.25
N ASN H 74 17.13 -19.03 2.56
CA ASN H 74 17.51 -17.85 3.35
C ASN H 74 18.79 -17.17 2.85
N GLY H 75 19.72 -17.95 2.31
CA GLY H 75 20.93 -17.41 1.73
C GLY H 75 20.72 -16.60 0.47
N ILE H 76 19.77 -17.03 -0.36
CA ILE H 76 19.44 -16.28 -1.57
C ILE H 76 18.74 -14.98 -1.17
N LYS H 77 17.74 -15.07 -0.31
CA LYS H 77 16.92 -13.88 -0.03
C LYS H 77 17.65 -12.80 0.77
N THR H 78 18.71 -13.12 1.51
CA THR H 78 19.40 -12.14 2.36
C THR H 78 20.68 -11.61 1.70
N ASN H 79 20.86 -11.87 0.42
CA ASN H 79 22.02 -11.39 -0.31
C ASN H 79 21.61 -10.67 -1.60
N ASP H 80 22.50 -9.88 -2.16
CA ASP H 80 22.16 -9.00 -3.29
C ASP H 80 22.12 -9.72 -4.62
N ILE H 81 23.10 -10.59 -4.85
CA ILE H 81 23.28 -11.19 -6.17
C ILE H 81 23.16 -12.69 -6.06
N MET H 82 22.41 -13.29 -6.97
CA MET H 82 22.46 -14.74 -7.12
C MET H 82 23.51 -15.03 -8.18
N LEU H 83 24.57 -15.75 -7.80
CA LEU H 83 25.62 -16.16 -8.72
C LEU H 83 25.45 -17.65 -8.97
N GLY H 84 25.43 -18.03 -10.24
CA GLY H 84 25.23 -19.41 -10.65
C GLY H 84 26.33 -19.91 -11.56
N VAL H 85 27.13 -20.84 -11.06
CA VAL H 85 28.18 -21.44 -11.85
C VAL H 85 27.56 -22.59 -12.64
N TYR H 86 27.51 -22.44 -13.96
CA TYR H 86 26.81 -23.34 -14.85
C TYR H 86 27.81 -24.15 -15.66
N ILE H 87 27.81 -25.47 -15.47
CA ILE H 87 28.54 -26.40 -16.34
C ILE H 87 27.49 -26.99 -17.29
N PRO H 88 27.37 -26.42 -18.51
CA PRO H 88 26.21 -26.74 -19.35
C PRO H 88 25.92 -28.22 -19.56
N ASP H 89 26.95 -29.01 -19.88
CA ASP H 89 26.72 -30.39 -20.28
C ASP H 89 26.25 -31.30 -19.13
N GLU H 90 26.40 -30.87 -17.87
CA GLU H 90 26.18 -31.77 -16.73
C GLU H 90 25.52 -31.16 -15.49
N GLN H 91 24.85 -30.02 -15.66
CA GLN H 91 24.19 -29.35 -14.54
C GLN H 91 22.76 -29.88 -14.43
N GLY H 92 22.25 -29.99 -13.20
CA GLY H 92 20.91 -30.53 -12.95
C GLY H 92 19.94 -29.53 -12.33
N THR H 93 18.65 -29.82 -12.41
CA THR H 93 17.57 -28.99 -11.84
C THR H 93 18.02 -27.96 -10.79
N GLY H 94 18.72 -28.43 -9.75
CA GLY H 94 19.15 -27.63 -8.59
C GLY H 94 19.58 -26.19 -8.81
N LEU H 95 20.41 -25.96 -9.83
CA LEU H 95 20.77 -24.59 -10.20
C LEU H 95 19.54 -23.90 -10.71
N GLY H 96 18.78 -24.61 -11.55
CA GLY H 96 17.60 -24.06 -12.20
C GLY H 96 16.58 -23.51 -11.22
N MET H 97 16.41 -24.23 -10.10
CA MET H 97 15.48 -23.81 -9.06
C MET H 97 16.03 -22.55 -8.41
N GLU H 98 17.27 -22.60 -7.95
CA GLU H 98 17.91 -21.47 -7.32
C GLU H 98 17.75 -20.21 -8.16
N LEU H 99 17.86 -20.36 -9.49
CA LEU H 99 17.68 -19.24 -10.42
C LEU H 99 16.24 -18.74 -10.42
N GLY H 100 15.30 -19.67 -10.28
CA GLY H 100 13.88 -19.33 -10.16
C GLY H 100 13.57 -18.58 -8.87
N TYR H 101 14.09 -19.10 -7.77
CA TYR H 101 13.88 -18.45 -6.46
C TYR H 101 14.48 -17.04 -6.41
N ALA H 102 15.72 -16.89 -6.86
CA ALA H 102 16.37 -15.58 -6.88
C ALA H 102 15.56 -14.59 -7.71
N LEU H 103 15.11 -15.02 -8.88
CA LEU H 103 14.30 -14.18 -9.75
C LEU H 103 13.04 -13.72 -9.04
N SER H 104 12.41 -14.62 -8.29
CA SER H 104 11.19 -14.28 -7.55
C SER H 104 11.45 -13.36 -6.38
N GLN H 105 12.67 -13.34 -5.88
CA GLN H 105 13.02 -12.48 -4.76
C GLN H 105 13.62 -11.16 -5.20
N GLY H 106 13.51 -10.83 -6.49
CA GLY H 106 14.07 -9.59 -7.02
C GLY H 106 15.58 -9.49 -7.00
N LYS H 107 16.27 -10.63 -7.06
CA LYS H 107 17.73 -10.63 -7.04
C LYS H 107 18.30 -10.68 -8.46
N TYR H 108 19.42 -10.00 -8.67
CA TYR H 108 20.12 -10.05 -9.95
C TYR H 108 20.69 -11.44 -10.17
N VAL H 109 20.30 -12.07 -11.28
CA VAL H 109 20.67 -13.46 -11.53
C VAL H 109 21.78 -13.54 -12.59
N LEU H 110 23.00 -13.79 -12.14
CA LEU H 110 24.18 -13.86 -13.02
C LEU H 110 24.68 -15.30 -13.17
N LEU H 111 24.60 -15.83 -14.39
CA LEU H 111 25.24 -17.09 -14.75
C LEU H 111 26.66 -16.87 -15.23
N VAL H 112 27.62 -17.49 -14.55
CA VAL H 112 29.00 -17.54 -15.01
C VAL H 112 29.24 -18.92 -15.62
N ILE H 113 29.85 -18.97 -16.81
CA ILE H 113 30.21 -20.26 -17.47
C ILE H 113 31.72 -20.34 -17.73
N PRO H 114 32.36 -21.48 -17.43
CA PRO H 114 33.78 -21.57 -17.73
C PRO H 114 34.05 -21.25 -19.19
N ASP H 115 35.09 -20.45 -19.45
CA ASP H 115 35.41 -20.01 -20.82
C ASP H 115 35.35 -21.17 -21.81
N GLU H 116 36.01 -22.28 -21.45
CA GLU H 116 36.10 -23.48 -22.29
C GLU H 116 34.74 -24.11 -22.61
N ASP H 117 33.69 -23.65 -21.93
CA ASP H 117 32.33 -24.11 -22.21
C ASP H 117 31.43 -23.01 -22.76
N TYR H 118 31.93 -21.78 -22.86
CA TYR H 118 31.07 -20.66 -23.30
C TYR H 118 30.75 -20.78 -24.79
N GLY H 119 29.47 -20.90 -25.09
CA GLY H 119 28.98 -21.13 -26.44
C GLY H 119 28.11 -22.36 -26.53
N LYS H 120 28.29 -23.26 -25.56
CA LYS H 120 27.50 -24.50 -25.49
C LYS H 120 26.05 -24.22 -25.10
N PRO H 121 25.11 -25.07 -25.56
CA PRO H 121 23.69 -24.97 -25.24
C PRO H 121 23.31 -24.97 -23.76
N ILE H 122 22.71 -23.88 -23.31
CA ILE H 122 22.04 -23.80 -22.00
C ILE H 122 20.55 -23.92 -22.25
N SER H 123 19.81 -24.25 -21.19
CA SER H 123 18.36 -24.43 -21.33
C SER H 123 17.70 -23.08 -21.53
N LEU H 124 16.72 -23.05 -22.44
CA LEU H 124 15.98 -21.84 -22.77
C LEU H 124 15.52 -21.04 -21.54
N MET H 125 15.08 -21.75 -20.50
CA MET H 125 14.68 -21.10 -19.26
C MET H 125 15.86 -20.38 -18.57
N SER H 126 17.01 -21.03 -18.50
CA SER H 126 18.24 -20.39 -17.98
C SER H 126 18.54 -19.13 -18.80
N TRP H 127 18.27 -19.25 -20.10
CA TRP H 127 18.53 -18.17 -21.02
C TRP H 127 17.68 -16.96 -20.66
N GLY H 128 16.37 -17.18 -20.51
CA GLY H 128 15.40 -16.12 -20.19
C GLY H 128 15.40 -15.63 -18.74
N VAL H 129 15.44 -16.54 -17.76
CA VAL H 129 15.48 -16.14 -16.34
C VAL H 129 16.71 -15.28 -15.97
N SER H 130 17.85 -15.54 -16.57
CA SER H 130 19.08 -14.86 -16.22
C SER H 130 19.11 -13.42 -16.69
N ASP H 131 19.65 -12.55 -15.84
CA ASP H 131 19.81 -11.16 -16.20
C ASP H 131 21.05 -10.96 -17.05
N ASN H 132 22.03 -11.85 -16.91
CA ASN H 132 23.26 -11.78 -17.69
C ASN H 132 23.98 -13.12 -17.65
N VAL H 133 24.83 -13.35 -18.64
CA VAL H 133 25.66 -14.56 -18.70
C VAL H 133 27.05 -14.17 -19.14
N ILE H 134 28.01 -14.37 -18.26
CA ILE H 134 29.39 -14.05 -18.55
C ILE H 134 30.24 -15.31 -18.50
N LYS H 135 31.47 -15.20 -18.95
CA LYS H 135 32.47 -16.26 -18.79
C LYS H 135 33.34 -16.02 -17.56
N MET H 136 33.88 -17.09 -17.02
CA MET H 136 34.73 -17.05 -15.83
C MET H 136 35.78 -15.96 -15.92
N SER H 137 36.40 -15.79 -17.09
CA SER H 137 37.47 -14.80 -17.26
C SER H 137 37.02 -13.35 -16.99
N GLN H 138 35.71 -13.11 -16.86
CA GLN H 138 35.17 -11.76 -16.67
C GLN H 138 34.67 -11.50 -15.25
N LEU H 139 34.55 -12.56 -14.44
CA LEU H 139 33.99 -12.48 -13.09
C LEU H 139 34.80 -11.51 -12.24
N LYS H 140 36.13 -11.60 -12.32
CA LYS H 140 36.99 -10.81 -11.42
C LYS H 140 36.81 -9.30 -11.60
N ASP H 141 36.42 -8.87 -12.80
CA ASP H 141 36.29 -7.45 -13.10
C ASP H 141 34.85 -7.05 -13.40
N PHE H 142 33.91 -7.98 -13.17
CA PHE H 142 32.50 -7.68 -13.37
C PHE H 142 32.06 -6.73 -12.29
N ASN H 143 31.50 -5.59 -12.69
CA ASN H 143 31.02 -4.61 -11.74
C ASN H 143 29.65 -4.98 -11.22
N PHE H 144 29.62 -5.49 -10.00
CA PHE H 144 28.38 -5.87 -9.36
C PHE H 144 27.62 -4.68 -8.81
N ASN H 145 28.26 -3.49 -8.76
CA ASN H 145 27.54 -2.28 -8.37
C ASN H 145 26.70 -1.69 -9.50
N LYS H 146 26.98 -2.08 -10.73
CA LYS H 146 26.25 -1.66 -11.92
C LYS H 146 25.89 -2.89 -12.72
N PRO H 147 25.03 -3.75 -12.16
CA PRO H 147 24.67 -4.98 -12.84
C PRO H 147 23.65 -4.71 -13.92
N ARG H 148 23.99 -5.05 -15.15
CA ARG H 148 23.10 -4.77 -16.28
C ARG H 148 22.69 -6.03 -17.02
N PHE H 149 21.66 -5.89 -17.85
CA PHE H 149 21.18 -7.00 -18.66
C PHE H 149 22.00 -7.23 -19.93
N ASP H 150 22.23 -8.49 -20.26
CA ASP H 150 22.81 -8.83 -21.55
C ASP H 150 22.45 -10.27 -21.92
N PHE H 151 22.38 -10.52 -23.21
CA PHE H 151 22.06 -11.84 -23.72
C PHE H 151 23.21 -12.83 -23.58
N TYR H 152 22.87 -14.11 -23.43
CA TYR H 152 23.81 -15.18 -23.71
C TYR H 152 23.89 -15.30 -25.22
N GLU H 153 25.11 -15.28 -25.71
CA GLU H 153 25.34 -15.22 -27.12
C GLU H 153 25.52 -16.64 -27.65
N GLY H 154 25.45 -17.63 -26.76
CA GLY H 154 25.48 -19.05 -27.16
C GLY H 154 24.08 -19.56 -27.47
N ALA H 155 24.02 -20.80 -27.95
CA ALA H 155 22.76 -21.44 -28.35
C ALA H 155 21.94 -21.86 -27.14
N VAL H 156 20.65 -22.09 -27.40
CA VAL H 156 19.65 -22.49 -26.41
C VAL H 156 19.02 -23.80 -26.85
N TYR H 157 18.70 -24.68 -25.90
CA TYR H 157 17.96 -25.92 -26.23
C TYR H 157 16.63 -25.91 -25.48
S SO4 I . -9.55 58.29 -0.34
O1 SO4 I . -10.68 58.08 0.57
O2 SO4 I . -8.33 58.25 0.46
O3 SO4 I . -9.46 57.22 -1.32
O4 SO4 I . -9.70 59.56 -1.03
S SO4 J . -19.92 34.69 13.69
O1 SO4 J . -20.63 33.92 12.67
O2 SO4 J . -18.53 34.86 13.24
O3 SO4 J . -20.62 35.96 13.90
O4 SO4 J . -19.94 33.99 14.96
O1 PG4 K . 4.86 33.18 8.28
C1 PG4 K . 3.79 32.89 9.19
C2 PG4 K . 2.98 31.70 8.67
O2 PG4 K . 2.71 30.85 9.78
C3 PG4 K . 1.34 30.57 10.06
C4 PG4 K . 0.87 31.42 11.22
O3 PG4 K . -0.17 30.70 11.87
C5 PG4 K . -1.49 31.17 11.60
C6 PG4 K . -2.53 30.11 11.96
O4 PG4 K . -2.59 29.08 10.95
C7 PG4 K . -3.91 28.53 10.72
C8 PG4 K . -3.95 27.05 11.10
O5 PG4 K . -5.18 26.71 11.76
S SO4 L . -17.69 16.52 36.66
O1 SO4 L . -18.03 15.14 36.98
O2 SO4 L . -17.00 16.58 35.38
O3 SO4 L . -18.93 17.31 36.63
O4 SO4 L . -16.83 17.08 37.69
O1 PG4 M . -19.91 12.60 6.90
C1 PG4 M . -20.31 13.51 5.86
C2 PG4 M . -19.33 14.67 5.80
O2 PG4 M . -19.43 15.40 4.56
C3 PG4 M . -18.78 14.74 3.48
C4 PG4 M . -17.77 15.67 2.83
O3 PG4 M . -16.82 14.87 2.11
C5 PG4 M . -15.53 15.47 2.00
C6 PG4 M . -14.80 15.30 3.32
O4 PG4 M . -13.39 15.11 3.10
C7 PG4 M . -12.60 15.36 4.26
C8 PG4 M . -12.75 14.20 5.28
O5 PG4 M . -13.23 14.66 6.55
S SO4 N . -21.87 -12.53 -20.36
O1 SO4 N . -20.46 -12.37 -20.74
O2 SO4 N . -21.91 -12.72 -18.91
O3 SO4 N . -22.66 -11.34 -20.73
O4 SO4 N . -22.43 -13.69 -21.04
S SO4 O . -5.34 6.80 -17.06
O1 SO4 O . -4.77 7.56 -15.94
O2 SO4 O . -6.65 7.36 -17.40
O3 SO4 O . -4.47 6.90 -18.23
O4 SO4 O . -5.42 5.38 -16.71
S SO4 P . 27.13 10.68 -6.08
O1 SO4 P . 26.81 12.10 -6.19
O2 SO4 P . 26.13 10.10 -5.19
O3 SO4 P . 27.07 10.01 -7.39
O4 SO4 P . 28.46 10.48 -5.51
S SO4 Q . 5.58 8.20 -19.73
O1 SO4 Q . 5.67 9.61 -19.34
O2 SO4 Q . 4.77 8.09 -20.95
O3 SO4 Q . 6.90 7.64 -20.01
O4 SO4 Q . 4.95 7.48 -18.62
O1 PG4 R . 0.69 26.06 -7.31
C1 PG4 R . 0.14 24.81 -6.91
C2 PG4 R . -0.82 24.25 -7.98
O2 PG4 R . -2.20 24.40 -7.61
C3 PG4 R . -2.79 23.25 -7.01
C4 PG4 R . -3.91 23.65 -6.04
O3 PG4 R . -3.55 23.26 -4.70
C5 PG4 R . -4.51 22.44 -4.01
C6 PG4 R . -3.91 21.70 -2.81
O4 PG4 R . -2.73 22.33 -2.27
C7 PG4 R . -1.50 21.59 -2.34
C8 PG4 R . -0.73 21.72 -1.03
O5 PG4 R . 0.45 22.53 -1.20
O1 PG4 S . -8.42 -2.24 5.22
C1 PG4 S . -7.91 -1.56 4.06
C2 PG4 S . -7.03 -0.37 4.43
O2 PG4 S . -5.67 -0.71 4.11
C3 PG4 S . -4.88 0.36 3.60
C4 PG4 S . -4.28 -0.07 2.25
O3 PG4 S . -4.51 0.98 1.30
C5 PG4 S . -3.59 1.00 0.20
C6 PG4 S . -3.10 2.43 0.01
O4 PG4 S . -3.89 3.36 0.78
C7 PG4 S . -3.78 4.72 0.31
C8 PG4 S . -2.47 5.39 0.75
O5 PG4 S . -2.01 6.35 -0.22
S SO4 T . -21.22 -28.21 -1.22
O1 SO4 T . -20.98 -26.79 -1.05
O2 SO4 T . -20.17 -28.73 -2.10
O3 SO4 T . -21.19 -28.87 0.07
O4 SO4 T . -22.54 -28.49 -1.79
S SO4 U . 22.75 2.98 16.57
O1 SO4 U . 24.11 3.34 16.96
O2 SO4 U . 22.50 1.58 16.87
O3 SO4 U . 21.79 3.81 17.30
O4 SO4 U . 22.54 3.24 15.13
S SO4 V . -0.12 -8.48 18.91
O1 SO4 V . -0.45 -8.66 20.32
O2 SO4 V . -1.31 -7.97 18.21
O3 SO4 V . 0.97 -7.51 18.81
O4 SO4 V . 0.32 -9.73 18.30
O1 PG4 W . 14.19 -19.22 32.19
C1 PG4 W . 13.65 -20.38 32.86
C2 PG4 W . 13.95 -21.65 32.07
O2 PG4 W . 12.75 -22.37 31.79
C3 PG4 W . 12.06 -21.92 30.62
C4 PG4 W . 10.75 -22.69 30.44
O3 PG4 W . 10.86 -23.69 29.40
C5 PG4 W . 10.39 -24.98 29.78
C6 PG4 W . 10.69 -26.06 28.72
O4 PG4 W . 12.02 -25.95 28.17
C7 PG4 W . 12.44 -27.07 27.41
C8 PG4 W . 12.84 -26.72 25.96
O5 PG4 W . 14.16 -26.15 25.88
O1 PG4 X . 10.24 -31.17 0.65
C1 PG4 X . 9.57 -30.01 1.18
C2 PG4 X . 10.28 -29.41 2.39
O2 PG4 X . 9.86 -28.06 2.57
C3 PG4 X . 10.56 -27.37 3.60
C4 PG4 X . 9.76 -26.15 4.05
O3 PG4 X . 10.36 -25.56 5.21
C5 PG4 X . 9.89 -26.01 6.49
C6 PG4 X . 10.00 -24.84 7.44
O4 PG4 X . 10.60 -25.18 8.69
C7 PG4 X . 10.49 -24.07 9.58
C8 PG4 X . 11.25 -24.27 10.89
O5 PG4 X . 11.84 -23.03 11.30
S SO4 Y . -9.19 -33.89 -21.91
O1 SO4 Y . -8.23 -34.56 -21.04
O2 SO4 Y . -8.88 -32.48 -22.03
O3 SO4 Y . -9.17 -34.50 -23.23
O4 SO4 Y . -10.51 -34.04 -21.33
S SO4 Z . 15.82 -29.78 -19.06
O1 SO4 Z . 16.41 -29.08 -17.94
O2 SO4 Z . 16.00 -29.00 -20.27
O3 SO4 Z . 16.47 -31.08 -19.22
O4 SO4 Z . 14.40 -29.95 -18.79
S SO4 AA . 36.44 -10.20 0.92
O1 SO4 AA . 37.08 -8.92 1.15
O2 SO4 AA . 35.66 -10.17 -0.34
O3 SO4 AA . 37.46 -11.25 0.77
O4 SO4 AA . 35.58 -10.53 2.06
S SO4 BA . 22.74 -29.24 -9.86
O1 SO4 BA . 23.49 -29.05 -8.61
O2 SO4 BA . 22.26 -27.91 -10.22
O3 SO4 BA . 23.63 -29.73 -10.91
O4 SO4 BA . 21.65 -30.19 -9.64
#